data_8EEU
#
_entry.id   8EEU
#
_cell.length_a   1.00
_cell.length_b   1.00
_cell.length_c   1.00
_cell.angle_alpha   90.00
_cell.angle_beta   90.00
_cell.angle_gamma   90.00
#
_symmetry.space_group_name_H-M   'P 1'
#
loop_
_entity.id
_entity.type
_entity.pdbx_description
1 polymer 'Coat protein'
2 polymer 'Fab SKT05 heavy chain'
3 polymer 'Fab SKT05 light chain'
#
loop_
_entity_poly.entity_id
_entity_poly.type
_entity_poly.pdbx_seq_one_letter_code
_entity_poly.pdbx_strand_id
1 'polypeptide(L)'
;MFPFQPMYPMQPMPYRNPFAAPRRPWFPRTDPFLAMQVQELTRSMANLTFKQRRDAPPEGPSAKKPKKEASQKQKGGGQG
KKKKNQGKKKAKTGPPNPKAQNGNKKKTNKKPGKRQRMVMKLESDKTFPIMLEGKINGYACVVGGKLFRPMHVEGKIDND
VLAALKTKKASKYDLEYADVPQNMRADTFKYTHEKPQGYYSWHHGAVQYENGRFTVPKGVGAKGDSGRPILDNQGRVVAI
VLGGVNEGSRTALSVVMWNEKGVTVKYTPENCEQWSLVTTMCLLANVTFPCAQPPICYDRKPAETLAMLSVNVDNPGYDE
LLEAAVKCPGRKRRSTEELFNEYKLTRPYMARCIRCAVGSCHSPIAIEAVKSDGHDGYVRLQTSSQYGLDSSGNLKGRTM
RYDMHGTIKEIPLHQVSLYTSRPCHIVDGHGYFLLARCPAGDSITMEFKKDSVRHSCSVPYEVKFNPVGRELYTHPPEHG
VEQACQVYAHDAQNRGAYVEMHLPGSEVDSSLVSLSGSSVTVTPPDGTSALVECECGGTKISETINKTKQFSQCTKKEQC
RAYRLQNDKWVYNSDKLPKAAGATLKGKLHVPFLLADGKCTVPLAPEPMITFGFRSVSLKLHPKNPTYLITRQLADEPHY
THELISEPAVRNFTVTEKGWEFVWGNHPPKRFWAQETAPGNPHGLPHEVITHYYHRYPMSTILGLSICAAIATVSVAAST
WLFCRSRVACLTPYRLTPNARIPFCLAVLCCARTARAETTWESLDHLWNNNQQMFWIQLLIPLAALIVVTRLLRCVCCVV
PFLVMAGAAAPAYEHATTMPSQAGISYNTIVNRAGYAPLPISITPTKIKLIPTVNLEYVTCHYKTGMDSPAIKCCGSQEC
TPTYRPDEQCKVFTGVYPFMWGGAYCFCDTENTQVSKAYVMKSDDCLADHAEAYKAHTASVQAFLNITVGEHSIVTTVYV
NGETPVNFNGVKITAGPLSTAWTPFDRKIVQYAGEIYNYDFPEYGAGQPGAFGDIQSRTVSSSDLYANTNLVLQRPKAGA
IHVPYTQAPSGFEQWKKDKAPSLKFTAPFGCEIYTNPIRAENCAVGSIPLAFDIPDALFTRVSETPTLSAAECTLNECVY
SSDFGGIATVKYSASKSGKCAVHVPSGTATLKEAAVELTEQGSATIHFSTANIHPEFRLQICTSYVTCKGDCHPPKDHIV
THPQYHAQTFTAAVSKTAWTWLTSLLGGSAVIIIIGLVLATIVAMYVLTNQKHN
;
A,B,C,D,E,F
2 'polypeptide(L)'
;EVQLVESGAGLVQPGGSLRLSCAASGFTFSDSWMSWVRQSPGKGLEWVGRIKGKPDGETAAYAASVKGRFSISRDDSKNT
LYLQMNSLKTEDTAVYYCTRDDRTSCRRGVCYAAFHSWGQGVLVTVSSASTKGPSVFPLAPSSRSTSESTAALGCLVKDY
FPEPVTVSWNSGSLTSGVHTFPAVLQSSGLYSLSSVVTVPSSSLGTQTYVCNVNHKPSNTKVDKRVEIKTCGGLEVLFQ
;
H
3 'polypeptide(L)'
;DIQMTQSPSSLSASAGDRVTLTCRASQAISFYLAWYQQKPGKAPKRLIYDASELQGGVPSRFSGSGSGTDFTLSINSLQP
EDSATYFCLQYDSPPFTFGPGTKVEIKRTVAAPSVFIFPPSEDQVKSGTVSVVCLLNNFYPREASVKWKVDGALKTGNSQ
ESVTEQDSKDNTYSLSSTLTLSSTEYQSHKVYACEVTHQGLSSPVTKSFNRGEC
;
L
#
# COMPACT_ATOMS: atom_id res chain seq x y z
N TYR A 813 -61.71 -16.03 41.09
CA TYR A 813 -61.67 -16.74 39.79
C TYR A 813 -60.37 -16.43 39.09
N GLU A 814 -59.90 -17.41 38.33
CA GLU A 814 -58.66 -17.34 37.58
C GLU A 814 -58.98 -17.33 36.10
N HIS A 815 -58.27 -16.47 35.36
CA HIS A 815 -58.50 -16.28 33.93
C HIS A 815 -57.14 -16.22 33.26
N ALA A 816 -56.67 -17.38 32.84
CA ALA A 816 -55.40 -17.43 32.14
C ALA A 816 -55.57 -16.88 30.73
N THR A 817 -54.46 -16.48 30.15
CA THR A 817 -54.46 -15.90 28.82
C THR A 817 -53.04 -15.92 28.31
N THR A 818 -52.80 -15.21 27.22
CA THR A 818 -51.49 -15.17 26.61
C THR A 818 -51.35 -13.85 25.87
N MET A 819 -50.18 -13.66 25.26
CA MET A 819 -49.84 -12.39 24.70
C MET A 819 -48.65 -12.53 23.76
N PRO A 820 -48.55 -11.70 22.72
CA PRO A 820 -47.32 -11.69 21.94
C PRO A 820 -46.18 -11.05 22.70
N SER A 821 -44.99 -11.61 22.52
CA SER A 821 -43.80 -11.11 23.21
C SER A 821 -43.15 -10.00 22.39
N GLN A 822 -43.92 -8.93 22.19
CA GLN A 822 -43.52 -7.80 21.39
C GLN A 822 -43.68 -6.54 22.22
N ALA A 823 -42.64 -5.73 22.26
CA ALA A 823 -42.60 -4.54 23.09
C ALA A 823 -43.10 -3.34 22.32
N GLY A 824 -43.99 -2.59 22.95
CA GLY A 824 -44.51 -1.35 22.42
C GLY A 824 -45.96 -1.40 22.02
N ILE A 825 -46.63 -2.52 22.25
CA ILE A 825 -48.01 -2.71 21.84
C ILE A 825 -48.80 -3.35 22.96
N SER A 826 -49.89 -2.70 23.32
CA SER A 826 -50.72 -3.14 24.41
C SER A 826 -51.48 -4.41 24.03
N TYR A 827 -51.88 -5.14 25.07
CA TYR A 827 -52.80 -6.25 24.95
C TYR A 827 -53.88 -6.06 25.99
N ASN A 828 -55.12 -6.24 25.59
CA ASN A 828 -56.27 -5.94 26.41
C ASN A 828 -57.22 -7.12 26.37
N THR A 829 -57.81 -7.42 27.52
CA THR A 829 -58.80 -8.47 27.60
C THR A 829 -59.82 -8.12 28.68
N ILE A 830 -61.02 -8.71 28.55
CA ILE A 830 -62.06 -8.62 29.55
C ILE A 830 -62.11 -9.93 30.31
N VAL A 831 -62.79 -9.90 31.45
CA VAL A 831 -62.95 -11.07 32.30
C VAL A 831 -64.38 -11.04 32.85
N ASN A 832 -65.24 -11.89 32.30
CA ASN A 832 -66.62 -12.04 32.74
C ASN A 832 -66.71 -13.35 33.49
N ARG A 833 -67.45 -13.36 34.60
CA ARG A 833 -67.53 -14.59 35.39
C ARG A 833 -68.79 -15.36 34.99
N ALA A 834 -69.96 -14.83 35.32
CA ALA A 834 -71.20 -15.33 34.76
C ALA A 834 -72.09 -14.18 34.31
N GLY A 835 -72.34 -13.27 35.23
CA GLY A 835 -73.22 -12.15 35.03
C GLY A 835 -72.84 -10.90 35.77
N TYR A 836 -71.70 -10.92 36.45
CA TYR A 836 -71.21 -9.72 37.12
C TYR A 836 -70.55 -8.84 36.08
N ALA A 837 -70.07 -7.69 36.50
CA ALA A 837 -69.62 -6.70 35.55
C ALA A 837 -68.27 -7.09 34.98
N PRO A 838 -67.89 -6.54 33.84
CA PRO A 838 -66.57 -6.85 33.31
C PRO A 838 -65.47 -6.32 34.19
N LEU A 839 -64.26 -6.70 33.86
CA LEU A 839 -63.08 -6.37 34.64
C LEU A 839 -61.92 -6.30 33.67
N PRO A 840 -61.55 -5.13 33.16
CA PRO A 840 -60.55 -5.09 32.10
C PRO A 840 -59.15 -5.35 32.64
N ILE A 841 -58.34 -5.95 31.79
CA ILE A 841 -56.93 -6.18 32.06
C ILE A 841 -56.16 -5.69 30.86
N SER A 842 -55.30 -4.71 31.07
CA SER A 842 -54.44 -4.15 30.04
C SER A 842 -52.99 -4.33 30.44
N ILE A 843 -52.16 -4.69 29.47
CA ILE A 843 -50.73 -4.87 29.69
C ILE A 843 -50.01 -4.20 28.53
N THR A 844 -49.12 -3.28 28.85
CA THR A 844 -48.40 -2.49 27.85
C THR A 844 -46.91 -2.78 27.97
N PRO A 845 -46.44 -3.89 27.42
CA PRO A 845 -45.03 -4.23 27.58
C PRO A 845 -44.13 -3.24 26.83
N THR A 846 -43.32 -2.52 27.59
CA THR A 846 -42.34 -1.60 27.04
C THR A 846 -41.01 -2.26 26.75
N LYS A 847 -40.67 -3.33 27.44
CA LYS A 847 -39.33 -3.88 27.36
C LYS A 847 -39.31 -5.33 27.83
N ILE A 848 -38.58 -6.17 27.11
CA ILE A 848 -38.44 -7.58 27.43
C ILE A 848 -36.98 -7.93 27.26
N LYS A 849 -36.32 -8.26 28.38
CA LYS A 849 -34.90 -8.53 28.41
C LYS A 849 -34.63 -10.03 28.31
N LEU A 850 -33.35 -10.36 28.11
CA LEU A 850 -32.92 -11.75 27.99
C LEU A 850 -31.48 -11.83 28.47
N ILE A 851 -31.30 -12.21 29.74
CA ILE A 851 -30.05 -12.00 30.45
C ILE A 851 -29.41 -13.34 30.76
N PRO A 852 -28.58 -13.87 29.87
CA PRO A 852 -27.97 -15.17 30.15
C PRO A 852 -26.95 -15.11 31.26
N THR A 853 -26.58 -16.30 31.74
CA THR A 853 -25.59 -16.42 32.78
C THR A 853 -24.22 -16.48 32.16
N VAL A 854 -23.26 -15.83 32.80
CA VAL A 854 -21.98 -15.52 32.18
C VAL A 854 -20.87 -15.79 33.18
N ASN A 855 -19.94 -16.64 32.79
CA ASN A 855 -18.75 -16.95 33.56
C ASN A 855 -17.53 -16.66 32.70
N LEU A 856 -16.75 -15.68 33.12
CA LEU A 856 -15.59 -15.25 32.38
C LEU A 856 -14.57 -16.37 32.34
N GLU A 857 -14.12 -16.72 31.15
CA GLU A 857 -13.06 -17.70 31.01
C GLU A 857 -11.70 -17.01 31.04
N TYR A 858 -11.55 -15.97 30.25
CA TYR A 858 -10.31 -15.22 30.21
C TYR A 858 -10.52 -13.90 29.49
N VAL A 859 -9.45 -13.12 29.45
CA VAL A 859 -9.39 -11.87 28.72
C VAL A 859 -8.18 -11.91 27.82
N THR A 860 -8.22 -11.09 26.79
CA THR A 860 -7.08 -10.94 25.91
C THR A 860 -6.99 -9.50 25.44
N CYS A 861 -5.76 -9.10 25.16
CA CYS A 861 -5.44 -7.76 24.73
C CYS A 861 -4.09 -7.80 24.05
N HIS A 862 -3.68 -6.65 23.52
CA HIS A 862 -2.42 -6.54 22.82
C HIS A 862 -1.27 -6.91 23.73
N TYR A 863 -0.34 -7.69 23.19
CA TYR A 863 0.87 -8.04 23.90
C TYR A 863 1.97 -7.03 23.64
N LYS A 864 3.00 -7.10 24.47
CA LYS A 864 4.18 -6.27 24.39
C LYS A 864 5.38 -7.16 24.65
N THR A 865 6.26 -7.24 23.65
CA THR A 865 7.47 -8.02 23.78
C THR A 865 8.44 -7.25 24.65
N GLY A 866 8.64 -7.74 25.86
CA GLY A 866 9.64 -7.18 26.72
C GLY A 866 10.99 -7.83 26.48
N MET A 867 12.04 -7.02 26.58
CA MET A 867 13.39 -7.43 26.27
C MET A 867 14.31 -6.99 27.38
N ASP A 868 14.83 -7.94 28.13
CA ASP A 868 15.85 -7.65 29.12
C ASP A 868 17.07 -7.04 28.46
N SER A 869 17.76 -6.21 29.23
CA SER A 869 18.92 -5.54 28.71
C SER A 869 20.06 -6.55 28.55
N PRO A 870 20.80 -6.51 27.44
CA PRO A 870 21.86 -7.51 27.25
C PRO A 870 22.98 -7.45 28.28
N ALA A 871 23.50 -8.64 28.59
CA ALA A 871 24.69 -8.81 29.40
C ALA A 871 25.82 -9.22 28.47
N ILE A 872 26.74 -8.29 28.24
CA ILE A 872 27.90 -8.52 27.41
C ILE A 872 29.10 -8.74 28.32
N LYS A 873 29.75 -9.87 28.15
CA LYS A 873 30.95 -10.22 28.91
C LYS A 873 32.13 -10.18 27.96
N CYS A 874 33.21 -9.55 28.39
CA CYS A 874 34.34 -9.31 27.53
C CYS A 874 35.37 -10.40 27.72
N CYS A 875 35.58 -11.18 26.67
CA CYS A 875 36.69 -12.12 26.60
C CYS A 875 36.51 -13.21 27.65
N GLY A 876 35.25 -13.59 27.86
CA GLY A 876 34.92 -14.69 28.76
C GLY A 876 33.66 -15.40 28.32
N SER A 877 32.83 -15.77 29.30
CA SER A 877 31.66 -16.58 29.02
C SER A 877 30.52 -16.18 29.95
N GLN A 878 29.34 -16.71 29.67
CA GLN A 878 28.15 -16.45 30.45
C GLN A 878 27.23 -17.65 30.42
N GLU A 879 26.37 -17.70 31.42
CA GLU A 879 25.37 -18.74 31.59
C GLU A 879 24.01 -18.06 31.70
N CYS A 880 23.03 -18.57 30.97
CA CYS A 880 21.68 -18.05 31.13
C CYS A 880 21.16 -18.45 32.49
N THR A 881 19.92 -18.04 32.78
CA THR A 881 19.34 -18.42 34.04
C THR A 881 17.84 -18.33 33.80
N PRO A 882 17.03 -19.17 34.45
CA PRO A 882 15.58 -19.10 34.18
C PRO A 882 14.96 -17.92 34.90
N THR A 883 13.92 -17.37 34.30
CA THR A 883 13.04 -16.39 34.93
C THR A 883 11.64 -16.67 34.41
N TYR A 884 10.83 -17.35 35.20
CA TYR A 884 9.64 -18.03 34.70
C TYR A 884 8.59 -17.00 34.30
N ARG A 885 8.86 -16.34 33.18
CA ARG A 885 7.99 -15.37 32.57
C ARG A 885 7.31 -15.96 31.34
N PRO A 886 6.29 -15.29 30.81
CA PRO A 886 5.61 -15.81 29.63
C PRO A 886 6.52 -15.89 28.41
N ASP A 887 6.55 -17.08 27.81
CA ASP A 887 7.28 -17.33 26.57
C ASP A 887 8.74 -16.91 26.71
N GLU A 888 9.35 -17.26 27.83
CA GLU A 888 10.68 -16.78 28.16
C GLU A 888 11.69 -17.50 27.30
N GLN A 889 12.02 -16.90 26.17
CA GLN A 889 13.15 -17.31 25.38
C GLN A 889 14.42 -16.78 26.01
N CYS A 890 15.48 -17.57 25.94
CA CYS A 890 16.82 -17.12 26.27
C CYS A 890 17.80 -17.73 25.28
N LYS A 891 18.82 -16.97 24.93
CA LYS A 891 19.90 -17.47 24.10
C LYS A 891 21.18 -16.72 24.42
N VAL A 892 22.22 -17.50 24.66
CA VAL A 892 23.58 -16.98 24.74
C VAL A 892 24.21 -17.05 23.36
N PHE A 893 25.07 -16.09 23.11
CA PHE A 893 25.65 -15.82 21.81
C PHE A 893 27.15 -15.64 22.02
N THR A 894 27.91 -15.85 20.95
CA THR A 894 29.37 -15.75 20.99
C THR A 894 29.89 -15.31 19.64
N GLY A 895 30.66 -14.23 19.65
CA GLY A 895 31.29 -13.70 18.47
C GLY A 895 30.85 -12.29 18.14
N VAL A 896 30.53 -11.52 19.17
CA VAL A 896 29.98 -10.18 18.99
C VAL A 896 31.06 -9.15 19.26
N TYR A 897 31.10 -8.11 18.42
CA TYR A 897 32.01 -6.98 18.54
C TYR A 897 31.18 -5.71 18.40
N PRO A 898 30.48 -5.31 19.45
CA PRO A 898 29.49 -4.23 19.33
C PRO A 898 30.04 -2.84 19.60
N PHE A 899 29.20 -1.86 19.27
CA PHE A 899 29.52 -0.45 19.40
C PHE A 899 28.52 0.22 20.33
N MET A 900 29.03 1.13 21.13
CA MET A 900 28.26 2.16 21.80
C MET A 900 28.77 3.50 21.26
N TRP A 901 28.28 4.59 21.84
CA TRP A 901 28.76 5.90 21.41
C TRP A 901 30.24 6.08 21.68
N GLY A 902 30.73 5.50 22.77
CA GLY A 902 32.12 5.67 23.16
C GLY A 902 33.00 4.59 22.60
N GLY A 903 32.79 4.28 21.34
CA GLY A 903 33.53 3.24 20.69
C GLY A 903 33.16 1.86 21.18
N ALA A 904 34.01 0.91 20.80
CA ALA A 904 33.78 -0.49 21.07
C ALA A 904 33.73 -0.78 22.56
N TYR A 905 33.05 -1.87 22.90
CA TYR A 905 32.78 -2.23 24.29
C TYR A 905 33.81 -3.23 24.79
N CYS A 906 33.94 -4.36 24.10
CA CYS A 906 34.94 -5.36 24.39
C CYS A 906 36.07 -5.25 23.38
N PHE A 907 37.17 -5.98 23.62
CA PHE A 907 38.37 -5.87 22.80
C PHE A 907 38.76 -7.19 22.17
N CYS A 908 38.57 -8.30 22.88
CA CYS A 908 38.82 -9.60 22.29
C CYS A 908 37.86 -9.83 21.12
N ASP A 909 38.43 -10.19 19.97
CA ASP A 909 37.65 -10.36 18.77
C ASP A 909 36.60 -11.45 18.93
N THR A 910 37.04 -12.68 19.08
CA THR A 910 36.20 -13.76 19.56
C THR A 910 36.12 -13.67 21.08
N GLU A 911 35.57 -14.68 21.72
CA GLU A 911 35.47 -14.81 23.17
C GLU A 911 34.56 -13.77 23.81
N ASN A 912 33.82 -13.00 23.01
CA ASN A 912 32.80 -12.13 23.55
C ASN A 912 31.49 -12.92 23.64
N THR A 913 30.54 -12.38 24.40
CA THR A 913 29.34 -13.12 24.72
C THR A 913 28.17 -12.15 24.80
N GLN A 914 26.98 -12.61 24.45
CA GLN A 914 25.80 -11.78 24.56
C GLN A 914 24.60 -12.65 24.95
N VAL A 915 23.68 -12.07 25.70
CA VAL A 915 22.50 -12.77 26.20
C VAL A 915 21.26 -12.03 25.71
N SER A 916 20.39 -12.77 25.05
CA SER A 916 19.12 -12.25 24.57
C SER A 916 18.00 -12.99 25.28
N LYS A 917 17.24 -12.24 26.07
CA LYS A 917 16.08 -12.76 26.76
C LYS A 917 14.91 -11.87 26.41
N ALA A 918 13.89 -12.46 25.81
CA ALA A 918 12.69 -11.76 25.40
C ALA A 918 11.48 -12.55 25.85
N TYR A 919 10.57 -11.87 26.54
CA TYR A 919 9.35 -12.45 27.06
C TYR A 919 8.18 -11.59 26.62
N VAL A 920 7.00 -11.94 27.08
CA VAL A 920 5.76 -11.32 26.66
C VAL A 920 5.02 -10.84 27.89
N MET A 921 4.53 -9.61 27.84
CA MET A 921 3.64 -9.09 28.87
C MET A 921 2.44 -8.46 28.19
N LYS A 922 1.45 -8.10 28.99
CA LYS A 922 0.23 -7.51 28.46
C LYS A 922 0.32 -6.00 28.50
N SER A 923 -0.30 -5.38 27.51
CA SER A 923 -0.13 -3.97 27.24
C SER A 923 -0.64 -3.12 28.39
N ASP A 924 -0.09 -1.92 28.48
CA ASP A 924 -0.42 -0.99 29.53
C ASP A 924 -1.85 -0.50 29.45
N ASP A 925 -2.45 -0.55 28.27
CA ASP A 925 -3.82 -0.13 28.03
C ASP A 925 -4.81 -1.26 28.22
N CYS A 926 -4.36 -2.42 28.69
CA CYS A 926 -5.22 -3.61 28.73
C CYS A 926 -6.38 -3.43 29.69
N LEU A 927 -6.25 -2.56 30.68
CA LEU A 927 -7.35 -2.30 31.59
C LEU A 927 -8.55 -1.71 30.86
N ALA A 928 -8.33 -1.04 29.73
CA ALA A 928 -9.37 -0.33 29.02
C ALA A 928 -9.75 -0.97 27.69
N ASP A 929 -8.82 -1.65 27.04
CA ASP A 929 -9.04 -2.32 25.75
C ASP A 929 -8.70 -3.78 25.92
N HIS A 930 -9.67 -4.57 26.36
CA HIS A 930 -9.49 -6.00 26.47
C HIS A 930 -10.80 -6.70 26.18
N ALA A 931 -10.72 -7.70 25.32
CA ALA A 931 -11.87 -8.50 24.97
C ALA A 931 -12.02 -9.65 25.95
N GLU A 932 -13.28 -10.00 26.20
CA GLU A 932 -13.65 -10.90 27.29
C GLU A 932 -14.33 -12.13 26.72
N ALA A 933 -13.73 -13.30 26.92
CA ALA A 933 -14.34 -14.55 26.51
C ALA A 933 -15.31 -15.03 27.58
N TYR A 934 -16.56 -15.26 27.18
CA TYR A 934 -17.64 -15.66 28.05
C TYR A 934 -18.21 -16.98 27.58
N LYS A 935 -18.67 -17.80 28.53
CA LYS A 935 -19.55 -18.91 28.24
C LYS A 935 -20.92 -18.61 28.83
N ALA A 936 -21.98 -19.08 28.18
CA ALA A 936 -23.32 -18.72 28.61
C ALA A 936 -24.38 -19.62 28.03
N HIS A 937 -25.21 -20.21 28.90
CA HIS A 937 -26.53 -20.69 28.47
C HIS A 937 -27.43 -20.79 29.71
N THR A 938 -28.30 -19.80 29.88
CA THR A 938 -29.40 -19.92 30.82
C THR A 938 -30.72 -19.39 30.30
N ALA A 939 -30.68 -18.26 29.61
CA ALA A 939 -31.87 -17.62 29.06
C ALA A 939 -32.89 -17.29 30.16
N SER A 940 -32.47 -16.36 31.01
CA SER A 940 -33.32 -15.79 32.05
C SER A 940 -34.02 -14.56 31.50
N VAL A 941 -35.30 -14.72 31.19
CA VAL A 941 -36.06 -13.66 30.54
C VAL A 941 -36.66 -12.75 31.60
N GLN A 942 -36.84 -11.49 31.27
CA GLN A 942 -37.30 -10.46 32.18
C GLN A 942 -38.00 -9.39 31.38
N ALA A 943 -38.86 -8.61 32.02
CA ALA A 943 -39.67 -7.66 31.27
C ALA A 943 -40.23 -6.55 32.14
N PHE A 944 -40.14 -5.32 31.67
CA PHE A 944 -40.80 -4.18 32.28
C PHE A 944 -42.21 -4.10 31.75
N LEU A 945 -43.19 -3.92 32.65
CA LEU A 945 -44.59 -3.98 32.30
C LEU A 945 -45.39 -2.89 33.00
N ASN A 946 -46.33 -2.30 32.25
CA ASN A 946 -47.16 -1.17 32.68
C ASN A 946 -48.59 -1.67 32.69
N ILE A 947 -48.98 -2.29 33.81
CA ILE A 947 -50.15 -3.16 33.88
C ILE A 947 -51.29 -2.41 34.53
N THR A 948 -52.52 -2.75 34.15
CA THR A 948 -53.74 -2.19 34.73
C THR A 948 -54.76 -3.30 34.89
N VAL A 949 -55.16 -3.57 36.13
CA VAL A 949 -56.13 -4.62 36.44
C VAL A 949 -57.17 -3.98 37.36
N GLY A 950 -58.19 -3.39 36.76
CA GLY A 950 -59.27 -2.78 37.51
C GLY A 950 -58.94 -1.42 38.10
N GLU A 951 -58.57 -0.49 37.24
CA GLU A 951 -58.24 0.88 37.65
C GLU A 951 -57.12 0.90 38.68
N HIS A 952 -56.07 0.14 38.40
CA HIS A 952 -54.85 0.14 39.21
C HIS A 952 -53.69 -0.09 38.24
N SER A 953 -53.11 1.00 37.77
CA SER A 953 -52.34 1.05 36.53
C SER A 953 -50.85 1.09 36.82
N ILE A 954 -50.42 0.28 37.78
CA ILE A 954 -49.06 0.36 38.32
C ILE A 954 -48.07 -0.40 37.44
N VAL A 955 -46.80 -0.04 37.58
CA VAL A 955 -45.71 -0.62 36.80
C VAL A 955 -45.02 -1.67 37.65
N THR A 956 -44.45 -2.68 36.99
CA THR A 956 -43.63 -3.68 37.64
C THR A 956 -42.52 -4.14 36.71
N THR A 957 -41.66 -4.98 37.25
CA THR A 957 -40.60 -5.67 36.53
C THR A 957 -40.76 -7.16 36.81
N VAL A 958 -41.19 -7.90 35.80
CA VAL A 958 -41.62 -9.29 35.95
C VAL A 958 -40.57 -10.22 35.39
N TYR A 959 -40.59 -11.46 35.86
CA TYR A 959 -39.60 -12.48 35.56
C TYR A 959 -40.36 -13.68 35.03
N VAL A 960 -40.31 -13.89 33.73
CA VAL A 960 -41.11 -14.94 33.10
C VAL A 960 -40.32 -16.24 33.21
N ASN A 961 -40.46 -16.88 34.35
CA ASN A 961 -40.09 -18.27 34.57
C ASN A 961 -41.27 -19.11 35.01
N GLY A 962 -42.07 -18.61 35.94
CA GLY A 962 -43.25 -19.30 36.46
C GLY A 962 -43.32 -19.30 37.97
N GLU A 963 -42.62 -18.38 38.62
CA GLU A 963 -42.53 -18.33 40.08
C GLU A 963 -43.01 -17.01 40.66
N THR A 964 -42.52 -15.90 40.15
CA THR A 964 -42.57 -14.61 40.83
C THR A 964 -43.99 -14.16 41.15
N PRO A 965 -44.45 -14.23 42.41
CA PRO A 965 -45.85 -13.87 42.67
C PRO A 965 -46.06 -12.37 42.86
N VAL A 966 -46.12 -11.66 41.74
CA VAL A 966 -46.46 -10.24 41.76
C VAL A 966 -47.86 -10.08 42.33
N ASN A 967 -48.00 -9.18 43.30
CA ASN A 967 -49.26 -9.01 44.01
C ASN A 967 -49.62 -7.53 44.00
N PHE A 968 -50.67 -7.18 43.26
CA PHE A 968 -51.09 -5.78 43.16
C PHE A 968 -51.94 -5.39 44.36
N ASN A 969 -53.15 -5.95 44.41
CA ASN A 969 -54.10 -5.69 45.47
C ASN A 969 -54.91 -6.95 45.78
N GLY A 970 -54.38 -8.10 45.42
CA GLY A 970 -55.08 -9.38 45.54
C GLY A 970 -54.91 -10.27 44.32
N VAL A 971 -54.14 -9.86 43.31
CA VAL A 971 -54.02 -10.57 42.05
C VAL A 971 -52.62 -11.15 41.98
N LYS A 972 -52.55 -12.48 41.94
CA LYS A 972 -51.28 -13.19 41.96
C LYS A 972 -50.89 -13.51 40.52
N ILE A 973 -50.18 -12.58 39.91
CA ILE A 973 -49.66 -12.78 38.56
C ILE A 973 -48.47 -13.73 38.67
N THR A 974 -48.42 -14.71 37.77
CA THR A 974 -47.37 -15.70 37.70
C THR A 974 -47.11 -15.89 36.22
N ALA A 975 -46.22 -15.06 35.68
CA ALA A 975 -46.02 -15.01 34.25
C ALA A 975 -45.06 -16.10 33.80
N GLY A 976 -45.13 -16.38 32.51
CA GLY A 976 -44.24 -17.32 31.89
C GLY A 976 -44.52 -18.74 32.31
N PRO A 977 -43.69 -19.69 31.86
CA PRO A 977 -42.53 -19.47 31.00
C PRO A 977 -42.87 -19.21 29.54
N LEU A 978 -41.85 -18.81 28.78
CA LEU A 978 -42.02 -18.44 27.38
C LEU A 978 -42.05 -19.67 26.50
N SER A 979 -42.64 -19.51 25.32
CA SER A 979 -42.88 -20.64 24.43
C SER A 979 -41.63 -21.09 23.68
N THR A 980 -40.54 -20.34 23.76
CA THR A 980 -39.32 -20.70 23.06
C THR A 980 -38.12 -20.20 23.84
N ALA A 981 -37.12 -21.05 24.01
CA ALA A 981 -35.89 -20.72 24.73
C ALA A 981 -34.81 -20.22 23.80
N TRP A 982 -35.18 -19.56 22.72
CA TRP A 982 -34.21 -19.16 21.73
C TRP A 982 -33.33 -18.04 22.23
N THR A 983 -32.06 -18.34 22.44
CA THR A 983 -31.05 -17.35 22.71
C THR A 983 -30.38 -16.96 21.40
N PRO A 984 -30.07 -15.68 21.19
CA PRO A 984 -29.21 -15.30 20.07
C PRO A 984 -27.72 -15.49 20.34
N PHE A 985 -27.36 -16.17 21.41
CA PHE A 985 -26.01 -16.17 21.94
C PHE A 985 -25.50 -17.60 22.00
N ASP A 986 -24.54 -17.91 21.16
CA ASP A 986 -23.89 -19.22 21.18
C ASP A 986 -23.21 -19.42 22.53
N ARG A 987 -22.85 -20.67 22.79
CA ARG A 987 -22.24 -21.02 24.06
C ARG A 987 -20.90 -20.33 24.28
N LYS A 988 -20.27 -19.84 23.22
CA LYS A 988 -19.01 -19.12 23.29
C LYS A 988 -19.22 -17.72 22.75
N ILE A 989 -18.91 -16.72 23.59
CA ILE A 989 -19.26 -15.33 23.34
C ILE A 989 -18.00 -14.50 23.58
N VAL A 990 -17.87 -13.37 22.89
CA VAL A 990 -16.77 -12.44 23.11
C VAL A 990 -17.35 -11.05 23.22
N GLN A 991 -17.01 -10.36 24.31
CA GLN A 991 -17.34 -8.95 24.48
C GLN A 991 -16.17 -8.08 24.06
N TYR A 992 -16.48 -7.01 23.33
CA TYR A 992 -15.49 -6.01 22.98
C TYR A 992 -16.19 -4.74 22.50
N ALA A 993 -15.71 -3.62 23.01
CA ALA A 993 -16.13 -2.30 22.56
C ALA A 993 -17.64 -2.11 22.68
N GLY A 994 -18.19 -2.57 23.79
CA GLY A 994 -19.62 -2.45 23.99
C GLY A 994 -20.44 -3.24 23.02
N GLU A 995 -19.87 -4.26 22.40
CA GLU A 995 -20.54 -5.13 21.47
C GLU A 995 -20.23 -6.58 21.81
N ILE A 996 -21.02 -7.47 21.24
CA ILE A 996 -20.90 -8.90 21.45
C ILE A 996 -20.69 -9.57 20.10
N TYR A 997 -19.88 -10.62 20.09
CA TYR A 997 -19.51 -11.36 18.91
C TYR A 997 -19.56 -12.85 19.20
N ASN A 998 -20.14 -13.59 18.28
CA ASN A 998 -20.26 -15.04 18.39
C ASN A 998 -19.01 -15.62 17.76
N TYR A 999 -18.11 -16.09 18.62
CA TYR A 999 -16.76 -16.49 18.25
C TYR A 999 -16.39 -17.71 19.07
N ASP A 1000 -15.78 -18.69 18.40
CA ASP A 1000 -15.31 -19.90 19.06
C ASP A 1000 -13.94 -19.61 19.67
N PHE A 1001 -13.96 -19.03 20.86
CA PHE A 1001 -12.71 -18.73 21.51
C PHE A 1001 -12.08 -20.02 22.02
N PRO A 1002 -10.77 -20.21 21.86
CA PRO A 1002 -10.12 -21.38 22.45
C PRO A 1002 -10.07 -21.27 23.95
N GLU A 1003 -9.75 -22.41 24.56
CA GLU A 1003 -9.78 -22.52 26.00
C GLU A 1003 -8.49 -21.95 26.61
N TYR A 1004 -8.55 -21.72 27.91
CA TYR A 1004 -7.37 -21.30 28.64
C TYR A 1004 -6.33 -22.39 28.55
N GLY A 1005 -5.19 -22.06 27.94
CA GLY A 1005 -4.12 -23.00 27.72
C GLY A 1005 -4.10 -23.62 26.35
N ALA A 1006 -5.12 -23.39 25.53
CA ALA A 1006 -5.20 -23.90 24.17
C ALA A 1006 -5.04 -22.78 23.16
N GLY A 1007 -4.22 -21.79 23.49
CA GLY A 1007 -4.06 -20.65 22.63
C GLY A 1007 -3.33 -21.00 21.33
N GLN A 1008 -3.40 -20.08 20.39
CA GLN A 1008 -2.59 -20.13 19.21
C GLN A 1008 -2.14 -18.74 18.80
N PRO A 1009 -1.01 -18.63 18.12
CA PRO A 1009 -0.56 -17.31 17.67
C PRO A 1009 -1.36 -16.81 16.50
N GLY A 1010 -1.42 -15.49 16.39
CA GLY A 1010 -2.11 -14.82 15.33
C GLY A 1010 -3.61 -14.78 15.45
N ALA A 1011 -4.16 -15.36 16.52
CA ALA A 1011 -5.59 -15.49 16.69
C ALA A 1011 -5.99 -15.02 18.09
N PHE A 1012 -7.28 -14.86 18.26
CA PHE A 1012 -7.87 -14.55 19.54
C PHE A 1012 -7.55 -15.68 20.50
N GLY A 1013 -6.62 -15.43 21.42
CA GLY A 1013 -6.21 -16.41 22.40
C GLY A 1013 -4.71 -16.54 22.51
N ASP A 1014 -3.96 -15.72 21.76
CA ASP A 1014 -2.52 -15.70 21.92
C ASP A 1014 -2.10 -15.27 23.30
N ILE A 1015 -2.83 -14.35 23.90
CA ILE A 1015 -2.65 -13.93 25.28
C ILE A 1015 -3.91 -14.29 26.03
N GLN A 1016 -3.78 -15.09 27.07
CA GLN A 1016 -4.91 -15.56 27.86
C GLN A 1016 -4.62 -15.30 29.32
N SER A 1017 -5.43 -14.45 29.93
CA SER A 1017 -5.34 -14.06 31.31
C SER A 1017 -6.69 -14.30 31.96
N ARG A 1018 -6.68 -14.88 33.15
CA ARG A 1018 -7.93 -15.29 33.76
C ARG A 1018 -8.80 -14.10 34.07
N THR A 1019 -8.26 -13.17 34.83
CA THR A 1019 -8.86 -11.88 35.08
C THR A 1019 -7.88 -10.79 34.65
N VAL A 1020 -8.40 -9.58 34.54
CA VAL A 1020 -7.56 -8.41 34.26
C VAL A 1020 -6.53 -8.15 35.34
N SER A 1021 -6.73 -8.67 36.55
CA SER A 1021 -5.86 -8.40 37.69
C SER A 1021 -5.01 -9.60 38.06
N SER A 1022 -4.75 -10.46 37.10
CA SER A 1022 -4.01 -11.69 37.37
C SER A 1022 -2.51 -11.45 37.25
N SER A 1023 -1.77 -12.52 37.46
CA SER A 1023 -0.32 -12.55 37.45
C SER A 1023 0.22 -13.52 36.42
N ASP A 1024 -0.54 -14.56 36.10
CA ASP A 1024 -0.16 -15.55 35.12
C ASP A 1024 -0.88 -15.27 33.82
N LEU A 1025 -0.22 -15.65 32.72
CA LEU A 1025 -0.80 -15.43 31.42
C LEU A 1025 -0.17 -16.39 30.44
N TYR A 1026 -1.03 -17.06 29.68
CA TYR A 1026 -0.60 -17.99 28.64
C TYR A 1026 -0.29 -17.17 27.40
N ALA A 1027 0.95 -17.25 26.95
CA ALA A 1027 1.47 -16.46 25.85
C ALA A 1027 2.17 -17.41 24.91
N ASN A 1028 1.55 -17.64 23.76
CA ASN A 1028 2.15 -18.38 22.65
C ASN A 1028 2.08 -17.43 21.46
N THR A 1029 3.20 -16.77 21.19
CA THR A 1029 3.35 -15.82 20.10
C THR A 1029 4.44 -16.22 19.13
N ASN A 1030 5.11 -17.34 19.36
CA ASN A 1030 6.18 -17.83 18.51
C ASN A 1030 7.36 -16.87 18.52
N LEU A 1031 7.67 -16.36 19.71
CA LEU A 1031 8.83 -15.50 19.89
C LEU A 1031 10.08 -16.32 19.68
N VAL A 1032 10.81 -15.99 18.63
CA VAL A 1032 12.04 -16.67 18.27
C VAL A 1032 13.13 -15.62 18.14
N LEU A 1033 14.04 -15.62 19.11
CA LEU A 1033 15.20 -14.76 19.09
C LEU A 1033 16.02 -15.01 17.83
N GLN A 1034 16.87 -14.04 17.49
CA GLN A 1034 17.71 -14.10 16.32
C GLN A 1034 19.12 -13.60 16.62
N ARG A 1035 20.01 -13.85 15.68
CA ARG A 1035 21.39 -13.41 15.78
C ARG A 1035 21.44 -11.89 15.60
N PRO A 1036 22.13 -11.15 16.46
CA PRO A 1036 22.22 -9.71 16.24
C PRO A 1036 23.25 -9.35 15.20
N LYS A 1037 22.99 -8.24 14.52
CA LYS A 1037 23.89 -7.74 13.51
C LYS A 1037 25.25 -7.42 14.11
N ALA A 1038 26.30 -7.69 13.35
CA ALA A 1038 27.65 -7.41 13.80
C ALA A 1038 27.83 -5.92 13.96
N GLY A 1039 28.09 -5.48 15.18
CA GLY A 1039 28.34 -4.09 15.47
C GLY A 1039 27.10 -3.40 15.99
N ALA A 1040 26.31 -4.11 16.76
CA ALA A 1040 25.10 -3.53 17.31
C ALA A 1040 24.68 -4.27 18.57
N ILE A 1041 24.12 -3.52 19.51
CA ILE A 1041 23.59 -4.05 20.76
C ILE A 1041 22.08 -3.99 20.65
N HIS A 1042 21.46 -5.10 20.28
CA HIS A 1042 20.01 -5.15 20.22
C HIS A 1042 19.58 -6.58 20.46
N VAL A 1043 18.34 -6.70 20.93
CA VAL A 1043 17.72 -7.99 21.19
C VAL A 1043 16.72 -8.26 20.08
N PRO A 1044 17.13 -8.84 18.96
CA PRO A 1044 16.19 -9.05 17.88
C PRO A 1044 15.23 -10.17 18.18
N TYR A 1045 14.04 -10.08 17.60
CA TYR A 1045 13.07 -11.16 17.70
C TYR A 1045 12.23 -11.21 16.44
N THR A 1046 11.61 -12.37 16.26
CA THR A 1046 10.67 -12.65 15.19
C THR A 1046 9.54 -13.45 15.78
N GLN A 1047 8.34 -12.86 15.79
CA GLN A 1047 7.18 -13.51 16.38
C GLN A 1047 5.99 -13.26 15.48
N ALA A 1048 4.87 -13.85 15.88
CA ALA A 1048 3.64 -13.66 15.16
C ALA A 1048 3.00 -12.36 15.60
N PRO A 1049 2.30 -11.69 14.72
CA PRO A 1049 1.65 -10.44 15.14
C PRO A 1049 0.49 -10.66 16.09
N SER A 1050 -0.17 -9.56 16.45
CA SER A 1050 -1.26 -9.60 17.40
C SER A 1050 -2.49 -10.20 16.76
N GLY A 1051 -2.95 -11.31 17.33
CA GLY A 1051 -4.18 -11.91 16.88
C GLY A 1051 -5.37 -11.05 17.24
N PHE A 1052 -5.25 -10.29 18.33
CA PHE A 1052 -6.29 -9.35 18.71
C PHE A 1052 -6.47 -8.29 17.65
N GLU A 1053 -5.37 -7.83 17.07
CA GLU A 1053 -5.47 -6.80 16.04
C GLU A 1053 -6.04 -7.37 14.75
N GLN A 1054 -5.63 -8.58 14.38
CA GLN A 1054 -6.16 -9.19 13.19
C GLN A 1054 -7.66 -9.42 13.33
N TRP A 1055 -8.07 -10.04 14.44
CA TRP A 1055 -9.48 -10.16 14.77
C TRP A 1055 -10.18 -8.83 14.69
N LYS A 1056 -9.53 -7.77 15.15
CA LYS A 1056 -10.15 -6.47 15.13
C LYS A 1056 -10.28 -5.91 13.72
N LYS A 1057 -9.47 -6.41 12.79
CA LYS A 1057 -9.64 -6.04 11.39
C LYS A 1057 -10.81 -6.79 10.77
N ASP A 1058 -10.69 -8.11 10.70
CA ASP A 1058 -11.65 -8.96 10.00
C ASP A 1058 -12.37 -9.81 11.03
N LYS A 1059 -13.42 -9.23 11.57
CA LYS A 1059 -14.40 -9.91 12.39
C LYS A 1059 -15.76 -9.72 11.76
N ALA A 1060 -16.63 -10.71 11.96
CA ALA A 1060 -18.00 -10.57 11.52
C ALA A 1060 -18.61 -9.35 12.21
N PRO A 1061 -19.45 -8.59 11.52
CA PRO A 1061 -20.13 -7.49 12.20
C PRO A 1061 -20.91 -7.95 13.41
N SER A 1062 -21.06 -7.04 14.34
CA SER A 1062 -21.47 -7.42 15.67
C SER A 1062 -22.92 -7.86 15.68
N LEU A 1063 -23.28 -8.55 16.75
CA LEU A 1063 -24.56 -9.19 16.89
C LEU A 1063 -25.67 -8.19 17.15
N LYS A 1064 -25.31 -6.96 17.49
CA LYS A 1064 -26.24 -5.84 17.47
C LYS A 1064 -26.87 -5.65 16.10
N PHE A 1065 -26.17 -6.09 15.05
CA PHE A 1065 -26.58 -5.92 13.68
C PHE A 1065 -26.93 -7.22 12.97
N THR A 1066 -26.68 -8.38 13.59
CA THR A 1066 -26.97 -9.67 12.99
C THR A 1066 -27.94 -10.51 13.81
N ALA A 1067 -28.58 -9.96 14.81
CA ALA A 1067 -29.46 -10.75 15.65
C ALA A 1067 -30.83 -10.89 14.99
N PRO A 1068 -31.29 -12.09 14.68
CA PRO A 1068 -32.64 -12.24 14.14
C PRO A 1068 -33.68 -12.10 15.22
N PHE A 1069 -34.94 -12.24 14.81
CA PHE A 1069 -36.08 -11.99 15.66
C PHE A 1069 -36.00 -10.60 16.30
N GLY A 1070 -35.40 -9.66 15.58
CA GLY A 1070 -35.46 -8.26 15.96
C GLY A 1070 -34.74 -7.90 17.23
N CYS A 1071 -34.00 -8.83 17.82
CA CYS A 1071 -33.28 -8.55 19.04
C CYS A 1071 -32.30 -7.42 18.82
N GLU A 1072 -31.98 -6.75 19.91
CA GLU A 1072 -31.03 -5.66 19.91
C GLU A 1072 -30.29 -5.64 21.23
N ILE A 1073 -28.97 -5.65 21.12
CA ILE A 1073 -28.07 -5.98 22.21
C ILE A 1073 -27.63 -4.70 22.90
N TYR A 1074 -27.27 -4.83 24.16
CA TYR A 1074 -27.03 -3.69 25.02
C TYR A 1074 -25.89 -4.04 25.99
N THR A 1075 -25.70 -3.19 27.00
CA THR A 1075 -24.46 -3.02 27.76
C THR A 1075 -24.27 -4.03 28.88
N ASN A 1076 -23.44 -3.69 29.87
CA ASN A 1076 -22.76 -4.52 30.87
C ASN A 1076 -23.56 -5.73 31.34
N PRO A 1077 -24.80 -5.58 31.75
CA PRO A 1077 -25.62 -6.77 31.90
C PRO A 1077 -25.89 -7.32 30.52
N ILE A 1078 -25.13 -8.34 30.15
CA ILE A 1078 -25.14 -8.88 28.80
C ILE A 1078 -26.54 -9.38 28.52
N ARG A 1079 -27.20 -8.77 27.55
CA ARG A 1079 -28.64 -8.95 27.41
C ARG A 1079 -29.04 -8.72 25.97
N ALA A 1080 -30.34 -8.92 25.72
CA ALA A 1080 -30.92 -8.75 24.39
C ALA A 1080 -32.36 -8.30 24.61
N GLU A 1081 -32.68 -7.12 24.13
CA GLU A 1081 -33.98 -6.51 24.34
C GLU A 1081 -34.78 -6.49 23.06
N ASN A 1082 -36.09 -6.26 23.23
CA ASN A 1082 -37.02 -5.96 22.15
C ASN A 1082 -36.97 -7.04 21.06
N CYS A 1083 -36.89 -8.28 21.52
CA CYS A 1083 -36.94 -9.43 20.64
C CYS A 1083 -38.37 -9.77 20.27
N ALA A 1084 -38.56 -10.19 19.02
CA ALA A 1084 -39.85 -10.66 18.53
C ALA A 1084 -39.80 -12.17 18.40
N VAL A 1085 -40.08 -12.84 19.52
CA VAL A 1085 -40.00 -14.30 19.58
C VAL A 1085 -40.95 -14.79 20.66
N GLY A 1086 -41.75 -15.78 20.31
CA GLY A 1086 -42.51 -16.50 21.30
C GLY A 1086 -43.80 -15.82 21.68
N SER A 1087 -44.61 -16.57 22.41
CA SER A 1087 -45.80 -16.07 23.08
C SER A 1087 -45.66 -16.28 24.58
N ILE A 1088 -46.01 -15.26 25.34
CA ILE A 1088 -45.91 -15.28 26.79
C ILE A 1088 -47.28 -15.67 27.34
N PRO A 1089 -47.39 -16.71 28.15
CA PRO A 1089 -48.65 -16.94 28.85
C PRO A 1089 -48.78 -16.00 30.03
N LEU A 1090 -49.95 -16.08 30.66
CA LEU A 1090 -50.29 -15.28 31.82
C LEU A 1090 -51.33 -16.06 32.61
N ALA A 1091 -51.20 -16.00 33.93
CA ALA A 1091 -52.06 -16.75 34.83
C ALA A 1091 -52.37 -15.86 36.02
N PHE A 1092 -53.61 -15.38 36.08
CA PHE A 1092 -54.02 -14.35 37.02
C PHE A 1092 -55.05 -14.92 37.99
N ASP A 1093 -54.69 -14.97 39.27
CA ASP A 1093 -55.61 -15.37 40.32
C ASP A 1093 -56.32 -14.11 40.83
N ILE A 1094 -57.30 -13.69 40.06
CA ILE A 1094 -58.10 -12.52 40.45
C ILE A 1094 -58.84 -12.85 41.75
N PRO A 1095 -58.93 -11.93 42.71
CA PRO A 1095 -59.58 -12.28 43.97
C PRO A 1095 -61.09 -12.38 43.84
N ASP A 1096 -61.77 -12.43 44.98
CA ASP A 1096 -63.22 -12.32 45.04
C ASP A 1096 -63.69 -10.89 45.09
N ALA A 1097 -62.78 -9.93 45.23
CA ALA A 1097 -63.15 -8.54 45.47
C ALA A 1097 -63.41 -7.76 44.18
N LEU A 1098 -62.42 -7.69 43.30
CA LEU A 1098 -62.46 -6.79 42.17
C LEU A 1098 -63.60 -7.08 41.18
N PHE A 1099 -64.27 -8.21 41.29
CA PHE A 1099 -65.45 -8.48 40.48
C PHE A 1099 -66.56 -7.58 40.98
N THR A 1100 -66.58 -6.36 40.46
CA THR A 1100 -67.59 -5.41 40.88
C THR A 1100 -68.96 -5.88 40.44
N ARG A 1101 -69.95 -5.60 41.28
CA ARG A 1101 -71.33 -5.94 40.98
C ARG A 1101 -71.78 -5.27 39.70
N VAL A 1102 -72.83 -5.82 39.11
CA VAL A 1102 -73.41 -5.25 37.90
C VAL A 1102 -74.30 -4.05 38.18
N SER A 1103 -74.96 -4.02 39.34
CA SER A 1103 -76.02 -3.06 39.57
C SER A 1103 -75.53 -1.62 39.62
N GLU A 1104 -74.30 -1.40 40.02
CA GLU A 1104 -73.73 -0.07 40.11
C GLU A 1104 -73.06 0.37 38.82
N THR A 1105 -72.87 -0.55 37.89
CA THR A 1105 -72.30 -0.26 36.58
C THR A 1105 -73.40 0.09 35.59
N PRO A 1106 -73.05 0.62 34.43
CA PRO A 1106 -74.07 0.86 33.40
C PRO A 1106 -74.66 -0.42 32.86
N THR A 1107 -75.85 -0.27 32.28
CA THR A 1107 -76.52 -1.32 31.54
C THR A 1107 -76.98 -0.77 30.20
N LEU A 1108 -76.52 -1.39 29.12
CA LEU A 1108 -76.77 -0.89 27.78
C LEU A 1108 -78.11 -1.39 27.26
N SER A 1109 -78.58 -0.75 26.18
CA SER A 1109 -79.82 -1.16 25.53
C SER A 1109 -79.99 -0.36 24.24
N ALA A 1110 -80.59 -0.99 23.23
CA ALA A 1110 -80.82 -0.39 21.93
C ALA A 1110 -79.50 0.08 21.31
N ALA A 1111 -78.65 -0.91 21.06
CA ALA A 1111 -77.30 -0.68 20.58
C ALA A 1111 -77.13 -1.15 19.14
N GLU A 1112 -76.03 -0.71 18.55
CA GLU A 1112 -75.66 -1.06 17.19
C GLU A 1112 -74.29 -0.48 16.91
N CYS A 1113 -73.64 -1.00 15.88
CA CYS A 1113 -72.31 -0.55 15.45
C CYS A 1113 -72.39 -0.15 13.99
N THR A 1114 -72.78 1.09 13.76
CA THR A 1114 -72.71 1.68 12.43
C THR A 1114 -71.25 2.02 12.18
N LEU A 1115 -70.52 1.06 11.62
CA LEU A 1115 -69.12 1.28 11.31
C LEU A 1115 -68.97 2.42 10.32
N ASN A 1116 -68.39 3.53 10.79
CA ASN A 1116 -68.25 4.69 9.93
C ASN A 1116 -67.27 4.40 8.80
N GLU A 1117 -66.03 4.05 9.14
CA GLU A 1117 -65.09 3.65 8.10
C GLU A 1117 -64.15 2.57 8.58
N CYS A 1118 -63.50 1.96 7.59
CA CYS A 1118 -62.55 0.89 7.78
C CYS A 1118 -61.47 1.03 6.72
N VAL A 1119 -60.23 0.85 7.13
CA VAL A 1119 -59.09 0.90 6.25
C VAL A 1119 -58.12 -0.15 6.73
N TYR A 1120 -58.07 -1.28 6.03
CA TYR A 1120 -57.31 -2.43 6.52
C TYR A 1120 -55.83 -2.13 6.40
N SER A 1121 -55.32 -1.52 7.45
CA SER A 1121 -53.95 -1.13 7.61
C SER A 1121 -53.44 -1.71 8.92
N SER A 1122 -52.21 -1.33 9.25
CA SER A 1122 -51.59 -1.78 10.48
C SER A 1122 -51.93 -0.90 11.66
N ASP A 1123 -52.19 0.37 11.42
CA ASP A 1123 -52.59 1.28 12.48
C ASP A 1123 -54.09 1.13 12.71
N PHE A 1124 -54.63 1.94 13.61
CA PHE A 1124 -56.07 1.90 13.89
C PHE A 1124 -56.78 2.66 12.79
N GLY A 1125 -56.92 2.00 11.65
CA GLY A 1125 -57.56 2.61 10.51
C GLY A 1125 -59.06 2.61 10.58
N GLY A 1126 -59.63 1.86 11.50
CA GLY A 1126 -61.07 1.64 11.55
C GLY A 1126 -61.69 2.47 12.65
N ILE A 1127 -62.80 3.13 12.31
CA ILE A 1127 -63.50 4.02 13.22
C ILE A 1127 -64.97 3.66 13.16
N ALA A 1128 -65.54 3.33 14.31
CA ALA A 1128 -66.94 2.96 14.44
C ALA A 1128 -67.61 3.85 15.48
N THR A 1129 -68.92 4.01 15.30
CA THR A 1129 -69.75 4.83 16.17
C THR A 1129 -70.86 3.93 16.68
N VAL A 1130 -70.97 3.83 17.99
CA VAL A 1130 -71.81 2.84 18.64
C VAL A 1130 -72.95 3.60 19.30
N LYS A 1131 -74.13 3.54 18.68
CA LYS A 1131 -75.31 4.14 19.26
C LYS A 1131 -75.79 3.27 20.41
N TYR A 1132 -76.49 3.87 21.36
CA TYR A 1132 -76.93 3.14 22.53
C TYR A 1132 -78.01 3.91 23.28
N SER A 1133 -78.65 3.20 24.20
CA SER A 1133 -79.55 3.78 25.19
C SER A 1133 -79.21 3.15 26.53
N ALA A 1134 -78.29 3.78 27.27
CA ALA A 1134 -77.77 3.23 28.50
C ALA A 1134 -78.56 3.71 29.71
N SER A 1135 -78.42 2.97 30.81
CA SER A 1135 -79.13 3.28 32.04
C SER A 1135 -78.45 4.36 32.87
N LYS A 1136 -77.26 4.07 33.40
CA LYS A 1136 -76.55 4.95 34.33
C LYS A 1136 -75.21 5.33 33.73
N SER A 1137 -75.03 6.61 33.46
CA SER A 1137 -73.84 7.10 32.78
C SER A 1137 -72.58 6.76 33.57
N GLY A 1138 -71.60 6.19 32.88
CA GLY A 1138 -70.31 5.93 33.51
C GLY A 1138 -69.36 5.26 32.56
N LYS A 1139 -68.39 4.57 33.15
CA LYS A 1139 -67.37 3.84 32.40
C LYS A 1139 -67.94 2.53 31.89
N CYS A 1140 -67.34 2.02 30.82
CA CYS A 1140 -67.79 0.75 30.25
C CYS A 1140 -66.65 0.10 29.48
N ALA A 1141 -66.33 -1.13 29.86
CA ALA A 1141 -65.28 -1.87 29.20
C ALA A 1141 -65.78 -2.39 27.86
N VAL A 1142 -64.84 -2.62 26.95
CA VAL A 1142 -65.15 -3.04 25.59
C VAL A 1142 -64.12 -4.04 25.12
N HIS A 1143 -64.57 -5.00 24.31
CA HIS A 1143 -63.67 -5.97 23.74
C HIS A 1143 -64.30 -6.67 22.54
N VAL A 1144 -63.47 -7.01 21.57
CA VAL A 1144 -63.83 -7.84 20.44
C VAL A 1144 -63.25 -9.22 20.69
N PRO A 1145 -64.06 -10.24 20.99
CA PRO A 1145 -63.48 -11.52 21.38
C PRO A 1145 -62.66 -12.18 20.30
N SER A 1146 -62.81 -11.77 19.05
CA SER A 1146 -62.18 -12.43 17.94
C SER A 1146 -60.87 -11.75 17.59
N GLY A 1147 -60.09 -12.41 16.74
CA GLY A 1147 -58.96 -11.77 16.09
C GLY A 1147 -59.37 -11.08 14.81
N THR A 1148 -60.68 -10.98 14.57
CA THR A 1148 -61.18 -10.27 13.41
C THR A 1148 -60.77 -8.80 13.46
N ALA A 1149 -60.58 -8.26 14.66
CA ALA A 1149 -60.25 -6.86 14.83
C ALA A 1149 -59.66 -6.64 16.21
N THR A 1150 -58.65 -5.78 16.26
CA THR A 1150 -57.98 -5.39 17.51
C THR A 1150 -58.35 -3.97 17.86
N LEU A 1151 -58.74 -3.76 19.10
CA LEU A 1151 -59.23 -2.47 19.55
C LEU A 1151 -58.11 -1.62 20.11
N LYS A 1152 -58.39 -0.32 20.22
CA LYS A 1152 -57.50 0.66 20.81
C LYS A 1152 -57.89 0.99 22.24
N GLU A 1153 -59.10 1.47 22.43
CA GLU A 1153 -59.61 1.82 23.74
C GLU A 1153 -60.07 0.57 24.48
N ALA A 1154 -60.33 0.75 25.77
CA ALA A 1154 -60.89 -0.29 26.59
C ALA A 1154 -61.88 0.24 27.62
N ALA A 1155 -62.26 1.52 27.54
CA ALA A 1155 -63.12 2.13 28.55
C ALA A 1155 -63.80 3.33 27.91
N VAL A 1156 -65.07 3.18 27.59
CA VAL A 1156 -65.85 4.25 26.99
C VAL A 1156 -66.75 4.87 28.05
N GLU A 1157 -67.40 5.97 27.67
CA GLU A 1157 -68.15 6.81 28.57
C GLU A 1157 -69.55 7.01 27.99
N LEU A 1158 -70.57 6.70 28.78
CA LEU A 1158 -71.92 6.56 28.30
C LEU A 1158 -72.82 7.69 28.80
N THR A 1159 -73.92 7.89 28.07
CA THR A 1159 -74.93 8.89 28.35
C THR A 1159 -76.29 8.22 28.18
N GLU A 1160 -77.34 9.03 28.03
CA GLU A 1160 -78.70 8.49 28.05
C GLU A 1160 -79.09 7.91 26.70
N GLN A 1161 -78.94 8.71 25.64
CA GLN A 1161 -79.31 8.31 24.29
C GLN A 1161 -78.19 8.69 23.31
N GLY A 1162 -76.94 8.58 23.76
CA GLY A 1162 -75.82 9.12 23.03
C GLY A 1162 -75.25 8.16 22.02
N SER A 1163 -73.98 8.39 21.71
CA SER A 1163 -73.23 7.58 20.77
C SER A 1163 -71.75 7.71 21.10
N ALA A 1164 -71.00 6.67 20.77
CA ALA A 1164 -69.63 6.52 21.18
C ALA A 1164 -68.68 6.90 20.06
N THR A 1165 -67.39 6.71 20.30
CA THR A 1165 -66.36 6.84 19.29
C THR A 1165 -65.29 5.81 19.60
N ILE A 1166 -65.28 4.72 18.83
CA ILE A 1166 -64.33 3.64 19.06
C ILE A 1166 -63.48 3.42 17.83
N HIS A 1167 -62.24 3.01 18.05
CA HIS A 1167 -61.26 2.75 17.02
C HIS A 1167 -60.93 1.26 16.99
N PHE A 1168 -60.25 0.85 15.92
CA PHE A 1168 -59.80 -0.53 15.78
C PHE A 1168 -58.91 -0.67 14.55
N SER A 1169 -58.37 -1.87 14.39
CA SER A 1169 -57.58 -2.25 13.24
C SER A 1169 -57.96 -3.66 12.83
N THR A 1170 -57.74 -3.97 11.55
CA THR A 1170 -58.11 -5.25 10.99
C THR A 1170 -57.41 -5.46 9.67
N ALA A 1171 -57.54 -6.68 9.16
CA ALA A 1171 -57.10 -7.05 7.83
C ALA A 1171 -58.25 -7.47 6.94
N ASN A 1172 -59.45 -7.63 7.48
CA ASN A 1172 -60.59 -8.10 6.73
C ASN A 1172 -61.17 -7.01 5.84
N ILE A 1173 -61.50 -7.36 4.60
CA ILE A 1173 -62.04 -6.40 3.67
C ILE A 1173 -63.53 -6.24 3.90
N HIS A 1174 -64.17 -7.27 4.44
CA HIS A 1174 -65.58 -7.27 4.78
C HIS A 1174 -65.73 -7.84 6.17
N PRO A 1175 -65.43 -7.08 7.20
CA PRO A 1175 -65.43 -7.63 8.55
C PRO A 1175 -66.84 -7.87 9.08
N GLU A 1176 -66.88 -8.70 10.11
CA GLU A 1176 -68.12 -8.97 10.84
C GLU A 1176 -67.71 -9.51 12.20
N PHE A 1177 -67.88 -8.71 13.23
CA PHE A 1177 -67.38 -9.04 14.55
C PHE A 1177 -68.30 -8.48 15.62
N ARG A 1178 -68.25 -9.10 16.79
CA ARG A 1178 -69.02 -8.66 17.94
C ARG A 1178 -68.23 -7.64 18.74
N LEU A 1179 -68.93 -6.99 19.66
CA LEU A 1179 -68.35 -5.94 20.50
C LEU A 1179 -69.01 -6.00 21.86
N GLN A 1180 -68.34 -6.63 22.82
CA GLN A 1180 -68.83 -6.65 24.18
C GLN A 1180 -68.86 -5.23 24.71
N ILE A 1181 -70.02 -4.82 25.22
CA ILE A 1181 -70.11 -3.53 25.87
C ILE A 1181 -70.93 -3.63 27.15
N CYS A 1182 -70.23 -3.91 28.24
CA CYS A 1182 -70.66 -3.99 29.64
C CYS A 1182 -71.61 -5.13 30.00
N THR A 1183 -72.41 -5.59 29.06
CA THR A 1183 -73.12 -6.86 29.18
C THR A 1183 -73.24 -7.54 27.84
N SER A 1184 -73.03 -6.79 26.77
CA SER A 1184 -73.72 -6.98 25.50
C SER A 1184 -72.73 -7.11 24.37
N TYR A 1185 -72.70 -8.28 23.76
CA TYR A 1185 -72.17 -8.43 22.43
C TYR A 1185 -73.14 -7.72 21.48
N VAL A 1186 -72.59 -7.04 20.50
CA VAL A 1186 -73.38 -6.39 19.47
C VAL A 1186 -72.62 -6.50 18.15
N THR A 1187 -73.35 -6.75 17.08
CA THR A 1187 -72.73 -6.97 15.79
C THR A 1187 -72.25 -5.67 15.18
N CYS A 1188 -71.26 -5.80 14.30
CA CYS A 1188 -70.71 -4.66 13.61
C CYS A 1188 -70.27 -5.13 12.23
N LYS A 1189 -70.88 -4.55 11.20
CA LYS A 1189 -70.64 -4.94 9.82
C LYS A 1189 -70.21 -3.73 9.01
N GLY A 1190 -69.29 -3.96 8.09
CA GLY A 1190 -68.91 -2.92 7.17
C GLY A 1190 -68.00 -3.47 6.09
N ASP A 1191 -67.54 -2.55 5.25
CA ASP A 1191 -66.60 -2.84 4.17
C ASP A 1191 -65.43 -1.87 4.27
N CYS A 1192 -64.28 -2.34 3.82
CA CYS A 1192 -63.01 -1.67 4.08
C CYS A 1192 -62.35 -1.31 2.77
N HIS A 1193 -61.19 -0.66 2.87
CA HIS A 1193 -60.41 -0.23 1.73
C HIS A 1193 -58.93 -0.32 2.06
N PRO A 1194 -58.06 -0.37 1.06
CA PRO A 1194 -56.64 -0.53 1.35
C PRO A 1194 -56.05 0.72 1.98
N PRO A 1195 -54.79 0.66 2.41
CA PRO A 1195 -54.12 1.86 2.89
C PRO A 1195 -53.45 2.62 1.78
N LYS A 1196 -53.13 3.87 2.09
CA LYS A 1196 -52.53 4.76 1.10
C LYS A 1196 -51.04 4.52 1.00
N ASP A 1197 -50.31 4.77 2.09
CA ASP A 1197 -48.86 4.62 2.12
C ASP A 1197 -48.53 3.21 2.56
N HIS A 1198 -47.87 2.45 1.69
CA HIS A 1198 -47.68 1.03 1.91
C HIS A 1198 -46.23 0.66 2.17
N ILE A 1199 -45.49 1.53 2.85
CA ILE A 1199 -44.38 1.14 3.71
C ILE A 1199 -44.43 2.06 4.90
N VAL A 1200 -44.59 1.49 6.08
CA VAL A 1200 -44.80 2.26 7.30
C VAL A 1200 -43.68 2.01 8.28
N THR A 1201 -43.72 2.73 9.40
CA THR A 1201 -42.74 2.65 10.46
C THR A 1201 -43.38 2.20 11.77
N HIS A 1202 -44.30 1.24 11.68
CA HIS A 1202 -44.87 0.64 12.88
C HIS A 1202 -45.39 -0.75 12.54
N PRO A 1203 -45.41 -1.67 13.50
CA PRO A 1203 -45.94 -3.01 13.20
C PRO A 1203 -47.45 -3.11 13.20
N GLN A 1204 -47.91 -4.35 13.13
CA GLN A 1204 -49.30 -4.65 13.01
C GLN A 1204 -49.99 -4.67 14.37
N TYR A 1205 -51.31 -4.51 14.31
CA TYR A 1205 -52.19 -4.67 15.45
C TYR A 1205 -53.19 -5.80 15.27
N HIS A 1206 -53.39 -6.29 14.07
CA HIS A 1206 -54.32 -7.37 13.77
C HIS A 1206 -53.57 -8.71 13.82
N ALA A 1207 -54.20 -9.78 13.28
CA ALA A 1207 -53.70 -11.14 13.42
C ALA A 1207 -53.54 -11.91 12.11
N GLN A 1208 -54.18 -11.51 11.01
CA GLN A 1208 -54.07 -12.19 9.72
C GLN A 1208 -54.58 -13.64 9.80
N THR A 1209 -55.89 -13.75 9.95
CA THR A 1209 -56.58 -14.99 10.25
C THR A 1209 -56.85 -15.88 9.04
N PHE A 1210 -56.30 -15.56 7.87
CA PHE A 1210 -56.62 -16.24 6.62
C PHE A 1210 -58.13 -16.25 6.37
N THR A 1211 -58.80 -15.15 6.67
CA THR A 1211 -60.14 -14.89 6.16
C THR A 1211 -60.23 -13.40 5.82
N ALA A 1212 -59.10 -12.83 5.38
CA ALA A 1212 -59.04 -11.44 4.96
C ALA A 1212 -59.35 -11.23 3.49
N ALA A 1213 -58.80 -12.06 2.62
CA ALA A 1213 -58.97 -11.91 1.18
C ALA A 1213 -60.29 -12.55 0.78
N VAL A 1214 -61.36 -11.79 0.93
CA VAL A 1214 -62.76 -12.19 0.73
C VAL A 1214 -63.04 -13.65 1.09
N SER B 335 -0.42 18.33 43.17
CA SER B 335 0.15 19.12 42.05
C SER B 335 0.90 18.21 41.08
N THR B 336 1.70 18.81 40.19
CA THR B 336 2.46 18.06 39.21
C THR B 336 3.83 17.63 39.70
N GLU B 337 4.01 17.48 41.02
CA GLU B 337 5.28 17.10 41.60
C GLU B 337 5.26 15.64 42.05
N GLU B 338 4.10 15.14 42.47
CA GLU B 338 4.00 13.81 43.05
C GLU B 338 4.19 12.72 42.01
N LEU B 339 4.00 13.03 40.73
CA LEU B 339 4.19 12.09 39.64
C LEU B 339 5.56 12.20 38.97
N PHE B 340 6.47 12.99 39.54
CA PHE B 340 7.88 12.99 39.18
C PHE B 340 8.78 12.52 40.31
N ASN B 341 8.22 11.95 41.36
CA ASN B 341 9.02 11.46 42.48
C ASN B 341 9.80 10.20 42.14
N GLU B 342 9.73 9.70 40.90
CA GLU B 342 10.47 8.53 40.47
C GLU B 342 11.27 8.81 39.21
N TYR B 343 10.76 9.70 38.35
CA TYR B 343 11.46 10.03 37.13
C TYR B 343 12.71 10.85 37.37
N LYS B 344 12.68 11.74 38.37
CA LYS B 344 13.84 12.52 38.74
C LYS B 344 15.06 11.67 39.01
N LEU B 345 14.86 10.43 39.44
CA LEU B 345 15.92 9.50 39.72
C LEU B 345 16.34 8.71 38.49
N THR B 346 16.07 9.25 37.30
CA THR B 346 16.39 8.63 36.04
C THR B 346 17.33 9.53 35.25
N ARG B 347 17.74 9.04 34.08
CA ARG B 347 18.46 9.85 33.16
C ARG B 347 18.32 9.28 31.76
N PRO B 348 18.32 10.11 30.73
CA PRO B 348 18.15 9.61 29.38
C PRO B 348 19.41 8.93 28.88
N TYR B 349 19.26 8.28 27.75
CA TYR B 349 20.30 7.43 27.23
C TYR B 349 20.35 7.51 25.72
N MET B 350 21.43 6.99 25.17
CA MET B 350 21.69 6.97 23.74
C MET B 350 21.58 5.52 23.27
N ALA B 351 20.97 5.34 22.11
CA ALA B 351 20.66 4.01 21.62
C ALA B 351 20.63 4.05 20.10
N ARG B 352 20.84 2.89 19.52
CA ARG B 352 21.01 2.78 18.08
C ARG B 352 19.68 2.98 17.38
N CYS B 353 19.77 3.56 16.19
CA CYS B 353 18.73 3.39 15.19
C CYS B 353 19.33 3.48 13.80
N ILE B 354 18.57 2.92 12.85
CA ILE B 354 19.13 2.46 11.59
C ILE B 354 19.21 3.54 10.52
N ARG B 355 18.27 4.48 10.49
CA ARG B 355 18.29 5.62 9.59
C ARG B 355 18.23 6.86 10.45
N CYS B 356 19.39 7.40 10.80
CA CYS B 356 19.39 8.58 11.64
C CYS B 356 19.39 9.86 10.82
N ALA B 357 20.54 10.21 10.26
CA ALA B 357 20.63 11.16 9.16
C ALA B 357 21.66 10.77 8.11
N VAL B 358 22.73 10.09 8.49
CA VAL B 358 23.64 9.44 7.57
C VAL B 358 24.03 8.13 8.21
N GLY B 359 23.41 7.06 7.76
CA GLY B 359 23.71 5.74 8.26
C GLY B 359 23.13 5.52 9.63
N SER B 360 23.47 4.36 10.18
CA SER B 360 23.02 3.99 11.51
C SER B 360 23.83 4.73 12.54
N CYS B 361 23.18 5.16 13.62
CA CYS B 361 23.88 5.95 14.62
C CYS B 361 23.29 5.69 15.98
N HIS B 362 24.06 6.04 16.99
CA HIS B 362 23.63 6.03 18.37
C HIS B 362 22.93 7.36 18.62
N SER B 363 21.71 7.39 18.33
CA SER B 363 20.93 8.61 18.47
C SER B 363 20.44 8.77 19.91
N PRO B 364 20.16 10.00 20.34
CA PRO B 364 19.60 10.20 21.67
C PRO B 364 18.09 10.32 21.69
N ILE B 365 17.44 10.25 20.53
CA ILE B 365 15.99 10.29 20.42
C ILE B 365 15.51 8.95 19.87
N ALA B 366 16.18 7.89 20.27
CA ALA B 366 15.80 6.54 19.88
C ALA B 366 14.39 6.24 20.33
N ILE B 367 13.64 5.59 19.46
CA ILE B 367 12.24 5.29 19.72
C ILE B 367 12.16 3.84 20.13
N GLU B 368 12.17 3.58 21.43
CA GLU B 368 12.04 2.22 21.92
C GLU B 368 10.71 1.62 21.52
N ALA B 369 9.66 2.44 21.46
CA ALA B 369 8.37 1.89 21.10
C ALA B 369 7.41 2.96 20.65
N VAL B 370 6.40 2.52 19.91
CA VAL B 370 5.35 3.36 19.34
C VAL B 370 4.05 2.58 19.47
N LYS B 371 2.98 3.28 19.78
CA LYS B 371 1.68 2.68 20.03
C LYS B 371 0.59 3.53 19.42
N SER B 372 -0.25 2.89 18.61
CA SER B 372 -1.34 3.54 17.89
C SER B 372 -2.57 2.65 17.90
N ASP B 373 -2.87 2.05 19.03
CA ASP B 373 -4.09 1.27 19.19
C ASP B 373 -5.30 2.14 19.42
N GLY B 374 -5.10 3.39 19.80
CA GLY B 374 -6.20 4.31 19.94
C GLY B 374 -6.78 4.63 18.60
N HIS B 375 -7.81 5.47 18.63
CA HIS B 375 -8.66 5.64 17.45
C HIS B 375 -8.20 6.79 16.56
N ASP B 376 -8.24 8.01 17.09
CA ASP B 376 -8.24 9.20 16.23
C ASP B 376 -6.86 9.85 16.20
N GLY B 377 -5.91 9.07 15.71
CA GLY B 377 -4.60 9.59 15.37
C GLY B 377 -3.66 9.78 16.54
N TYR B 378 -4.17 9.84 17.77
CA TYR B 378 -3.30 10.04 18.91
C TYR B 378 -2.47 8.80 19.12
N VAL B 379 -1.16 8.99 19.29
CA VAL B 379 -0.23 7.90 19.47
C VAL B 379 0.79 8.25 20.54
N ARG B 380 1.47 7.22 21.00
CA ARG B 380 2.33 7.27 22.17
C ARG B 380 3.70 6.72 21.83
N LEU B 381 4.72 7.53 22.05
CA LEU B 381 6.09 7.21 21.73
C LEU B 381 6.90 7.07 23.00
N GLN B 382 7.39 5.86 23.24
CA GLN B 382 8.35 5.59 24.29
C GLN B 382 9.74 5.79 23.70
N THR B 383 10.42 6.81 24.18
CA THR B 383 11.71 7.24 23.68
C THR B 383 12.77 7.10 24.76
N SER B 384 14.00 7.44 24.36
CA SER B 384 15.12 7.45 25.27
C SER B 384 15.21 8.75 26.03
N SER B 385 15.01 9.85 25.34
CA SER B 385 14.88 11.14 25.94
C SER B 385 13.77 11.16 26.97
N GLN B 386 13.87 12.11 27.87
CA GLN B 386 12.87 12.36 28.89
C GLN B 386 12.08 13.61 28.53
N TYR B 387 11.04 13.87 29.29
CA TYR B 387 10.14 14.96 29.06
C TYR B 387 9.61 15.46 30.39
N GLY B 388 9.43 16.77 30.47
CA GLY B 388 8.92 17.40 31.66
C GLY B 388 9.94 17.69 32.72
N LEU B 389 11.22 17.45 32.44
CA LEU B 389 12.32 17.68 33.37
C LEU B 389 13.39 18.50 32.66
N ASP B 390 14.44 18.86 33.40
CA ASP B 390 15.56 19.64 32.88
C ASP B 390 16.86 18.84 33.00
N SER B 391 17.95 19.49 32.66
CA SER B 391 19.25 18.85 32.55
C SER B 391 19.73 18.26 33.86
N SER B 392 19.20 18.71 34.99
CA SER B 392 19.61 18.23 36.30
C SER B 392 18.51 17.50 37.06
N GLY B 393 17.25 17.63 36.64
CA GLY B 393 16.13 16.97 37.29
C GLY B 393 15.03 17.94 37.69
N ASN B 394 15.36 19.22 37.76
CA ASN B 394 14.42 20.17 38.30
C ASN B 394 13.27 20.39 37.33
N LEU B 395 12.12 20.71 37.89
CA LEU B 395 10.86 20.71 37.16
C LEU B 395 10.83 21.82 36.13
N LYS B 396 10.77 21.44 34.85
CA LYS B 396 10.53 22.37 33.77
C LYS B 396 9.42 21.81 32.90
N GLY B 397 8.67 22.70 32.26
CA GLY B 397 7.38 22.33 31.72
C GLY B 397 7.38 21.49 30.48
N ARG B 398 7.80 22.09 29.38
CA ARG B 398 7.59 21.59 28.03
C ARG B 398 8.92 21.50 27.32
N THR B 399 9.85 20.78 27.92
CA THR B 399 11.21 20.72 27.45
C THR B 399 11.72 19.29 27.46
N MET B 400 12.45 18.96 26.42
CA MET B 400 13.00 17.62 26.25
C MET B 400 14.47 17.62 26.64
N ARG B 401 14.89 16.47 27.14
CA ARG B 401 16.07 16.34 27.98
C ARG B 401 16.79 15.07 27.55
N TYR B 402 17.91 15.23 26.87
CA TYR B 402 18.59 14.15 26.16
C TYR B 402 20.02 14.03 26.60
N ASP B 403 20.65 12.92 26.22
CA ASP B 403 22.04 12.66 26.48
C ASP B 403 22.84 12.89 25.21
N MET B 404 24.09 13.29 25.37
CA MET B 404 24.99 13.56 24.26
C MET B 404 26.37 13.17 24.76
N HIS B 405 26.78 11.96 24.39
CA HIS B 405 28.14 11.47 24.58
C HIS B 405 28.62 11.60 26.01
N GLY B 406 27.69 11.52 26.95
CA GLY B 406 27.97 11.47 28.38
C GLY B 406 27.25 12.55 29.16
N THR B 407 27.11 13.73 28.57
CA THR B 407 26.53 14.87 29.25
C THR B 407 25.08 15.06 28.84
N ILE B 408 24.25 15.39 29.81
CA ILE B 408 22.85 15.67 29.57
C ILE B 408 22.72 17.09 29.05
N LYS B 409 21.99 17.24 27.97
CA LYS B 409 21.65 18.52 27.38
C LYS B 409 20.13 18.61 27.29
N GLU B 410 19.68 19.79 26.90
CA GLU B 410 18.27 20.13 26.96
C GLU B 410 17.94 21.02 25.78
N ILE B 411 16.71 20.87 25.28
CA ILE B 411 16.13 21.94 24.47
C ILE B 411 14.66 22.04 24.80
N PRO B 412 14.02 23.11 24.35
CA PRO B 412 12.57 23.16 24.41
C PRO B 412 11.94 22.12 23.50
N LEU B 413 10.62 22.12 23.51
CA LEU B 413 9.84 21.14 22.77
C LEU B 413 9.44 21.66 21.40
N HIS B 414 9.27 22.97 21.25
CA HIS B 414 8.84 23.53 19.98
C HIS B 414 9.87 23.37 18.87
N GLN B 415 11.09 22.97 19.20
CA GLN B 415 12.11 22.72 18.20
C GLN B 415 12.19 21.27 17.76
N VAL B 416 11.40 20.39 18.36
CA VAL B 416 11.33 19.00 17.95
C VAL B 416 10.23 18.85 16.93
N SER B 417 10.47 18.02 15.92
CA SER B 417 9.50 17.76 14.88
C SER B 417 9.51 16.29 14.55
N LEU B 418 8.33 15.71 14.39
CA LEU B 418 8.21 14.33 13.99
C LEU B 418 7.14 14.17 12.93
N TYR B 419 7.44 13.32 11.97
CA TYR B 419 6.58 13.05 10.84
C TYR B 419 6.48 11.56 10.57
N THR B 420 5.26 11.11 10.26
CA THR B 420 5.02 9.78 9.77
C THR B 420 5.00 9.75 8.24
N SER B 421 4.06 10.42 7.66
CA SER B 421 4.05 10.80 6.26
C SER B 421 3.74 12.27 6.08
N ARG B 422 2.84 12.78 6.86
CA ARG B 422 2.62 14.18 7.08
C ARG B 422 3.25 14.56 8.40
N PRO B 423 3.40 15.84 8.67
CA PRO B 423 3.86 16.24 10.00
C PRO B 423 2.86 15.89 11.07
N CYS B 424 3.40 15.41 12.19
CA CYS B 424 2.61 15.18 13.38
C CYS B 424 2.43 16.51 14.10
N HIS B 425 1.93 16.46 15.32
CA HIS B 425 1.80 17.62 16.18
C HIS B 425 1.92 17.16 17.61
N ILE B 426 3.04 17.47 18.25
CA ILE B 426 3.27 17.04 19.61
C ILE B 426 2.20 17.66 20.50
N VAL B 427 1.64 16.86 21.39
CA VAL B 427 0.58 17.30 22.27
C VAL B 427 1.10 17.50 23.67
N ASP B 428 1.87 16.54 24.17
CA ASP B 428 2.44 16.69 25.51
C ASP B 428 3.50 15.63 25.68
N GLY B 429 4.35 15.84 26.68
CA GLY B 429 5.39 14.87 27.00
C GLY B 429 5.49 14.64 28.49
N HIS B 430 5.84 13.42 28.85
CA HIS B 430 6.01 13.05 30.25
C HIS B 430 6.94 11.87 30.32
N GLY B 431 8.02 12.02 31.09
CA GLY B 431 8.94 10.92 31.30
C GLY B 431 9.57 10.49 30.00
N TYR B 432 9.74 9.18 29.86
CA TYR B 432 10.24 8.57 28.64
C TYR B 432 9.25 8.63 27.48
N PHE B 433 8.08 9.21 27.68
CA PHE B 433 6.93 8.98 26.83
C PHE B 433 6.42 10.30 26.29
N LEU B 434 5.79 10.23 25.12
CA LEU B 434 5.37 11.41 24.39
C LEU B 434 4.06 11.16 23.70
N LEU B 435 3.08 12.02 23.95
CA LEU B 435 1.77 11.97 23.31
C LEU B 435 1.76 12.91 22.14
N ALA B 436 1.48 12.37 20.96
CA ALA B 436 1.44 13.13 19.72
C ALA B 436 0.17 12.78 18.97
N ARG B 437 -0.11 13.58 17.95
CA ARG B 437 -1.27 13.43 17.09
C ARG B 437 -0.75 13.19 15.69
N CYS B 438 -0.41 11.96 15.39
CA CYS B 438 0.23 11.59 14.14
C CYS B 438 -0.77 10.93 13.20
N PRO B 439 -0.63 11.13 11.90
CA PRO B 439 -1.45 10.39 10.95
C PRO B 439 -0.80 9.07 10.55
N ALA B 440 -1.50 8.35 9.69
CA ALA B 440 -1.11 6.99 9.33
C ALA B 440 0.18 6.99 8.53
N GLY B 441 1.05 6.05 8.83
CA GLY B 441 2.29 5.93 8.10
C GLY B 441 2.92 4.57 8.25
N ASP B 442 3.89 4.34 7.37
CA ASP B 442 4.74 3.16 7.41
C ASP B 442 5.79 3.25 8.50
N SER B 443 6.35 4.43 8.68
CA SER B 443 7.44 4.66 9.60
C SER B 443 7.23 5.99 10.27
N ILE B 444 7.98 6.22 11.35
CA ILE B 444 7.90 7.47 12.10
C ILE B 444 9.30 7.98 12.32
N THR B 445 9.48 9.28 12.07
CA THR B 445 10.77 9.95 12.15
C THR B 445 10.65 11.10 13.12
N MET B 446 11.69 11.29 13.92
CA MET B 446 11.76 12.27 14.99
C MET B 446 13.08 13.00 14.86
N GLU B 447 13.07 14.33 14.92
CA GLU B 447 14.29 15.06 14.66
C GLU B 447 14.29 16.45 15.28
N PHE B 448 15.51 16.97 15.46
CA PHE B 448 15.72 18.32 15.97
C PHE B 448 17.12 18.80 15.60
N LYS B 449 17.37 20.08 15.91
CA LYS B 449 18.61 20.77 15.55
C LYS B 449 19.03 21.63 16.72
N LYS B 450 20.29 21.49 17.14
CA LYS B 450 20.78 22.15 18.34
C LYS B 450 21.54 23.43 18.01
N ASP B 451 22.71 23.29 17.37
CA ASP B 451 23.48 24.43 16.89
C ASP B 451 23.61 24.43 15.38
N SER B 452 24.16 23.37 14.80
CA SER B 452 24.18 23.20 13.35
C SER B 452 23.93 21.76 12.91
N VAL B 453 24.01 20.78 13.80
CA VAL B 453 23.76 19.39 13.42
C VAL B 453 22.26 19.16 13.28
N ARG B 454 21.91 18.04 12.66
CA ARG B 454 20.53 17.65 12.40
C ARG B 454 20.39 16.23 12.96
N HIS B 455 20.01 16.14 14.23
CA HIS B 455 19.74 14.85 14.84
C HIS B 455 18.40 14.32 14.37
N SER B 456 18.36 13.04 14.03
CA SER B 456 17.14 12.43 13.54
C SER B 456 17.21 10.93 13.75
N CYS B 457 16.04 10.34 13.97
CA CYS B 457 15.90 8.90 14.13
C CYS B 457 14.57 8.47 13.53
N SER B 458 14.62 7.43 12.71
CA SER B 458 13.47 6.92 11.99
C SER B 458 13.32 5.45 12.30
N VAL B 459 12.14 5.04 12.74
CA VAL B 459 11.87 3.67 13.09
C VAL B 459 10.73 3.16 12.22
N PRO B 460 10.74 1.87 11.80
CA PRO B 460 9.72 1.32 10.90
C PRO B 460 8.46 0.82 11.62
N TYR B 461 7.99 1.61 12.58
CA TYR B 461 6.85 1.23 13.38
C TYR B 461 5.60 1.85 12.79
N GLU B 462 4.70 1.00 12.31
CA GLU B 462 3.54 1.44 11.57
C GLU B 462 2.64 2.25 12.48
N VAL B 463 2.32 3.46 12.05
CA VAL B 463 1.36 4.31 12.75
C VAL B 463 0.01 4.14 12.10
N LYS B 464 -1.00 3.86 12.93
CA LYS B 464 -2.31 3.44 12.48
C LYS B 464 -3.36 4.47 12.84
N PHE B 465 -3.99 5.04 11.82
CA PHE B 465 -5.19 5.85 12.00
C PHE B 465 -6.38 4.90 12.02
N ASN B 466 -7.04 4.82 13.16
CA ASN B 466 -8.10 3.84 13.40
C ASN B 466 -9.41 4.56 13.63
N PRO B 467 -10.22 4.78 12.60
CA PRO B 467 -11.37 5.66 12.77
C PRO B 467 -12.43 5.07 13.68
N VAL B 468 -13.29 5.95 14.15
CA VAL B 468 -14.41 5.61 15.01
C VAL B 468 -15.66 5.54 14.17
N GLY B 469 -16.35 4.40 14.23
CA GLY B 469 -17.70 4.28 13.75
C GLY B 469 -17.85 3.38 12.54
N ARG B 470 -18.95 3.61 11.84
CA ARG B 470 -19.30 2.90 10.63
C ARG B 470 -18.86 3.63 9.37
N GLU B 471 -18.78 4.94 9.40
CA GLU B 471 -18.25 5.73 8.29
C GLU B 471 -16.76 5.90 8.51
N LEU B 472 -15.97 5.53 7.51
CA LEU B 472 -14.52 5.44 7.66
C LEU B 472 -13.87 6.71 7.13
N TYR B 473 -13.42 7.56 8.04
CA TYR B 473 -12.81 8.83 7.72
C TYR B 473 -11.31 8.76 7.88
N THR B 474 -10.65 9.81 7.40
CA THR B 474 -9.21 9.99 7.50
C THR B 474 -8.81 11.20 8.33
N HIS B 475 -9.66 12.21 8.42
CA HIS B 475 -9.43 13.39 9.20
C HIS B 475 -10.77 13.74 9.84
N PRO B 476 -10.85 13.86 11.16
CA PRO B 476 -12.16 13.93 11.80
C PRO B 476 -12.92 15.17 11.40
N PRO B 477 -14.23 15.21 11.63
CA PRO B 477 -15.08 16.17 10.95
C PRO B 477 -15.35 17.44 11.78
N GLU B 478 -15.80 18.47 11.07
CA GLU B 478 -16.25 19.70 11.71
C GLU B 478 -17.51 19.50 12.52
N HIS B 479 -18.30 18.47 12.23
CA HIS B 479 -19.59 18.30 12.86
C HIS B 479 -20.02 16.86 12.71
N GLY B 480 -20.94 16.46 13.57
CA GLY B 480 -21.48 15.12 13.55
C GLY B 480 -22.07 14.77 14.90
N VAL B 481 -21.94 13.49 15.25
CA VAL B 481 -22.51 12.94 16.47
C VAL B 481 -21.41 12.36 17.33
N GLU B 482 -21.59 12.51 18.64
CA GLU B 482 -20.62 12.05 19.62
C GLU B 482 -20.88 10.59 19.97
N GLN B 483 -19.98 9.71 19.56
CA GLN B 483 -20.00 8.31 19.95
C GLN B 483 -18.85 8.01 20.90
N ALA B 484 -18.83 6.78 21.38
CA ALA B 484 -17.82 6.35 22.33
C ALA B 484 -16.50 6.17 21.60
N CYS B 485 -15.41 6.34 22.33
CA CYS B 485 -14.08 6.20 21.79
C CYS B 485 -13.12 5.92 22.92
N GLN B 486 -12.02 5.26 22.57
CA GLN B 486 -10.90 5.07 23.48
C GLN B 486 -9.69 5.76 22.86
N VAL B 487 -9.12 6.71 23.59
CA VAL B 487 -8.07 7.58 23.06
C VAL B 487 -6.95 7.68 24.08
N TYR B 488 -5.73 7.88 23.57
CA TYR B 488 -4.58 8.12 24.43
C TYR B 488 -4.70 9.49 25.07
N ALA B 489 -4.91 9.51 26.37
CA ALA B 489 -5.32 10.71 27.07
C ALA B 489 -4.13 11.63 27.35
N HIS B 490 -4.44 12.87 27.66
CA HIS B 490 -3.46 13.86 28.04
C HIS B 490 -3.05 13.74 29.51
N ASP B 491 -3.69 12.86 30.26
CA ASP B 491 -3.40 12.73 31.66
C ASP B 491 -2.06 12.04 31.88
N ALA B 492 -1.31 12.54 32.87
CA ALA B 492 -0.06 11.92 33.29
C ALA B 492 -0.19 11.19 34.62
N GLN B 493 -1.40 11.05 35.14
CA GLN B 493 -1.62 10.41 36.43
C GLN B 493 -1.29 8.92 36.34
N ASN B 494 -1.31 8.27 37.51
CA ASN B 494 -1.03 6.85 37.65
C ASN B 494 -2.35 6.11 37.70
N ARG B 495 -2.74 5.52 36.58
CA ARG B 495 -3.91 4.69 36.52
C ARG B 495 -3.64 3.26 36.93
N GLY B 496 -2.39 2.80 36.80
CA GLY B 496 -2.00 1.49 37.27
C GLY B 496 -0.99 0.75 36.42
N ALA B 497 -0.59 1.35 35.31
CA ALA B 497 0.40 0.74 34.44
C ALA B 497 1.79 1.14 34.87
N TYR B 498 2.77 0.30 34.54
CA TYR B 498 4.11 0.46 35.05
C TYR B 498 5.12 -0.13 34.08
N VAL B 499 6.28 0.53 33.99
CA VAL B 499 7.47 -0.01 33.36
C VAL B 499 8.56 -0.11 34.41
N GLU B 500 9.58 -0.88 34.08
CA GLU B 500 10.66 -1.14 35.01
C GLU B 500 11.62 0.03 35.03
N MET B 501 12.52 0.00 36.02
CA MET B 501 13.55 1.01 36.16
C MET B 501 14.68 0.41 36.95
N HIS B 502 15.79 0.10 36.28
CA HIS B 502 16.92 -0.50 36.94
C HIS B 502 18.20 0.13 36.43
N LEU B 503 19.31 -0.38 36.93
CA LEU B 503 20.58 0.27 36.75
C LEU B 503 20.97 0.33 35.28
N PRO B 504 21.87 1.23 34.91
CA PRO B 504 22.51 1.12 33.61
C PRO B 504 23.77 0.30 33.72
N GLY B 505 24.18 -0.24 32.59
CA GLY B 505 25.45 -0.91 32.52
C GLY B 505 26.58 0.07 32.39
N SER B 506 27.77 -0.40 32.72
CA SER B 506 28.95 0.43 32.60
C SER B 506 29.15 0.83 31.14
N GLU B 507 29.35 2.12 30.94
CA GLU B 507 29.25 2.76 29.64
C GLU B 507 30.64 3.12 29.15
N VAL B 508 30.96 2.72 27.94
CA VAL B 508 32.33 2.84 27.44
C VAL B 508 32.55 4.25 26.91
N ASP B 509 33.80 4.70 26.99
CA ASP B 509 34.15 6.06 26.61
C ASP B 509 35.62 6.05 26.20
N SER B 510 35.86 6.10 24.90
CA SER B 510 37.20 6.11 24.34
C SER B 510 37.85 7.48 24.39
N SER B 511 37.13 8.50 24.81
CA SER B 511 37.74 9.82 24.97
C SER B 511 38.58 9.91 26.22
N LEU B 512 38.25 9.13 27.24
CA LEU B 512 39.01 9.12 28.47
C LEU B 512 40.42 8.64 28.28
N VAL B 513 40.66 7.78 27.29
CA VAL B 513 41.93 7.11 27.10
C VAL B 513 42.67 7.80 25.97
N SER B 514 43.95 8.04 26.19
CA SER B 514 44.81 8.69 25.21
C SER B 514 46.19 8.06 25.29
N LEU B 515 47.09 8.53 24.42
CA LEU B 515 48.47 8.10 24.40
C LEU B 515 49.35 9.31 24.66
N SER B 516 50.16 9.23 25.71
CA SER B 516 51.07 10.29 26.11
C SER B 516 52.48 10.07 25.56
N GLY B 517 52.59 9.50 24.36
CA GLY B 517 53.86 9.29 23.73
C GLY B 517 54.43 7.90 23.95
N SER B 518 54.31 7.40 25.18
CA SER B 518 54.89 6.11 25.55
C SER B 518 53.99 5.23 26.38
N SER B 519 52.93 5.75 26.97
CA SER B 519 52.08 5.04 27.91
C SER B 519 50.64 5.10 27.42
N VAL B 520 49.70 4.67 28.26
CA VAL B 520 48.28 4.86 28.03
C VAL B 520 47.75 5.69 29.19
N THR B 521 47.14 6.82 28.87
CA THR B 521 46.73 7.80 29.87
C THR B 521 45.22 7.73 30.03
N VAL B 522 44.77 7.45 31.25
CA VAL B 522 43.36 7.37 31.59
C VAL B 522 43.01 8.61 32.39
N THR B 523 41.97 9.30 31.96
CA THR B 523 41.62 10.65 32.43
C THR B 523 40.12 10.67 32.74
N PRO B 524 39.71 10.25 33.93
CA PRO B 524 38.29 10.24 34.22
C PRO B 524 37.76 11.63 34.47
N PRO B 525 36.45 11.82 34.44
CA PRO B 525 35.88 13.12 34.79
C PRO B 525 35.76 13.28 36.30
N ASP B 526 35.70 14.53 36.73
CA ASP B 526 35.68 14.81 38.16
C ASP B 526 34.36 14.40 38.75
N GLY B 527 34.42 13.53 39.76
CA GLY B 527 33.27 13.11 40.54
C GLY B 527 32.95 11.65 40.41
N THR B 528 33.19 11.08 39.23
CA THR B 528 32.87 9.68 38.95
C THR B 528 34.14 8.92 38.58
N SER B 529 34.05 7.61 38.71
CA SER B 529 35.18 6.72 38.52
C SER B 529 35.12 6.06 37.15
N ALA B 530 36.23 5.42 36.80
CA ALA B 530 36.39 4.78 35.51
C ALA B 530 37.05 3.43 35.70
N LEU B 531 36.52 2.44 34.99
CA LEU B 531 37.07 1.09 35.00
C LEU B 531 37.92 0.91 33.76
N VAL B 532 39.09 0.33 33.94
CA VAL B 532 40.06 0.16 32.87
C VAL B 532 40.29 -1.33 32.67
N GLU B 533 40.01 -1.79 31.46
CA GLU B 533 40.32 -3.14 30.97
C GLU B 533 41.39 -3.02 29.90
N CYS B 534 42.59 -3.45 30.21
CA CYS B 534 43.70 -3.43 29.26
C CYS B 534 44.13 -4.87 28.95
N GLU B 535 45.10 -4.98 28.05
CA GLU B 535 45.62 -6.27 27.63
C GLU B 535 46.94 -6.10 26.89
N THR B 539 48.13 -7.93 31.82
CA THR B 539 46.68 -7.82 31.91
C THR B 539 46.28 -7.12 33.20
N LYS B 540 45.21 -6.34 33.17
CA LYS B 540 44.77 -5.62 34.35
C LYS B 540 43.30 -5.23 34.26
N ILE B 541 42.69 -5.11 35.43
CA ILE B 541 41.31 -4.68 35.60
C ILE B 541 41.32 -3.75 36.79
N SER B 542 41.17 -2.45 36.54
CA SER B 542 41.37 -1.44 37.57
C SER B 542 40.16 -0.53 37.67
N GLU B 543 40.11 0.20 38.78
CA GLU B 543 38.94 0.91 39.27
C GLU B 543 39.27 2.34 39.64
N THR B 544 39.87 3.08 38.71
CA THR B 544 40.45 4.39 39.03
C THR B 544 39.38 5.37 39.50
N ILE B 545 39.63 5.96 40.67
CA ILE B 545 38.71 6.91 41.28
C ILE B 545 38.81 8.22 40.53
N ASN B 546 39.96 8.86 40.65
CA ASN B 546 40.21 10.14 40.01
C ASN B 546 41.73 10.32 39.99
N LYS B 547 42.33 10.06 38.84
CA LYS B 547 43.75 10.27 38.65
C LYS B 547 44.08 10.13 37.17
N THR B 548 44.79 11.12 36.63
CA THR B 548 45.26 11.02 35.26
C THR B 548 46.38 9.99 35.20
N LYS B 549 46.03 8.71 35.21
CA LYS B 549 47.02 7.65 35.40
C LYS B 549 47.66 7.23 34.10
N GLN B 550 48.96 6.93 34.18
CA GLN B 550 49.73 6.43 33.06
C GLN B 550 50.01 4.94 33.28
N PHE B 551 49.70 4.13 32.28
CA PHE B 551 49.96 2.71 32.32
C PHE B 551 51.07 2.36 31.34
N SER B 552 52.05 1.64 31.85
CA SER B 552 53.05 0.97 31.03
C SER B 552 52.47 -0.37 30.59
N GLN B 553 53.29 -1.20 29.95
CA GLN B 553 52.87 -2.48 29.39
C GLN B 553 51.77 -2.31 28.35
N CYS B 554 51.59 -1.12 27.81
CA CYS B 554 50.53 -0.84 26.84
C CYS B 554 51.05 0.24 25.91
N THR B 555 51.36 -0.15 24.68
CA THR B 555 51.90 0.80 23.71
C THR B 555 50.78 1.63 23.11
N LYS B 556 49.77 0.97 22.56
CA LYS B 556 48.67 1.63 21.88
C LYS B 556 47.43 1.65 22.76
N LYS B 557 46.53 2.56 22.43
CA LYS B 557 45.26 2.71 23.13
C LYS B 557 44.15 1.88 22.51
N GLU B 558 44.41 1.17 21.41
CA GLU B 558 43.47 0.20 20.89
C GLU B 558 43.30 -1.01 21.78
N GLN B 559 44.16 -1.16 22.78
CA GLN B 559 44.16 -2.28 23.71
C GLN B 559 43.26 -2.01 24.90
N CYS B 560 43.37 -0.81 25.44
CA CYS B 560 42.71 -0.46 26.68
C CYS B 560 41.31 0.08 26.41
N ARG B 561 40.43 -0.15 27.36
CA ARG B 561 39.05 0.29 27.29
C ARG B 561 38.64 0.88 28.62
N ALA B 562 37.98 2.03 28.55
CA ALA B 562 37.56 2.79 29.71
C ALA B 562 36.05 2.81 29.77
N TYR B 563 35.52 2.43 30.93
CA TYR B 563 34.09 2.34 31.17
C TYR B 563 33.72 3.36 32.25
N ARG B 564 32.74 4.20 31.95
CA ARG B 564 32.30 5.21 32.90
C ARG B 564 31.44 4.54 33.96
N LEU B 565 31.67 4.90 35.23
CA LEU B 565 30.91 4.37 36.35
C LEU B 565 30.10 5.50 36.97
N GLN B 566 28.81 5.52 36.67
CA GLN B 566 27.88 6.43 37.32
C GLN B 566 27.22 5.75 38.52
N ASN B 567 26.45 4.69 38.25
CA ASN B 567 25.82 3.87 39.27
C ASN B 567 24.99 4.70 40.26
N ASP B 568 24.43 5.80 39.77
CA ASP B 568 23.64 6.73 40.58
C ASP B 568 22.25 6.95 40.05
N LYS B 569 22.10 7.10 38.74
CA LYS B 569 20.81 7.30 38.10
C LYS B 569 20.41 6.03 37.35
N TRP B 570 19.10 5.83 37.26
CA TRP B 570 18.50 4.57 36.85
C TRP B 570 17.85 4.72 35.48
N VAL B 571 17.61 3.58 34.83
CA VAL B 571 17.17 3.57 33.44
C VAL B 571 16.16 2.46 33.16
N TYR B 572 15.45 2.64 32.05
CA TYR B 572 14.56 1.62 31.52
C TYR B 572 15.35 0.40 31.05
N ASN B 573 14.71 -0.76 31.12
CA ASN B 573 15.28 -2.02 30.69
C ASN B 573 15.33 -2.06 29.17
N SER B 574 16.15 -1.20 28.59
CA SER B 574 16.21 -1.09 27.16
C SER B 574 16.97 -2.26 26.56
N ASP B 575 16.56 -2.63 25.36
CA ASP B 575 17.27 -3.62 24.58
C ASP B 575 18.51 -3.09 23.90
N LYS B 576 18.85 -1.81 24.09
CA LYS B 576 19.98 -1.18 23.44
C LYS B 576 20.94 -0.54 24.44
N LEU B 577 20.82 -0.88 25.71
CA LEU B 577 21.84 -0.63 26.71
C LEU B 577 22.29 -1.97 27.27
N PRO B 578 23.49 -2.05 27.83
CA PRO B 578 23.89 -3.28 28.49
C PRO B 578 23.34 -3.38 29.91
N LYS B 579 23.54 -4.55 30.50
CA LYS B 579 22.95 -4.88 31.79
C LYS B 579 24.04 -5.08 32.81
N ALA B 580 23.89 -4.41 33.94
CA ALA B 580 24.84 -4.55 35.03
C ALA B 580 24.71 -5.93 35.66
N ALA B 581 25.50 -6.17 36.69
CA ALA B 581 25.65 -7.51 37.21
C ALA B 581 24.54 -7.88 38.18
N GLY B 582 24.47 -7.19 39.32
CA GLY B 582 23.90 -7.79 40.50
C GLY B 582 22.42 -8.08 40.50
N ALA B 583 21.59 -7.04 40.60
CA ALA B 583 20.16 -7.22 40.78
C ALA B 583 19.37 -6.66 39.61
N THR B 584 19.54 -5.38 39.32
CA THR B 584 18.86 -4.72 38.21
C THR B 584 17.34 -4.82 38.33
N LEU B 585 16.83 -4.32 39.45
CA LEU B 585 15.40 -3.99 39.56
C LEU B 585 15.27 -3.02 40.73
N LYS B 586 15.20 -1.73 40.43
CA LYS B 586 15.35 -0.67 41.41
C LYS B 586 14.14 0.27 41.47
N GLY B 587 13.00 -0.16 40.95
CA GLY B 587 11.77 0.58 41.08
C GLY B 587 10.86 0.39 39.89
N LYS B 588 9.78 1.16 39.90
CA LYS B 588 8.82 1.18 38.81
C LYS B 588 8.48 2.61 38.44
N LEU B 589 7.98 2.78 37.22
CA LEU B 589 7.66 4.09 36.66
C LEU B 589 6.32 4.02 35.96
N HIS B 590 5.42 4.94 36.28
CA HIS B 590 4.05 4.83 35.82
C HIS B 590 3.94 5.31 34.39
N VAL B 591 3.14 4.59 33.61
CA VAL B 591 3.08 4.78 32.18
C VAL B 591 2.00 5.83 31.90
N PRO B 592 2.33 6.98 31.37
CA PRO B 592 1.33 8.02 31.18
C PRO B 592 0.57 7.87 29.88
N PHE B 593 -0.44 8.71 29.75
CA PHE B 593 -1.13 8.90 28.49
C PHE B 593 -1.76 7.61 28.02
N LEU B 594 -2.47 6.95 28.92
CA LEU B 594 -3.00 5.63 28.64
C LEU B 594 -4.31 5.76 27.89
N LEU B 595 -4.85 4.61 27.54
CA LEU B 595 -6.04 4.54 26.72
C LEU B 595 -7.26 4.70 27.61
N ALA B 596 -7.88 5.87 27.51
CA ALA B 596 -8.99 6.25 28.36
C ALA B 596 -10.24 6.39 27.50
N ASP B 597 -11.37 6.04 28.11
CA ASP B 597 -12.63 6.12 27.41
C ASP B 597 -13.14 7.55 27.40
N GLY B 598 -13.93 7.86 26.39
CA GLY B 598 -14.44 9.21 26.23
C GLY B 598 -15.33 9.29 25.02
N LYS B 599 -15.59 10.53 24.60
CA LYS B 599 -16.51 10.82 23.53
C LYS B 599 -15.77 11.47 22.37
N CYS B 600 -16.10 11.06 21.16
CA CYS B 600 -15.46 11.53 19.96
C CYS B 600 -16.52 11.75 18.88
N THR B 601 -16.36 12.83 18.13
CA THR B 601 -17.27 13.14 17.05
C THR B 601 -16.98 12.27 15.85
N VAL B 602 -18.00 11.59 15.37
CA VAL B 602 -17.95 10.84 14.13
C VAL B 602 -18.92 11.52 13.18
N PRO B 603 -18.74 11.41 11.87
CA PRO B 603 -19.60 12.14 10.95
C PRO B 603 -20.88 11.40 10.62
N LEU B 604 -21.90 12.19 10.35
CA LEU B 604 -23.16 11.70 9.81
C LEU B 604 -23.16 11.85 8.30
N ALA B 605 -23.75 10.88 7.63
CA ALA B 605 -23.84 10.89 6.19
C ALA B 605 -25.10 11.63 5.73
N PRO B 606 -25.24 11.87 4.44
CA PRO B 606 -26.48 12.45 3.95
C PRO B 606 -27.64 11.49 4.10
N GLU B 607 -28.82 12.06 4.30
CA GLU B 607 -30.00 11.26 4.49
C GLU B 607 -30.44 10.71 3.14
N PRO B 608 -30.52 9.39 2.96
CA PRO B 608 -30.77 8.84 1.64
C PRO B 608 -32.22 9.02 1.23
N MET B 609 -32.45 8.89 -0.07
CA MET B 609 -33.77 9.07 -0.62
C MET B 609 -34.45 7.71 -0.75
N ILE B 610 -35.59 7.58 -0.08
CA ILE B 610 -36.27 6.30 0.12
C ILE B 610 -37.52 6.35 -0.74
N THR B 611 -37.58 5.51 -1.77
CA THR B 611 -38.77 5.38 -2.59
C THR B 611 -39.49 4.10 -2.23
N PHE B 612 -40.75 4.24 -1.86
CA PHE B 612 -41.58 3.14 -1.41
C PHE B 612 -42.19 2.43 -2.61
N GLY B 613 -42.18 1.11 -2.57
CA GLY B 613 -42.91 0.29 -3.50
C GLY B 613 -43.47 -0.92 -2.77
N PHE B 614 -44.38 -1.62 -3.43
CA PHE B 614 -44.97 -2.81 -2.87
C PHE B 614 -43.90 -3.84 -2.53
N ARG B 615 -43.76 -4.11 -1.25
CA ARG B 615 -42.74 -4.99 -0.73
C ARG B 615 -41.37 -4.61 -1.27
N SER B 616 -41.09 -3.31 -1.30
CA SER B 616 -39.87 -2.83 -1.90
C SER B 616 -39.50 -1.48 -1.31
N VAL B 617 -38.21 -1.33 -1.02
CA VAL B 617 -37.62 -0.06 -0.63
C VAL B 617 -36.43 0.20 -1.53
N SER B 618 -36.45 1.32 -2.23
CA SER B 618 -35.36 1.73 -3.11
C SER B 618 -34.61 2.85 -2.42
N LEU B 619 -33.37 2.56 -2.05
CA LEU B 619 -32.51 3.52 -1.35
C LEU B 619 -31.56 4.11 -2.36
N LYS B 620 -31.67 5.42 -2.57
CA LYS B 620 -30.66 6.19 -3.30
C LYS B 620 -29.70 6.74 -2.26
N LEU B 621 -28.48 6.20 -2.28
CA LEU B 621 -27.47 6.42 -1.26
C LEU B 621 -26.37 7.30 -1.87
N HIS B 622 -26.29 8.54 -1.39
CA HIS B 622 -25.32 9.54 -1.87
C HIS B 622 -24.35 9.87 -0.75
N PRO B 623 -23.22 9.17 -0.66
CA PRO B 623 -22.30 9.40 0.46
C PRO B 623 -21.37 10.58 0.20
N LYS B 624 -20.55 10.85 1.24
CA LYS B 624 -19.49 11.84 1.18
C LYS B 624 -18.15 11.17 1.43
N ASN B 625 -18.05 10.45 2.51
CA ASN B 625 -16.97 9.51 2.79
C ASN B 625 -17.51 8.10 2.68
N PRO B 626 -16.63 7.09 2.68
CA PRO B 626 -17.11 5.71 2.66
C PRO B 626 -17.97 5.40 3.87
N THR B 627 -19.00 4.61 3.65
CA THR B 627 -20.00 4.33 4.67
C THR B 627 -20.47 2.88 4.59
N TYR B 628 -20.73 2.30 5.74
CA TYR B 628 -21.29 0.97 5.82
C TYR B 628 -22.79 0.98 5.56
N LEU B 629 -23.27 -0.11 4.99
CA LEU B 629 -24.69 -0.38 4.79
C LEU B 629 -24.99 -1.68 5.50
N ILE B 630 -25.73 -1.58 6.59
CA ILE B 630 -25.98 -2.70 7.47
C ILE B 630 -27.48 -2.89 7.57
N THR B 631 -27.97 -3.99 7.04
CA THR B 631 -29.40 -4.23 6.94
C THR B 631 -29.72 -5.68 7.26
N ARG B 632 -30.93 -5.88 7.78
CA ARG B 632 -31.38 -7.22 8.10
C ARG B 632 -32.89 -7.31 8.03
N GLN B 633 -33.37 -8.54 7.97
CA GLN B 633 -34.78 -8.86 8.14
C GLN B 633 -34.99 -9.33 9.56
N LEU B 634 -36.17 -9.04 10.09
CA LEU B 634 -36.48 -9.27 11.49
C LEU B 634 -37.23 -10.58 11.70
N ALA B 635 -36.84 -11.59 10.95
CA ALA B 635 -37.40 -12.93 11.03
C ALA B 635 -36.30 -13.90 11.44
N ASP B 636 -36.63 -15.19 11.37
CA ASP B 636 -35.71 -16.21 11.84
C ASP B 636 -34.44 -16.23 11.01
N GLU B 637 -34.55 -15.90 9.73
CA GLU B 637 -33.43 -15.90 8.81
C GLU B 637 -33.22 -14.45 8.39
N PRO B 638 -32.28 -13.72 9.01
CA PRO B 638 -32.26 -12.28 8.82
C PRO B 638 -31.71 -11.83 7.50
N HIS B 639 -30.93 -12.66 6.81
CA HIS B 639 -30.31 -12.30 5.55
C HIS B 639 -29.47 -11.04 5.73
N TYR B 640 -28.45 -11.18 6.56
CA TYR B 640 -27.65 -10.05 6.98
C TYR B 640 -26.80 -9.52 5.84
N THR B 641 -26.94 -8.23 5.56
CA THR B 641 -26.15 -7.55 4.55
C THR B 641 -25.28 -6.49 5.21
N HIS B 642 -24.00 -6.49 4.84
CA HIS B 642 -22.99 -5.57 5.34
C HIS B 642 -22.08 -5.21 4.19
N GLU B 643 -22.29 -4.04 3.58
CA GLU B 643 -21.52 -3.66 2.42
C GLU B 643 -21.00 -2.24 2.56
N LEU B 644 -19.71 -2.08 2.28
CA LEU B 644 -19.10 -0.77 2.22
C LEU B 644 -19.44 -0.10 0.90
N ILE B 645 -19.84 1.16 0.97
CA ILE B 645 -20.31 1.92 -0.18
C ILE B 645 -19.56 3.24 -0.23
N SER B 646 -19.12 3.61 -1.42
CA SER B 646 -18.22 4.72 -1.65
C SER B 646 -18.53 5.47 -2.93
N GLU B 647 -19.58 5.11 -3.64
CA GLU B 647 -20.04 5.79 -4.84
C GLU B 647 -21.55 5.89 -4.74
N PRO B 648 -22.17 6.68 -5.61
CA PRO B 648 -23.63 6.79 -5.55
C PRO B 648 -24.29 5.47 -5.89
N ALA B 649 -24.96 4.91 -4.90
CA ALA B 649 -25.59 3.60 -5.04
C ALA B 649 -27.09 3.74 -5.13
N VAL B 650 -27.70 2.78 -5.80
CA VAL B 650 -29.13 2.55 -5.77
C VAL B 650 -29.32 1.09 -5.39
N ARG B 651 -29.92 0.86 -4.24
CA ARG B 651 -30.09 -0.49 -3.71
C ARG B 651 -31.56 -0.73 -3.40
N ASN B 652 -32.13 -1.72 -4.07
CA ASN B 652 -33.52 -2.07 -3.91
C ASN B 652 -33.60 -3.31 -3.03
N PHE B 653 -34.26 -3.17 -1.89
CA PHE B 653 -34.43 -4.23 -0.91
C PHE B 653 -35.90 -4.59 -0.82
N THR B 654 -36.16 -5.76 -0.22
CA THR B 654 -37.50 -6.27 -0.02
C THR B 654 -37.87 -6.23 1.46
N VAL B 655 -39.13 -5.94 1.73
CA VAL B 655 -39.64 -5.79 3.07
C VAL B 655 -40.93 -6.60 3.20
N THR B 656 -40.93 -7.53 4.14
CA THR B 656 -42.08 -8.40 4.36
C THR B 656 -43.01 -7.75 5.37
N GLU B 657 -44.00 -8.52 5.81
CA GLU B 657 -44.86 -8.12 6.91
C GLU B 657 -44.14 -8.10 8.23
N LYS B 658 -43.02 -8.79 8.32
CA LYS B 658 -42.30 -8.97 9.58
C LYS B 658 -41.41 -7.79 9.92
N GLY B 659 -40.71 -7.23 8.94
CA GLY B 659 -39.97 -6.00 9.13
C GLY B 659 -38.61 -6.03 8.47
N TRP B 660 -37.92 -4.91 8.58
CA TRP B 660 -36.63 -4.73 7.93
C TRP B 660 -35.90 -3.58 8.59
N GLU B 661 -34.68 -3.82 9.04
CA GLU B 661 -33.86 -2.81 9.68
C GLU B 661 -32.78 -2.34 8.72
N PHE B 662 -32.46 -1.06 8.83
CA PHE B 662 -31.58 -0.32 7.94
C PHE B 662 -30.71 0.60 8.76
N VAL B 663 -29.41 0.55 8.51
CA VAL B 663 -28.42 1.33 9.21
C VAL B 663 -27.42 1.84 8.19
N TRP B 664 -27.48 3.12 7.90
CA TRP B 664 -26.55 3.81 7.02
C TRP B 664 -25.62 4.61 7.90
N GLY B 665 -24.42 4.10 8.07
CA GLY B 665 -23.41 4.82 8.79
C GLY B 665 -23.72 4.93 10.25
N ASN B 666 -23.39 6.06 10.83
CA ASN B 666 -23.58 6.32 12.23
C ASN B 666 -24.95 6.90 12.52
N HIS B 667 -25.86 6.87 11.57
CA HIS B 667 -27.23 7.20 11.85
C HIS B 667 -27.83 6.14 12.77
N PRO B 668 -28.89 6.45 13.49
CA PRO B 668 -29.49 5.46 14.33
C PRO B 668 -30.17 4.39 13.51
N PRO B 669 -30.68 3.34 14.13
CA PRO B 669 -31.44 2.34 13.39
C PRO B 669 -32.71 2.90 12.82
N LYS B 670 -33.13 2.34 11.70
CA LYS B 670 -34.40 2.69 11.08
C LYS B 670 -35.09 1.43 10.61
N ARG B 671 -36.30 1.20 11.12
CA ARG B 671 -37.07 0.00 10.85
C ARG B 671 -38.26 0.33 9.97
N PHE B 672 -38.66 -0.66 9.17
CA PHE B 672 -39.76 -0.52 8.24
C PHE B 672 -40.59 -1.79 8.25
N TRP B 673 -41.88 -1.63 7.96
CA TRP B 673 -42.81 -2.73 7.83
C TRP B 673 -43.74 -2.47 6.66
N ALA B 674 -44.21 -3.56 6.06
CA ALA B 674 -45.11 -3.50 4.91
C ALA B 674 -46.55 -3.65 5.37
N GLN B 675 -47.46 -3.28 4.48
CA GLN B 675 -48.86 -3.57 4.69
C GLN B 675 -49.57 -3.70 3.35
N GLU B 676 -50.64 -4.50 3.35
CA GLU B 676 -51.21 -5.07 2.15
C GLU B 676 -51.78 -3.97 1.26
N THR B 677 -51.28 -3.90 0.02
CA THR B 677 -51.87 -3.10 -1.03
C THR B 677 -52.37 -3.95 -2.19
N ALA B 678 -51.51 -4.73 -2.82
CA ALA B 678 -51.84 -5.49 -4.02
C ALA B 678 -51.02 -6.76 -4.09
N GLU C 814 35.53 -57.55 -16.59
CA GLU C 814 35.16 -56.15 -16.69
C GLU C 814 33.77 -55.92 -16.14
N HIS C 815 33.70 -55.43 -14.92
CA HIS C 815 32.41 -55.24 -14.28
C HIS C 815 31.73 -54.02 -14.85
N ALA C 816 30.45 -54.19 -15.18
CA ALA C 816 29.62 -53.14 -15.75
C ALA C 816 28.41 -52.97 -14.86
N THR C 817 27.96 -51.72 -14.71
CA THR C 817 26.87 -51.42 -13.80
C THR C 817 26.24 -50.09 -14.19
N THR C 818 25.26 -49.67 -13.38
CA THR C 818 24.45 -48.49 -13.64
C THR C 818 23.94 -47.98 -12.30
N MET C 819 23.99 -46.67 -12.10
CA MET C 819 23.73 -46.03 -10.83
C MET C 819 22.66 -44.96 -10.94
N PRO C 820 21.93 -44.69 -9.85
CA PRO C 820 21.05 -43.52 -9.85
C PRO C 820 21.84 -42.26 -9.50
N SER C 821 21.65 -41.21 -10.30
CA SER C 821 22.30 -39.94 -10.09
C SER C 821 21.59 -39.23 -8.95
N GLN C 822 22.20 -39.25 -7.78
CA GLN C 822 21.59 -38.66 -6.60
C GLN C 822 22.63 -38.54 -5.51
N ALA C 823 22.59 -37.43 -4.78
CA ALA C 823 23.55 -37.17 -3.74
C ALA C 823 23.21 -37.93 -2.47
N GLY C 824 24.24 -38.38 -1.76
CA GLY C 824 24.05 -39.02 -0.48
C GLY C 824 23.42 -40.38 -0.56
N ILE C 825 23.68 -41.12 -1.63
CA ILE C 825 23.07 -42.42 -1.88
C ILE C 825 24.20 -43.39 -2.18
N SER C 826 24.57 -44.18 -1.18
CA SER C 826 25.65 -45.13 -1.32
C SER C 826 25.21 -46.31 -2.18
N TYR C 827 25.95 -46.57 -3.25
CA TYR C 827 25.65 -47.64 -4.17
C TYR C 827 26.72 -48.71 -4.03
N ASN C 828 26.28 -49.94 -3.83
CA ASN C 828 27.12 -51.02 -3.33
C ASN C 828 26.91 -52.24 -4.22
N THR C 829 27.95 -52.64 -4.94
CA THR C 829 27.84 -53.69 -5.94
C THR C 829 28.96 -54.71 -5.78
N ILE C 830 28.79 -55.84 -6.47
CA ILE C 830 29.58 -57.04 -6.27
C ILE C 830 30.04 -57.58 -7.61
N VAL C 831 31.20 -58.25 -7.61
CA VAL C 831 31.76 -58.91 -8.79
C VAL C 831 31.96 -60.39 -8.45
N ASN C 832 31.02 -61.22 -8.89
CA ASN C 832 31.05 -62.64 -8.62
C ASN C 832 31.73 -63.35 -9.78
N ARG C 833 32.93 -63.87 -9.54
CA ARG C 833 33.63 -64.65 -10.55
C ARG C 833 34.37 -65.80 -9.87
N ALA C 834 34.64 -66.85 -10.63
CA ALA C 834 35.15 -68.10 -10.09
C ALA C 834 36.49 -67.91 -9.40
N GLY C 835 36.92 -68.95 -8.70
CA GLY C 835 38.22 -68.97 -8.04
C GLY C 835 38.27 -68.09 -6.80
N TYR C 836 38.08 -66.80 -6.99
CA TYR C 836 38.21 -65.80 -5.94
C TYR C 836 36.83 -65.33 -5.49
N ALA C 837 36.81 -64.33 -4.62
CA ALA C 837 35.64 -63.90 -3.87
C ALA C 837 34.98 -62.69 -4.49
N PRO C 838 33.78 -62.33 -4.01
CA PRO C 838 33.19 -61.06 -4.42
C PRO C 838 33.93 -59.88 -3.81
N LEU C 839 33.78 -58.72 -4.44
CA LEU C 839 34.42 -57.48 -4.02
C LEU C 839 33.36 -56.41 -3.79
N PRO C 840 33.29 -55.78 -2.62
CA PRO C 840 32.32 -54.70 -2.46
C PRO C 840 32.84 -53.40 -3.03
N ILE C 841 32.13 -52.89 -4.02
CA ILE C 841 32.44 -51.61 -4.65
C ILE C 841 31.40 -50.64 -4.16
N SER C 842 31.83 -49.65 -3.37
CA SER C 842 30.96 -48.70 -2.69
C SER C 842 31.25 -47.32 -3.25
N ILE C 843 30.22 -46.67 -3.78
CA ILE C 843 30.35 -45.36 -4.39
C ILE C 843 29.38 -44.42 -3.70
N THR C 844 29.79 -43.17 -3.54
CA THR C 844 29.03 -42.20 -2.76
C THR C 844 29.18 -40.84 -3.44
N PRO C 845 28.41 -40.59 -4.50
CA PRO C 845 28.53 -39.32 -5.21
C PRO C 845 28.01 -38.18 -4.36
N THR C 846 28.89 -37.23 -4.04
CA THR C 846 28.55 -36.11 -3.19
C THR C 846 28.13 -34.87 -3.97
N LYS C 847 28.39 -34.82 -5.26
CA LYS C 847 28.04 -33.64 -6.04
C LYS C 847 27.97 -34.05 -7.51
N ILE C 848 26.83 -33.76 -8.14
CA ILE C 848 26.59 -34.09 -9.54
C ILE C 848 26.21 -32.78 -10.21
N LYS C 849 27.04 -32.33 -11.14
CA LYS C 849 27.03 -30.98 -11.66
C LYS C 849 26.84 -31.00 -13.17
N LEU C 850 26.28 -29.91 -13.70
CA LEU C 850 25.97 -29.79 -15.12
C LEU C 850 26.36 -28.39 -15.60
N ILE C 851 27.60 -28.27 -16.04
CA ILE C 851 28.15 -27.01 -16.55
C ILE C 851 27.97 -27.00 -18.07
N PRO C 852 27.21 -26.07 -18.64
CA PRO C 852 27.07 -26.01 -20.09
C PRO C 852 28.10 -25.11 -20.77
N THR C 853 28.04 -25.14 -22.09
CA THR C 853 28.84 -24.26 -22.91
C THR C 853 28.01 -23.01 -23.14
N VAL C 854 28.60 -21.86 -22.87
CA VAL C 854 27.88 -20.60 -22.84
C VAL C 854 28.65 -19.57 -23.63
N ASN C 855 28.05 -19.10 -24.71
CA ASN C 855 28.56 -17.99 -25.50
C ASN C 855 27.78 -16.74 -25.15
N LEU C 856 28.51 -15.70 -24.77
CA LEU C 856 27.89 -14.40 -24.54
C LEU C 856 27.38 -13.83 -25.86
N GLU C 857 26.17 -13.30 -25.84
CA GLU C 857 25.56 -12.67 -27.00
C GLU C 857 25.50 -11.16 -26.84
N TYR C 858 25.00 -10.67 -25.71
CA TYR C 858 25.10 -9.26 -25.38
C TYR C 858 24.85 -9.05 -23.90
N VAL C 859 24.93 -7.79 -23.49
CA VAL C 859 24.59 -7.35 -22.16
C VAL C 859 23.65 -6.16 -22.30
N THR C 860 22.95 -5.86 -21.22
CA THR C 860 21.99 -4.77 -21.27
C THR C 860 21.72 -4.23 -19.88
N CYS C 861 21.54 -2.92 -19.82
CA CYS C 861 21.25 -2.18 -18.64
C CYS C 861 20.22 -1.13 -19.03
N HIS C 862 20.00 -0.16 -18.16
CA HIS C 862 19.18 0.98 -18.52
C HIS C 862 19.83 1.79 -19.64
N TYR C 863 19.16 2.86 -20.03
CA TYR C 863 19.77 3.86 -20.90
C TYR C 863 19.65 5.25 -20.33
N LYS C 864 20.40 6.14 -20.94
CA LYS C 864 20.56 7.52 -20.53
C LYS C 864 20.37 8.36 -21.79
N THR C 865 19.25 9.04 -21.88
CA THR C 865 18.91 9.73 -23.11
C THR C 865 19.80 10.95 -23.24
N GLY C 866 20.86 10.81 -24.00
CA GLY C 866 21.79 11.91 -24.21
C GLY C 866 21.16 12.95 -25.10
N MET C 867 21.05 14.16 -24.58
CA MET C 867 20.47 15.29 -25.29
C MET C 867 21.55 16.36 -25.43
N ASP C 868 22.32 16.28 -26.50
CA ASP C 868 23.29 17.32 -26.79
C ASP C 868 22.60 18.65 -26.91
N SER C 869 23.35 19.70 -26.63
CA SER C 869 22.74 20.98 -26.35
C SER C 869 22.13 21.58 -27.62
N PRO C 870 21.17 22.49 -27.48
CA PRO C 870 20.58 23.12 -28.66
C PRO C 870 21.49 24.17 -29.28
N ALA C 871 21.53 24.17 -30.61
CA ALA C 871 21.93 25.33 -31.38
C ALA C 871 20.69 26.16 -31.68
N ILE C 872 20.69 27.40 -31.22
CA ILE C 872 19.64 28.37 -31.49
C ILE C 872 20.23 29.37 -32.45
N LYS C 873 19.69 29.40 -33.65
CA LYS C 873 20.09 30.34 -34.68
C LYS C 873 19.14 31.52 -34.66
N CYS C 874 19.71 32.70 -34.72
CA CYS C 874 18.97 33.93 -34.50
C CYS C 874 18.76 34.61 -35.84
N CYS C 875 17.53 34.61 -36.31
CA CYS C 875 17.15 35.31 -37.53
C CYS C 875 17.87 34.69 -38.73
N GLY C 876 18.11 33.39 -38.66
CA GLY C 876 18.71 32.63 -39.73
C GLY C 876 18.19 31.22 -39.72
N SER C 877 18.85 30.31 -40.44
CA SER C 877 18.44 28.92 -40.52
C SER C 877 19.61 28.01 -40.19
N GLN C 878 19.32 26.73 -40.08
CA GLN C 878 20.31 25.69 -39.80
C GLN C 878 19.88 24.40 -40.46
N GLU C 879 20.85 23.50 -40.58
CA GLU C 879 20.65 22.20 -41.20
C GLU C 879 21.31 21.14 -40.36
N CYS C 880 20.63 20.02 -40.21
CA CYS C 880 21.09 18.94 -39.36
C CYS C 880 22.36 18.30 -39.91
N THR C 881 22.91 17.39 -39.12
CA THR C 881 24.14 16.68 -39.44
C THR C 881 24.10 15.29 -38.83
N PRO C 882 24.01 14.21 -39.62
CA PRO C 882 23.76 12.90 -39.00
C PRO C 882 25.00 12.28 -38.36
N THR C 883 25.29 12.70 -37.14
CA THR C 883 26.38 12.09 -36.39
C THR C 883 25.96 10.70 -35.94
N TYR C 884 26.78 9.71 -36.25
CA TYR C 884 26.41 8.32 -36.00
C TYR C 884 26.59 8.03 -34.51
N ARG C 885 25.51 8.18 -33.78
CA ARG C 885 25.42 7.82 -32.37
C ARG C 885 24.18 6.96 -32.17
N PRO C 886 24.10 6.22 -31.07
CA PRO C 886 22.97 5.29 -30.90
C PRO C 886 21.64 6.02 -30.79
N ASP C 887 20.65 5.46 -31.48
CA ASP C 887 19.30 6.01 -31.60
C ASP C 887 19.33 7.50 -31.85
N GLU C 888 20.21 7.91 -32.74
CA GLU C 888 20.36 9.32 -33.07
C GLU C 888 19.08 9.83 -33.69
N GLN C 889 18.70 11.03 -33.33
CA GLN C 889 17.51 11.65 -33.86
C GLN C 889 17.68 13.16 -33.78
N CYS C 890 17.60 13.80 -34.93
CA CYS C 890 17.93 15.21 -35.08
C CYS C 890 16.83 15.87 -35.88
N LYS C 891 16.49 17.10 -35.52
CA LYS C 891 15.37 17.75 -36.17
C LYS C 891 15.43 19.25 -35.92
N VAL C 892 14.96 19.99 -36.92
CA VAL C 892 15.01 21.44 -36.94
C VAL C 892 13.60 21.97 -36.70
N PHE C 893 13.48 22.88 -35.72
CA PHE C 893 12.24 23.57 -35.44
C PHE C 893 12.39 25.03 -35.79
N THR C 894 11.31 25.61 -36.31
CA THR C 894 11.29 26.99 -36.77
C THR C 894 10.23 27.77 -36.03
N GLY C 895 10.57 29.01 -35.68
CA GLY C 895 9.63 29.94 -35.11
C GLY C 895 9.68 30.07 -33.60
N VAL C 896 10.82 29.79 -32.99
CA VAL C 896 10.93 29.84 -31.53
C VAL C 896 11.29 31.26 -31.09
N TYR C 897 11.05 31.52 -29.79
CA TYR C 897 11.32 32.82 -29.18
C TYR C 897 11.71 32.56 -27.74
N PRO C 898 12.90 32.02 -27.51
CA PRO C 898 13.24 31.54 -26.17
C PRO C 898 13.58 32.66 -25.21
N PHE C 899 13.20 32.43 -23.96
CA PHE C 899 13.62 33.24 -22.83
C PHE C 899 14.80 32.59 -22.14
N MET C 900 15.59 33.44 -21.48
CA MET C 900 16.63 33.00 -20.57
C MET C 900 16.52 33.86 -19.32
N TRP C 901 17.43 33.71 -18.36
CA TRP C 901 17.27 34.49 -17.14
C TRP C 901 17.51 35.95 -17.40
N GLY C 902 18.43 36.27 -18.29
CA GLY C 902 18.73 37.63 -18.65
C GLY C 902 17.98 38.07 -19.88
N GLY C 903 16.76 37.57 -20.01
CA GLY C 903 15.87 38.03 -21.05
C GLY C 903 15.88 37.13 -22.28
N ALA C 904 15.27 37.66 -23.32
CA ALA C 904 15.09 36.93 -24.57
C ALA C 904 16.41 36.78 -25.29
N TYR C 905 16.38 35.93 -26.32
CA TYR C 905 17.56 35.55 -27.08
C TYR C 905 17.65 36.17 -28.47
N CYS C 906 16.58 36.75 -29.00
CA CYS C 906 16.56 37.19 -30.38
C CYS C 906 15.61 38.36 -30.63
N PHE C 907 15.87 39.06 -31.74
CA PHE C 907 15.11 40.21 -32.18
C PHE C 907 14.24 39.93 -33.40
N CYS C 908 14.40 38.77 -34.03
CA CYS C 908 13.54 38.31 -35.11
C CYS C 908 12.60 37.25 -34.55
N ASP C 909 11.33 37.60 -34.40
CA ASP C 909 10.36 36.65 -33.87
C ASP C 909 10.25 35.43 -34.77
N THR C 910 9.90 35.64 -36.03
CA THR C 910 10.05 34.61 -37.04
C THR C 910 11.52 34.50 -37.44
N GLU C 911 11.80 33.54 -38.31
CA GLU C 911 13.13 33.33 -38.88
C GLU C 911 14.19 32.92 -37.86
N ASN C 912 13.80 32.60 -36.63
CA ASN C 912 14.71 31.94 -35.71
C ASN C 912 14.69 30.45 -35.98
N THR C 913 15.55 29.70 -35.29
CA THR C 913 15.60 28.26 -35.49
C THR C 913 16.23 27.60 -34.29
N GLN C 914 15.80 26.36 -34.01
CA GLN C 914 16.32 25.57 -32.92
C GLN C 914 16.53 24.15 -33.39
N VAL C 915 17.78 23.68 -33.35
CA VAL C 915 18.13 22.37 -33.86
C VAL C 915 18.32 21.43 -32.67
N SER C 916 17.43 20.47 -32.55
CA SER C 916 17.47 19.47 -31.51
C SER C 916 18.17 18.22 -31.98
N LYS C 917 18.75 17.51 -31.03
CA LYS C 917 19.54 16.33 -31.30
C LYS C 917 19.54 15.49 -30.02
N ALA C 918 19.07 14.25 -30.12
CA ALA C 918 18.94 13.37 -28.97
C ALA C 918 19.43 11.98 -29.33
N TYR C 919 20.07 11.33 -28.35
CA TYR C 919 20.64 10.02 -28.53
C TYR C 919 20.54 9.25 -27.23
N VAL C 920 20.96 7.98 -27.28
CA VAL C 920 20.68 7.01 -26.24
C VAL C 920 21.98 6.30 -25.90
N MET C 921 22.71 6.82 -24.91
CA MET C 921 23.88 6.16 -24.35
C MET C 921 23.47 5.46 -23.07
N LYS C 922 24.30 4.52 -22.65
CA LYS C 922 23.92 3.61 -21.60
C LYS C 922 24.28 4.17 -20.24
N SER C 923 23.64 3.60 -19.22
CA SER C 923 23.77 4.07 -17.87
C SER C 923 25.22 4.05 -17.42
N ASP C 924 25.55 5.00 -16.55
CA ASP C 924 26.87 5.03 -15.93
C ASP C 924 27.02 3.94 -14.90
N ASP C 925 25.92 3.36 -14.43
CA ASP C 925 25.94 2.26 -13.48
C ASP C 925 25.96 0.90 -14.16
N CYS C 926 26.40 0.83 -15.42
CA CYS C 926 26.21 -0.35 -16.24
C CYS C 926 27.31 -1.37 -16.08
N LEU C 927 28.00 -1.38 -14.95
CA LEU C 927 29.01 -2.38 -14.60
C LEU C 927 28.55 -3.31 -13.52
N ALA C 928 27.59 -2.88 -12.70
CA ALA C 928 27.02 -3.66 -11.62
C ALA C 928 25.59 -4.07 -11.85
N ASP C 929 24.78 -3.21 -12.47
CA ASP C 929 23.37 -3.48 -12.75
C ASP C 929 23.24 -3.66 -14.24
N HIS C 930 23.52 -4.87 -14.70
CA HIS C 930 23.37 -5.22 -16.09
C HIS C 930 23.13 -6.72 -16.18
N ALA C 931 22.12 -7.09 -16.94
CA ALA C 931 21.85 -8.49 -17.25
C ALA C 931 22.60 -8.87 -18.50
N GLU C 932 23.26 -10.02 -18.45
CA GLU C 932 24.02 -10.54 -19.57
C GLU C 932 23.32 -11.76 -20.14
N ALA C 933 23.00 -11.69 -21.42
CA ALA C 933 22.31 -12.75 -22.12
C ALA C 933 23.28 -13.79 -22.64
N TYR C 934 22.74 -14.92 -23.05
CA TYR C 934 23.51 -16.13 -23.30
C TYR C 934 22.75 -17.05 -24.23
N LYS C 935 23.48 -17.70 -25.13
CA LYS C 935 23.03 -18.92 -25.78
C LYS C 935 23.75 -20.08 -25.12
N ALA C 936 23.01 -21.16 -24.87
CA ALA C 936 23.54 -22.34 -24.20
C ALA C 936 23.28 -23.59 -25.02
N HIS C 937 24.16 -24.56 -24.87
CA HIS C 937 24.12 -25.78 -25.66
C HIS C 937 25.18 -26.73 -25.16
N THR C 938 25.00 -28.01 -25.49
CA THR C 938 26.03 -29.05 -25.36
C THR C 938 26.55 -29.11 -23.92
N ALA C 939 25.62 -29.47 -23.03
CA ALA C 939 25.91 -29.59 -21.62
C ALA C 939 27.07 -30.54 -21.36
N SER C 940 27.76 -30.30 -20.26
CA SER C 940 28.88 -31.11 -19.81
C SER C 940 28.67 -31.44 -18.35
N VAL C 941 28.52 -32.69 -18.06
CA VAL C 941 28.18 -33.17 -16.73
C VAL C 941 29.43 -33.68 -16.05
N GLN C 942 29.41 -33.64 -14.72
CA GLN C 942 30.61 -33.81 -13.92
C GLN C 942 30.21 -34.33 -12.54
N ALA C 943 31.14 -35.01 -11.87
CA ALA C 943 30.82 -35.61 -10.58
C ALA C 943 32.05 -35.77 -9.71
N PHE C 944 31.82 -35.71 -8.39
CA PHE C 944 32.83 -35.94 -7.36
C PHE C 944 32.48 -37.24 -6.64
N LEU C 945 33.30 -38.26 -6.81
CA LEU C 945 33.02 -39.60 -6.31
C LEU C 945 34.01 -40.01 -5.22
N ASN C 946 33.48 -40.60 -4.14
CA ASN C 946 34.28 -41.40 -3.21
C ASN C 946 34.23 -42.87 -3.61
N ILE C 947 34.82 -43.14 -4.78
CA ILE C 947 34.98 -44.51 -5.23
C ILE C 947 35.66 -45.35 -4.16
N THR C 948 35.25 -46.62 -4.08
CA THR C 948 35.87 -47.56 -3.15
C THR C 948 35.95 -48.90 -3.85
N VAL C 949 37.17 -49.35 -4.13
CA VAL C 949 37.43 -50.67 -4.70
C VAL C 949 38.50 -51.31 -3.81
N GLY C 950 38.06 -52.06 -2.82
CA GLY C 950 38.98 -52.74 -1.93
C GLY C 950 39.63 -51.80 -0.93
N GLU C 951 38.83 -51.17 -0.09
CA GLU C 951 39.29 -50.31 1.00
C GLU C 951 40.02 -49.06 0.51
N HIS C 952 39.75 -48.64 -0.73
CA HIS C 952 40.35 -47.42 -1.29
C HIS C 952 39.28 -46.32 -1.37
N SER C 953 39.11 -45.61 -0.25
CA SER C 953 38.06 -44.60 -0.16
C SER C 953 38.57 -43.25 -0.66
N ILE C 954 39.46 -43.28 -1.64
CA ILE C 954 39.90 -42.07 -2.32
C ILE C 954 38.70 -41.30 -2.87
N VAL C 955 38.93 -40.01 -3.08
CA VAL C 955 37.95 -39.11 -3.69
C VAL C 955 38.57 -38.59 -4.97
N THR C 956 37.74 -38.31 -5.96
CA THR C 956 38.23 -37.83 -7.24
C THR C 956 37.06 -37.26 -8.03
N THR C 957 37.36 -36.88 -9.27
CA THR C 957 36.43 -36.16 -10.14
C THR C 957 36.39 -36.83 -11.49
N VAL C 958 35.21 -36.91 -12.08
CA VAL C 958 35.02 -37.53 -13.38
C VAL C 958 34.04 -36.71 -14.20
N TYR C 959 34.44 -36.41 -15.43
CA TYR C 959 33.60 -35.76 -16.42
C TYR C 959 32.91 -36.86 -17.21
N VAL C 960 31.61 -37.02 -17.02
CA VAL C 960 30.93 -38.17 -17.57
C VAL C 960 30.74 -37.94 -19.06
N ASN C 961 31.73 -38.40 -19.83
CA ASN C 961 31.74 -38.22 -21.27
C ASN C 961 32.27 -39.45 -22.01
N GLY C 962 32.57 -40.54 -21.31
CA GLY C 962 33.11 -41.73 -21.95
C GLY C 962 34.60 -41.78 -21.84
N GLU C 963 35.28 -41.36 -22.90
CA GLU C 963 36.74 -41.37 -22.92
C GLU C 963 37.33 -40.27 -22.03
N THR C 964 37.03 -40.34 -20.73
CA THR C 964 37.59 -39.42 -19.72
C THR C 964 38.01 -40.28 -18.53
N PRO C 965 38.99 -41.14 -18.71
CA PRO C 965 39.28 -42.14 -17.69
C PRO C 965 40.00 -41.58 -16.49
N VAL C 966 39.73 -42.20 -15.36
CA VAL C 966 40.52 -42.07 -14.15
C VAL C 966 41.33 -43.34 -13.99
N ASN C 967 42.43 -43.23 -13.26
CA ASN C 967 43.36 -44.33 -13.07
C ASN C 967 44.06 -44.11 -11.74
N PHE C 968 43.59 -44.78 -10.70
CA PHE C 968 44.20 -44.66 -9.38
C PHE C 968 44.98 -45.91 -8.99
N ASN C 969 44.40 -47.09 -9.13
CA ASN C 969 45.06 -48.33 -8.73
C ASN C 969 44.46 -49.44 -9.59
N GLY C 970 45.16 -49.80 -10.66
CA GLY C 970 44.77 -50.95 -11.45
C GLY C 970 43.50 -50.73 -12.24
N VAL C 971 42.40 -50.52 -11.54
CA VAL C 971 41.11 -50.34 -12.18
C VAL C 971 41.04 -48.99 -12.84
N LYS C 972 40.40 -48.93 -14.00
CA LYS C 972 40.05 -47.69 -14.67
C LYS C 972 38.55 -47.61 -14.79
N ILE C 973 38.01 -46.41 -14.63
CA ILE C 973 36.58 -46.19 -14.48
C ILE C 973 36.16 -45.17 -15.52
N THR C 974 35.46 -45.63 -16.55
CA THR C 974 34.98 -44.76 -17.61
C THR C 974 33.51 -44.46 -17.33
N ALA C 975 33.29 -43.67 -16.29
CA ALA C 975 31.96 -43.17 -16.00
C ALA C 975 31.48 -42.30 -17.14
N GLY C 976 30.32 -42.62 -17.69
CA GLY C 976 29.78 -41.95 -18.83
C GLY C 976 28.92 -42.87 -19.67
N PRO C 977 27.93 -42.33 -20.39
CA PRO C 977 27.47 -40.95 -20.46
C PRO C 977 26.50 -40.72 -19.32
N LEU C 978 25.63 -39.73 -19.46
CA LEU C 978 24.40 -39.66 -18.68
C LEU C 978 23.26 -40.11 -19.58
N SER C 979 22.32 -40.83 -19.01
CA SER C 979 21.29 -41.49 -19.80
C SER C 979 20.20 -40.55 -20.28
N THR C 980 20.40 -39.24 -20.20
CA THR C 980 19.45 -38.28 -20.75
C THR C 980 20.22 -37.00 -21.04
N ALA C 981 19.81 -36.31 -22.09
CA ALA C 981 20.40 -35.04 -22.46
C ALA C 981 19.68 -33.87 -21.86
N TRP C 982 19.04 -34.11 -20.72
CA TRP C 982 18.18 -33.11 -20.13
C TRP C 982 19.01 -31.97 -19.58
N THR C 983 18.50 -30.76 -19.75
CA THR C 983 18.96 -29.60 -19.05
C THR C 983 17.77 -28.83 -18.52
N PRO C 984 17.87 -28.20 -17.35
CA PRO C 984 16.90 -27.16 -17.01
C PRO C 984 17.16 -25.89 -17.78
N PHE C 985 18.38 -25.71 -18.29
CA PHE C 985 18.79 -24.55 -19.03
C PHE C 985 18.36 -24.67 -20.48
N ASP C 986 17.55 -23.72 -20.94
CA ASP C 986 17.13 -23.68 -22.32
C ASP C 986 18.28 -23.17 -23.17
N ARG C 987 18.08 -23.12 -24.49
CA ARG C 987 19.07 -22.53 -25.38
C ARG C 987 19.37 -21.09 -24.99
N LYS C 988 18.34 -20.28 -24.79
CA LYS C 988 18.50 -18.87 -24.46
C LYS C 988 18.33 -18.65 -22.95
N ILE C 989 19.30 -17.95 -22.39
CA ILE C 989 19.44 -17.78 -20.95
C ILE C 989 19.79 -16.33 -20.67
N VAL C 990 19.40 -15.82 -19.50
CA VAL C 990 19.75 -14.49 -19.03
C VAL C 990 20.34 -14.63 -17.64
N GLN C 991 21.37 -13.86 -17.34
CA GLN C 991 22.01 -13.84 -16.04
C GLN C 991 21.87 -12.45 -15.45
N TYR C 992 21.43 -12.39 -14.21
CA TYR C 992 21.25 -11.11 -13.54
C TYR C 992 21.10 -11.32 -12.05
N ALA C 993 21.85 -10.54 -11.27
CA ALA C 993 21.69 -10.48 -9.83
C ALA C 993 21.94 -11.84 -9.20
N GLY C 994 22.90 -12.57 -9.75
CA GLY C 994 23.21 -13.89 -9.24
C GLY C 994 22.16 -14.92 -9.53
N GLU C 995 21.21 -14.62 -10.40
CA GLU C 995 20.09 -15.50 -10.71
C GLU C 995 19.96 -15.63 -12.21
N ILE C 996 19.71 -16.85 -12.67
CA ILE C 996 19.72 -17.19 -14.08
C ILE C 996 18.29 -17.40 -14.54
N TYR C 997 17.73 -16.40 -15.23
CA TYR C 997 16.39 -16.54 -15.76
C TYR C 997 16.46 -17.22 -17.11
N ASN C 998 15.34 -17.82 -17.49
CA ASN C 998 15.12 -18.36 -18.82
C ASN C 998 14.19 -17.39 -19.55
N TYR C 999 14.63 -16.91 -20.70
CA TYR C 999 13.95 -15.84 -21.39
C TYR C 999 14.41 -15.82 -22.83
N ASP C 1000 13.47 -15.57 -23.73
CA ASP C 1000 13.73 -15.60 -25.17
C ASP C 1000 14.11 -14.19 -25.61
N PHE C 1001 15.32 -13.80 -25.23
CA PHE C 1001 15.78 -12.46 -25.56
C PHE C 1001 15.96 -12.31 -27.07
N PRO C 1002 15.73 -11.12 -27.61
CA PRO C 1002 16.05 -10.90 -29.02
C PRO C 1002 17.54 -10.82 -29.28
N GLU C 1003 17.90 -11.25 -30.47
CA GLU C 1003 19.28 -11.31 -30.90
C GLU C 1003 19.82 -9.89 -31.09
N TYR C 1004 21.09 -9.82 -31.44
CA TYR C 1004 21.78 -8.54 -31.53
C TYR C 1004 21.34 -7.78 -32.77
N GLY C 1005 20.22 -7.07 -32.67
CA GLY C 1005 19.71 -6.24 -33.73
C GLY C 1005 18.20 -6.23 -33.79
N ALA C 1006 17.59 -7.27 -33.21
CA ALA C 1006 16.11 -7.39 -33.20
C ALA C 1006 15.55 -6.83 -31.88
N GLY C 1007 16.34 -6.00 -31.20
CA GLY C 1007 15.91 -5.39 -29.93
C GLY C 1007 14.75 -4.43 -30.12
N GLN C 1008 13.52 -4.91 -29.89
CA GLN C 1008 12.30 -4.08 -30.05
C GLN C 1008 12.21 -3.10 -28.88
N PRO C 1009 11.54 -1.93 -29.04
CA PRO C 1009 11.41 -0.95 -27.95
C PRO C 1009 10.38 -1.39 -26.92
N GLY C 1010 10.69 -1.19 -25.63
CA GLY C 1010 9.81 -1.55 -24.56
C GLY C 1010 10.27 -2.72 -23.73
N ALA C 1011 11.04 -3.62 -24.30
CA ALA C 1011 11.38 -4.89 -23.68
C ALA C 1011 12.89 -5.05 -23.59
N PHE C 1012 13.29 -6.22 -23.10
CA PHE C 1012 14.67 -6.65 -23.14
C PHE C 1012 15.20 -6.50 -24.54
N GLY C 1013 16.22 -5.65 -24.67
CA GLY C 1013 16.82 -5.37 -25.96
C GLY C 1013 16.69 -3.94 -26.43
N ASP C 1014 16.10 -3.06 -25.61
CA ASP C 1014 16.13 -1.64 -25.92
C ASP C 1014 17.56 -1.12 -26.04
N ILE C 1015 18.49 -1.73 -25.32
CA ILE C 1015 19.92 -1.50 -25.47
C ILE C 1015 20.58 -2.85 -25.64
N GLN C 1016 21.50 -2.92 -26.59
CA GLN C 1016 22.29 -4.13 -26.81
C GLN C 1016 23.74 -3.73 -27.03
N SER C 1017 24.60 -4.15 -26.12
CA SER C 1017 26.04 -4.00 -26.25
C SER C 1017 26.67 -5.39 -26.22
N ARG C 1018 27.59 -5.63 -27.16
CA ARG C 1018 28.10 -6.98 -27.36
C ARG C 1018 28.80 -7.48 -26.12
N THR C 1019 29.46 -6.60 -25.40
CA THR C 1019 30.00 -6.89 -24.09
C THR C 1019 29.86 -5.65 -23.23
N VAL C 1020 30.59 -5.61 -22.12
CA VAL C 1020 30.35 -4.60 -21.10
C VAL C 1020 31.22 -3.39 -21.33
N SER C 1021 32.51 -3.62 -21.55
CA SER C 1021 33.46 -2.54 -21.83
C SER C 1021 33.51 -2.18 -23.30
N SER C 1022 32.45 -2.46 -24.04
CA SER C 1022 32.41 -2.23 -25.46
C SER C 1022 32.26 -0.75 -25.79
N SER C 1023 32.15 -0.48 -27.08
CA SER C 1023 31.90 0.84 -27.62
C SER C 1023 30.83 0.83 -28.70
N ASP C 1024 30.24 -0.32 -28.99
CA ASP C 1024 29.21 -0.47 -30.01
C ASP C 1024 27.90 -0.77 -29.32
N LEU C 1025 26.91 0.08 -29.51
CA LEU C 1025 25.63 -0.04 -28.86
C LEU C 1025 24.51 0.09 -29.87
N TYR C 1026 23.55 -0.81 -29.77
CA TYR C 1026 22.33 -0.78 -30.56
C TYR C 1026 21.21 -0.31 -29.67
N ALA C 1027 20.51 0.73 -30.13
CA ALA C 1027 19.44 1.33 -29.37
C ALA C 1027 18.27 1.57 -30.31
N ASN C 1028 17.16 0.90 -30.03
CA ASN C 1028 15.88 1.18 -30.65
C ASN C 1028 14.91 1.43 -29.49
N THR C 1029 14.61 2.69 -29.25
CA THR C 1029 13.74 3.10 -28.14
C THR C 1029 12.57 3.95 -28.59
N ASN C 1030 12.18 3.86 -29.86
CA ASN C 1030 11.03 4.56 -30.41
C ASN C 1030 11.13 6.06 -30.12
N LEU C 1031 12.34 6.57 -30.19
CA LEU C 1031 12.65 7.93 -29.80
C LEU C 1031 12.10 8.90 -30.82
N VAL C 1032 11.36 9.89 -30.35
CA VAL C 1032 10.72 10.87 -31.20
C VAL C 1032 10.78 12.20 -30.50
N LEU C 1033 11.48 13.15 -31.09
CA LEU C 1033 11.56 14.48 -30.55
C LEU C 1033 10.20 15.16 -30.64
N GLN C 1034 10.13 16.33 -30.05
CA GLN C 1034 8.89 17.08 -29.95
C GLN C 1034 9.26 18.55 -29.82
N ARG C 1035 8.32 19.39 -30.02
CA ARG C 1035 8.63 20.80 -30.13
C ARG C 1035 8.88 21.39 -28.75
N PRO C 1036 9.76 22.40 -28.64
CA PRO C 1036 9.89 23.11 -27.38
C PRO C 1036 8.81 24.15 -27.19
N LYS C 1037 8.36 24.27 -25.95
CA LYS C 1037 7.34 25.25 -25.59
C LYS C 1037 7.85 26.67 -25.83
N ALA C 1038 6.92 27.58 -26.03
CA ALA C 1038 7.25 28.95 -26.42
C ALA C 1038 7.85 29.68 -25.24
N GLY C 1039 9.15 29.95 -25.32
CA GLY C 1039 9.85 30.71 -24.31
C GLY C 1039 10.66 29.79 -23.42
N ALA C 1040 11.19 28.73 -24.02
CA ALA C 1040 11.94 27.73 -23.29
C ALA C 1040 12.96 27.11 -24.20
N ILE C 1041 14.14 26.84 -23.64
CA ILE C 1041 15.20 26.11 -24.30
C ILE C 1041 15.18 24.71 -23.72
N HIS C 1042 14.68 23.75 -24.48
CA HIS C 1042 14.74 22.37 -24.04
C HIS C 1042 14.54 21.46 -25.23
N VAL C 1043 15.18 20.30 -25.15
CA VAL C 1043 15.07 19.25 -26.16
C VAL C 1043 14.17 18.16 -25.63
N PRO C 1044 12.87 18.22 -25.85
CA PRO C 1044 11.97 17.19 -25.34
C PRO C 1044 11.91 15.97 -26.24
N TYR C 1045 11.26 14.94 -25.71
CA TYR C 1045 11.07 13.71 -26.46
C TYR C 1045 9.99 12.87 -25.82
N THR C 1046 9.67 11.77 -26.48
CA THR C 1046 8.73 10.76 -25.99
C THR C 1046 9.26 9.43 -26.47
N GLN C 1047 9.89 8.69 -25.58
CA GLN C 1047 10.57 7.46 -25.91
C GLN C 1047 9.86 6.29 -25.26
N ALA C 1048 10.12 5.12 -25.80
CA ALA C 1048 9.66 3.92 -25.15
C ALA C 1048 10.36 3.81 -23.79
N PRO C 1049 9.64 3.48 -22.73
CA PRO C 1049 10.30 3.25 -21.46
C PRO C 1049 11.29 2.10 -21.53
N SER C 1050 12.16 2.08 -20.53
CA SER C 1050 13.22 1.09 -20.48
C SER C 1050 12.62 -0.28 -20.22
N GLY C 1051 12.96 -1.23 -21.08
CA GLY C 1051 12.49 -2.59 -20.90
C GLY C 1051 13.26 -3.37 -19.87
N PHE C 1052 14.37 -2.80 -19.37
CA PHE C 1052 15.12 -3.47 -18.34
C PHE C 1052 14.38 -3.39 -17.01
N GLU C 1053 13.95 -2.18 -16.65
CA GLU C 1053 13.16 -2.00 -15.44
C GLU C 1053 11.84 -2.74 -15.55
N GLN C 1054 11.34 -2.90 -16.76
CA GLN C 1054 10.06 -3.54 -16.95
C GLN C 1054 10.19 -5.05 -16.80
N TRP C 1055 11.21 -5.63 -17.43
CA TRP C 1055 11.60 -7.00 -17.15
C TRP C 1055 11.75 -7.24 -15.65
N LYS C 1056 12.33 -6.29 -14.94
CA LYS C 1056 12.48 -6.47 -13.50
C LYS C 1056 11.13 -6.43 -12.79
N LYS C 1057 10.25 -5.53 -13.21
CA LYS C 1057 8.92 -5.47 -12.64
C LYS C 1057 8.03 -6.61 -13.11
N ASP C 1058 8.40 -7.27 -14.21
CA ASP C 1058 7.63 -8.37 -14.78
C ASP C 1058 8.61 -9.51 -15.04
N LYS C 1059 8.88 -10.29 -14.02
CA LYS C 1059 9.67 -11.49 -14.14
C LYS C 1059 9.09 -12.56 -13.25
N ALA C 1060 9.20 -13.77 -13.71
CA ALA C 1060 9.02 -14.91 -12.84
C ALA C 1060 10.34 -15.26 -12.17
N PRO C 1061 10.31 -15.87 -10.99
CA PRO C 1061 11.55 -16.25 -10.34
C PRO C 1061 12.30 -17.30 -11.13
N SER C 1062 13.63 -17.22 -11.04
CA SER C 1062 14.46 -17.63 -12.14
C SER C 1062 14.45 -19.11 -12.50
N LEU C 1063 15.27 -19.91 -11.81
CA LEU C 1063 15.28 -21.37 -11.97
C LEU C 1063 15.59 -22.10 -10.69
N LYS C 1064 16.32 -21.48 -9.76
CA LYS C 1064 16.53 -22.03 -8.44
C LYS C 1064 15.21 -22.33 -7.76
N PHE C 1065 14.16 -21.60 -8.13
CA PHE C 1065 12.84 -21.76 -7.56
C PHE C 1065 11.85 -22.45 -8.48
N THR C 1066 12.20 -22.70 -9.75
CA THR C 1066 11.27 -23.24 -10.72
C THR C 1066 11.80 -24.42 -11.52
N ALA C 1067 13.00 -24.84 -11.31
CA ALA C 1067 13.56 -25.93 -12.10
C ALA C 1067 13.10 -27.28 -11.56
N PRO C 1068 12.88 -28.26 -12.43
CA PRO C 1068 12.48 -29.60 -11.97
C PRO C 1068 13.70 -30.45 -11.68
N PHE C 1069 13.44 -31.69 -11.29
CA PHE C 1069 14.46 -32.67 -10.97
C PHE C 1069 15.38 -32.19 -9.87
N GLY C 1070 14.89 -31.30 -9.03
CA GLY C 1070 15.60 -30.86 -7.85
C GLY C 1070 16.93 -30.21 -8.11
N CYS C 1071 16.98 -29.35 -9.13
CA CYS C 1071 18.21 -28.70 -9.50
C CYS C 1071 18.48 -27.51 -8.60
N GLU C 1072 19.77 -27.30 -8.34
CA GLU C 1072 20.24 -26.17 -7.55
C GLU C 1072 21.17 -25.36 -8.43
N ILE C 1073 20.72 -24.18 -8.82
CA ILE C 1073 21.36 -23.40 -9.87
C ILE C 1073 22.35 -22.44 -9.23
N TYR C 1074 23.50 -22.27 -9.88
CA TYR C 1074 24.56 -21.40 -9.39
C TYR C 1074 25.26 -20.73 -10.56
N THR C 1075 26.06 -19.71 -10.24
CA THR C 1075 26.36 -18.63 -11.17
C THR C 1075 27.83 -18.22 -11.22
N ASN C 1076 28.78 -19.11 -10.94
CA ASN C 1076 30.19 -18.75 -11.03
C ASN C 1076 31.05 -20.01 -11.06
N PRO C 1077 31.11 -20.69 -12.21
CA PRO C 1077 30.33 -20.55 -13.43
C PRO C 1077 28.97 -21.20 -13.38
N ILE C 1078 28.22 -21.04 -14.47
CA ILE C 1078 26.83 -21.48 -14.55
C ILE C 1078 26.75 -22.98 -14.37
N ARG C 1079 25.92 -23.41 -13.43
CA ARG C 1079 25.80 -24.83 -13.15
C ARG C 1079 24.45 -25.13 -12.55
N ALA C 1080 24.06 -26.39 -12.61
CA ALA C 1080 22.87 -26.90 -11.95
C ALA C 1080 23.25 -28.21 -11.27
N GLU C 1081 23.48 -28.13 -9.97
CA GLU C 1081 23.95 -29.28 -9.21
C GLU C 1081 22.78 -30.06 -8.62
N ASN C 1082 23.06 -31.32 -8.29
CA ASN C 1082 22.18 -32.17 -7.48
C ASN C 1082 20.86 -32.40 -8.18
N CYS C 1083 20.89 -32.42 -9.51
CA CYS C 1083 19.69 -32.66 -10.29
C CYS C 1083 19.38 -34.14 -10.22
N ALA C 1084 18.50 -34.50 -9.30
CA ALA C 1084 18.20 -35.89 -9.00
C ALA C 1084 17.38 -36.47 -10.14
N VAL C 1085 18.09 -36.89 -11.19
CA VAL C 1085 17.47 -37.48 -12.35
C VAL C 1085 18.54 -38.17 -13.17
N GLY C 1086 18.13 -39.16 -13.94
CA GLY C 1086 19.01 -39.82 -14.86
C GLY C 1086 19.78 -40.95 -14.22
N SER C 1087 20.04 -41.97 -15.01
CA SER C 1087 20.92 -43.05 -14.64
C SER C 1087 22.29 -42.83 -15.26
N ILE C 1088 23.31 -43.03 -14.44
CA ILE C 1088 24.69 -42.88 -14.86
C ILE C 1088 25.29 -44.26 -15.01
N PRO C 1089 25.68 -44.70 -16.20
CA PRO C 1089 26.42 -45.95 -16.32
C PRO C 1089 27.89 -45.78 -15.99
N LEU C 1090 28.52 -46.92 -15.73
CA LEU C 1090 29.93 -47.03 -15.41
C LEU C 1090 30.51 -48.20 -16.18
N ALA C 1091 31.83 -48.38 -16.04
CA ALA C 1091 32.49 -49.54 -16.63
C ALA C 1091 33.80 -49.72 -15.90
N PHE C 1092 33.95 -50.85 -15.22
CA PHE C 1092 35.07 -51.11 -14.33
C PHE C 1092 35.93 -52.21 -14.94
N ASP C 1093 37.18 -51.89 -15.24
CA ASP C 1093 38.15 -52.89 -15.71
C ASP C 1093 39.08 -53.25 -14.56
N ILE C 1094 38.60 -54.15 -13.73
CA ILE C 1094 39.27 -54.45 -12.46
C ILE C 1094 40.34 -55.52 -12.73
N PRO C 1095 41.58 -55.34 -12.28
CA PRO C 1095 42.59 -56.37 -12.48
C PRO C 1095 42.39 -57.55 -11.54
N ASP C 1096 43.25 -58.54 -11.72
CA ASP C 1096 43.20 -59.77 -10.93
C ASP C 1096 44.04 -59.68 -9.65
N ALA C 1097 44.70 -58.56 -9.40
CA ALA C 1097 45.53 -58.42 -8.23
C ALA C 1097 44.75 -58.10 -6.98
N LEU C 1098 43.52 -57.62 -7.12
CA LEU C 1098 42.69 -57.18 -6.00
C LEU C 1098 41.66 -58.22 -5.59
N PHE C 1099 41.85 -59.48 -5.99
CA PHE C 1099 40.98 -60.58 -5.58
C PHE C 1099 41.81 -61.67 -4.93
N THR C 1100 41.38 -62.12 -3.74
CA THR C 1100 42.02 -63.25 -3.04
C THR C 1100 40.97 -63.89 -2.14
N ARG C 1101 40.56 -65.14 -2.45
CA ARG C 1101 39.63 -65.89 -1.60
C ARG C 1101 40.21 -67.18 -1.05
N VAL C 1102 40.63 -68.08 -1.94
CA VAL C 1102 40.43 -69.53 -1.84
C VAL C 1102 40.62 -70.06 -0.43
N SER C 1103 41.65 -69.57 0.26
CA SER C 1103 41.89 -69.90 1.65
C SER C 1103 42.30 -68.66 2.44
N GLU C 1104 42.12 -67.46 1.87
CA GLU C 1104 42.52 -66.22 2.51
C GLU C 1104 41.37 -65.56 3.24
N THR C 1105 40.18 -65.55 2.65
CA THR C 1105 39.00 -65.05 3.33
C THR C 1105 38.37 -66.18 4.14
N PRO C 1106 38.13 -66.01 5.45
CA PRO C 1106 37.60 -67.12 6.24
C PRO C 1106 36.24 -67.60 5.76
N THR C 1107 35.99 -68.90 5.98
CA THR C 1107 34.82 -69.59 5.50
C THR C 1107 34.36 -70.60 6.54
N LEU C 1108 33.29 -71.33 6.20
CA LEU C 1108 32.79 -72.45 7.00
C LEU C 1108 32.44 -72.00 8.42
N SER C 1109 31.42 -71.15 8.49
CA SER C 1109 30.84 -70.67 9.73
C SER C 1109 29.37 -71.08 9.78
N ALA C 1110 28.75 -70.86 10.93
CA ALA C 1110 27.34 -71.16 11.14
C ALA C 1110 26.76 -70.06 12.03
N ALA C 1111 26.23 -69.02 11.39
CA ALA C 1111 25.77 -67.81 12.06
C ALA C 1111 24.50 -67.28 11.39
N GLU C 1112 23.53 -68.18 11.18
CA GLU C 1112 22.62 -68.09 10.04
C GLU C 1112 21.90 -66.76 9.89
N CYS C 1113 21.01 -66.40 10.82
CA CYS C 1113 20.28 -65.14 10.71
C CYS C 1113 19.45 -64.86 11.95
N THR C 1114 19.38 -63.59 12.36
CA THR C 1114 18.41 -63.13 13.34
C THR C 1114 18.02 -61.70 13.01
N LEU C 1115 16.74 -61.38 13.22
CA LEU C 1115 16.22 -60.03 13.04
C LEU C 1115 15.86 -59.45 14.39
N ASN C 1116 16.06 -58.15 14.52
CA ASN C 1116 15.87 -57.41 15.76
C ASN C 1116 14.85 -56.31 15.64
N GLU C 1117 14.91 -55.51 14.57
CA GLU C 1117 13.97 -54.42 14.35
C GLU C 1117 13.70 -54.32 12.86
N CYS C 1118 12.48 -53.94 12.53
CA CYS C 1118 12.04 -53.94 11.14
C CYS C 1118 10.98 -52.87 10.97
N VAL C 1119 11.26 -51.90 10.11
CA VAL C 1119 10.32 -50.83 9.79
C VAL C 1119 10.59 -50.35 8.36
N TYR C 1120 9.53 -50.30 7.55
CA TYR C 1120 9.68 -49.90 6.16
C TYR C 1120 9.60 -48.37 6.11
N SER C 1121 10.78 -47.77 6.22
CA SER C 1121 10.93 -46.33 6.31
C SER C 1121 12.01 -45.88 5.33
N SER C 1122 12.05 -44.57 5.09
CA SER C 1122 13.07 -44.00 4.24
C SER C 1122 14.47 -44.28 4.78
N ASP C 1123 14.71 -43.92 6.03
CA ASP C 1123 16.01 -44.16 6.65
C ASP C 1123 16.22 -45.66 6.82
N PHE C 1124 17.39 -46.01 7.37
CA PHE C 1124 17.77 -47.41 7.52
C PHE C 1124 16.94 -48.01 8.64
N GLY C 1125 15.71 -48.38 8.28
CA GLY C 1125 14.76 -48.90 9.23
C GLY C 1125 14.82 -50.40 9.38
N GLY C 1126 15.93 -50.89 9.93
CA GLY C 1126 16.08 -52.32 10.08
C GLY C 1126 17.36 -52.67 10.79
N ILE C 1127 17.29 -53.66 11.67
CA ILE C 1127 18.42 -54.15 12.43
C ILE C 1127 18.29 -55.66 12.43
N ALA C 1128 19.24 -56.34 11.79
CA ALA C 1128 19.31 -57.79 11.77
C ALA C 1128 20.70 -58.22 12.16
N THR C 1129 20.78 -59.34 12.89
CA THR C 1129 21.97 -59.76 13.61
C THR C 1129 22.28 -61.20 13.26
N VAL C 1130 23.56 -61.56 13.34
CA VAL C 1130 24.04 -62.91 13.01
C VAL C 1130 24.99 -63.37 14.09
N LYS C 1131 25.00 -64.69 14.35
CA LYS C 1131 25.57 -65.24 15.57
C LYS C 1131 26.71 -66.22 15.24
N TYR C 1132 27.92 -65.69 15.11
CA TYR C 1132 29.08 -66.48 14.73
C TYR C 1132 30.03 -66.69 15.90
N LYS C 1136 39.67 -67.91 11.85
CA LYS C 1136 38.70 -67.36 10.91
C LYS C 1136 38.46 -65.88 11.26
N SER C 1137 37.20 -65.41 11.23
CA SER C 1137 36.84 -64.08 11.70
C SER C 1137 37.52 -62.99 10.87
N GLY C 1138 37.19 -63.02 9.58
CA GLY C 1138 37.75 -62.10 8.61
C GLY C 1138 36.68 -61.25 7.95
N LYS C 1139 37.14 -60.36 7.09
CA LYS C 1139 36.25 -59.39 6.47
C LYS C 1139 35.54 -60.02 5.28
N CYS C 1140 34.21 -60.02 5.31
CA CYS C 1140 33.38 -60.54 4.24
C CYS C 1140 32.74 -59.39 3.48
N ALA C 1141 32.05 -59.71 2.39
CA ALA C 1141 31.40 -58.73 1.54
C ALA C 1141 29.92 -59.07 1.47
N VAL C 1142 29.09 -58.17 1.96
CA VAL C 1142 27.65 -58.38 2.06
C VAL C 1142 26.96 -57.65 0.92
N HIS C 1143 25.88 -58.24 0.41
CA HIS C 1143 25.09 -57.63 -0.64
C HIS C 1143 23.82 -58.41 -0.83
N VAL C 1144 22.74 -57.70 -1.09
CA VAL C 1144 21.45 -58.30 -1.37
C VAL C 1144 21.27 -58.26 -2.88
N PRO C 1145 20.95 -59.38 -3.55
CA PRO C 1145 20.75 -59.32 -5.01
C PRO C 1145 19.62 -58.41 -5.42
N SER C 1146 18.53 -58.45 -4.67
CA SER C 1146 17.31 -57.75 -5.04
C SER C 1146 17.30 -56.35 -4.43
N GLY C 1147 16.20 -55.64 -4.68
CA GLY C 1147 15.99 -54.31 -4.17
C GLY C 1147 15.14 -54.24 -2.92
N THR C 1148 14.82 -55.38 -2.31
CA THR C 1148 14.00 -55.40 -1.12
C THR C 1148 14.78 -55.07 0.14
N ALA C 1149 16.08 -54.82 0.03
CA ALA C 1149 16.88 -54.46 1.19
C ALA C 1149 18.11 -53.73 0.71
N THR C 1150 18.25 -52.48 1.14
CA THR C 1150 19.39 -51.64 0.82
C THR C 1150 20.29 -51.59 2.04
N LEU C 1151 21.29 -52.46 2.06
CA LEU C 1151 22.25 -52.50 3.14
C LEU C 1151 23.04 -51.20 3.22
N LYS C 1152 23.27 -50.71 4.44
CA LYS C 1152 24.06 -49.52 4.62
C LYS C 1152 25.52 -49.79 4.27
N GLU C 1153 26.14 -50.72 4.98
CA GLU C 1153 27.52 -51.08 4.74
C GLU C 1153 27.63 -52.09 3.61
N ALA C 1154 28.86 -52.35 3.21
CA ALA C 1154 29.17 -53.33 2.16
C ALA C 1154 30.22 -54.34 2.61
N ALA C 1155 30.43 -54.50 3.92
CA ALA C 1155 31.37 -55.48 4.41
C ALA C 1155 31.18 -55.67 5.89
N VAL C 1156 31.61 -56.83 6.38
CA VAL C 1156 31.56 -57.17 7.79
C VAL C 1156 32.96 -57.56 8.26
N ALA C 1164 27.80 -60.13 14.94
CA ALA C 1164 27.75 -58.96 14.07
C ALA C 1164 26.32 -58.67 13.66
N THR C 1165 26.07 -57.43 13.25
CA THR C 1165 24.74 -57.00 12.84
C THR C 1165 24.81 -56.13 11.60
N ILE C 1166 23.67 -56.07 10.91
CA ILE C 1166 23.50 -55.26 9.71
C ILE C 1166 22.43 -54.22 9.96
N HIS C 1167 22.27 -53.34 8.99
CA HIS C 1167 21.35 -52.22 9.05
C HIS C 1167 20.88 -51.97 7.64
N PHE C 1168 19.58 -51.79 7.46
CA PHE C 1168 19.01 -51.80 6.13
C PHE C 1168 17.74 -50.99 6.06
N SER C 1169 17.27 -50.79 4.84
CA SER C 1169 16.05 -50.07 4.53
C SER C 1169 15.25 -50.91 3.55
N THR C 1170 13.93 -50.79 3.60
CA THR C 1170 13.08 -51.63 2.79
C THR C 1170 11.71 -50.99 2.65
N ALA C 1171 11.03 -51.36 1.57
CA ALA C 1171 9.64 -51.03 1.36
C ALA C 1171 8.72 -52.22 1.53
N ASN C 1172 9.27 -53.38 1.91
CA ASN C 1172 8.48 -54.60 2.00
C ASN C 1172 7.94 -54.78 3.42
N ILE C 1173 6.67 -55.13 3.52
CA ILE C 1173 6.07 -55.37 4.83
C ILE C 1173 6.65 -56.63 5.45
N HIS C 1174 6.68 -57.71 4.67
CA HIS C 1174 7.29 -58.97 5.07
C HIS C 1174 8.50 -59.25 4.20
N PRO C 1175 9.69 -58.78 4.57
CA PRO C 1175 10.88 -59.06 3.76
C PRO C 1175 11.21 -60.55 3.70
N GLU C 1176 11.78 -60.95 2.57
CA GLU C 1176 12.31 -62.29 2.35
C GLU C 1176 13.68 -62.20 1.71
N PHE C 1177 14.53 -61.35 2.29
CA PHE C 1177 15.83 -61.06 1.71
C PHE C 1177 16.85 -62.11 2.14
N ARG C 1178 17.60 -62.61 1.18
CA ARG C 1178 18.66 -63.57 1.43
C ARG C 1178 19.97 -62.80 1.55
N LEU C 1179 20.38 -62.54 2.79
CA LEU C 1179 21.69 -61.96 3.04
C LEU C 1179 22.75 -62.90 2.49
N GLN C 1180 23.82 -62.34 1.95
CA GLN C 1180 24.85 -63.10 1.26
C GLN C 1180 26.20 -62.77 1.86
N ILE C 1181 26.93 -63.82 2.22
CA ILE C 1181 28.31 -63.71 2.61
C ILE C 1181 29.14 -64.17 1.43
N CYS C 1182 30.43 -63.81 1.44
CA CYS C 1182 31.35 -64.27 0.40
C CYS C 1182 31.38 -65.79 0.29
N THR C 1183 31.04 -66.49 1.36
CA THR C 1183 31.02 -67.95 1.35
C THR C 1183 29.76 -68.44 0.65
N SER C 1184 28.61 -68.01 1.13
CA SER C 1184 27.33 -68.47 0.67
C SER C 1184 26.28 -67.49 1.17
N TYR C 1185 25.02 -67.89 1.05
CA TYR C 1185 23.90 -67.01 1.36
C TYR C 1185 22.99 -67.65 2.39
N VAL C 1186 22.42 -66.79 3.22
CA VAL C 1186 21.52 -67.19 4.30
C VAL C 1186 20.20 -66.44 4.10
N THR C 1187 19.14 -67.06 4.58
CA THR C 1187 17.80 -66.51 4.45
C THR C 1187 17.43 -65.72 5.70
N CYS C 1188 16.72 -64.63 5.48
CA CYS C 1188 16.27 -63.76 6.55
C CYS C 1188 14.86 -63.29 6.25
N LYS C 1189 13.96 -63.54 7.19
CA LYS C 1189 12.55 -63.25 7.05
C LYS C 1189 12.10 -62.46 8.28
N GLY C 1190 11.13 -61.58 8.08
CA GLY C 1190 10.62 -60.80 9.17
C GLY C 1190 9.33 -60.10 8.78
N ASP C 1191 8.91 -59.18 9.65
CA ASP C 1191 7.75 -58.35 9.41
C ASP C 1191 8.03 -56.96 9.94
N CYS C 1192 8.14 -55.99 9.04
CA CYS C 1192 8.36 -54.61 9.41
C CYS C 1192 7.06 -53.91 9.80
N HIS C 1193 7.19 -52.99 10.74
CA HIS C 1193 6.13 -52.10 11.17
C HIS C 1193 6.05 -50.87 10.27
N PRO C 1194 5.05 -50.02 10.44
CA PRO C 1194 5.07 -48.74 9.75
C PRO C 1194 6.05 -47.78 10.41
N PRO C 1195 6.36 -46.66 9.76
CA PRO C 1195 7.19 -45.65 10.41
C PRO C 1195 6.33 -44.70 11.22
N LYS C 1196 7.02 -43.91 12.04
CA LYS C 1196 6.34 -43.15 13.09
C LYS C 1196 5.88 -41.80 12.57
N ASP C 1197 6.78 -41.02 11.99
CA ASP C 1197 6.50 -39.68 11.49
C ASP C 1197 6.54 -39.68 9.97
N HIS C 1198 5.48 -39.16 9.35
CA HIS C 1198 5.24 -39.36 7.93
C HIS C 1198 5.48 -38.10 7.11
N ILE C 1199 6.44 -37.29 7.54
CA ILE C 1199 7.16 -36.36 6.68
C ILE C 1199 8.58 -36.30 7.19
N VAL C 1200 9.54 -36.35 6.28
CA VAL C 1200 10.96 -36.45 6.63
C VAL C 1200 11.77 -35.56 5.71
N THR C 1201 13.02 -35.35 6.11
CA THR C 1201 13.94 -34.42 5.46
C THR C 1201 15.11 -35.13 4.81
N HIS C 1202 14.88 -36.32 4.26
CA HIS C 1202 15.89 -37.05 3.56
C HIS C 1202 15.17 -37.87 2.53
N PRO C 1203 15.71 -38.00 1.31
CA PRO C 1203 15.02 -38.79 0.30
C PRO C 1203 15.22 -40.28 0.55
N GLN C 1204 14.41 -41.07 -0.14
CA GLN C 1204 14.38 -42.50 0.09
C GLN C 1204 15.71 -43.14 -0.27
N TYR C 1205 16.26 -43.87 0.69
CA TYR C 1205 17.45 -44.68 0.50
C TYR C 1205 17.12 -46.04 -0.09
N HIS C 1206 15.90 -46.23 -0.61
CA HIS C 1206 15.50 -47.51 -1.16
C HIS C 1206 14.47 -47.28 -2.25
N ALA C 1207 14.55 -48.12 -3.28
CA ALA C 1207 13.59 -48.09 -4.37
C ALA C 1207 12.47 -49.09 -4.10
N GLN C 1208 11.29 -48.78 -4.62
CA GLN C 1208 10.11 -49.56 -4.31
C GLN C 1208 10.04 -50.82 -5.17
N THR C 1209 9.08 -51.68 -4.84
CA THR C 1209 8.85 -52.93 -5.54
C THR C 1209 7.38 -53.26 -5.49
N PHE C 1210 6.88 -53.83 -6.57
CA PHE C 1210 5.48 -54.21 -6.64
C PHE C 1210 5.20 -55.27 -5.60
N THR C 1211 4.51 -54.87 -4.53
CA THR C 1211 4.29 -55.67 -3.32
C THR C 1211 5.57 -55.73 -2.51
N LEU D 339 41.35 17.28 -4.30
CA LEU D 339 42.34 16.24 -4.48
C LEU D 339 41.96 15.36 -5.67
N PHE D 340 40.68 15.01 -5.73
CA PHE D 340 40.05 14.49 -6.93
C PHE D 340 39.13 15.49 -7.59
N ASN D 341 38.88 16.62 -6.95
CA ASN D 341 38.05 17.65 -7.52
C ASN D 341 38.79 18.35 -8.65
N GLU D 342 38.61 17.86 -9.87
CA GLU D 342 38.92 18.60 -11.08
C GLU D 342 37.66 18.96 -11.85
N TYR D 343 36.53 19.06 -11.13
CA TYR D 343 35.41 19.91 -11.45
C TYR D 343 35.72 21.39 -11.28
N LYS D 344 36.89 21.72 -10.72
CA LYS D 344 37.29 23.10 -10.47
C LYS D 344 37.22 23.93 -11.74
N LEU D 345 37.51 23.31 -12.87
CA LEU D 345 37.45 23.94 -14.18
C LEU D 345 36.06 23.93 -14.78
N THR D 346 35.04 23.81 -13.94
CA THR D 346 33.64 23.94 -14.30
C THR D 346 33.05 25.18 -13.64
N ARG D 347 31.76 25.38 -13.85
CA ARG D 347 31.02 26.45 -13.21
C ARG D 347 29.60 25.98 -12.97
N PRO D 348 28.91 26.54 -11.98
CA PRO D 348 27.48 26.25 -11.83
C PRO D 348 26.63 27.04 -12.80
N TYR D 349 25.61 26.40 -13.34
CA TYR D 349 24.76 26.97 -14.36
C TYR D 349 23.31 27.00 -13.93
N MET D 350 22.59 27.94 -14.51
CA MET D 350 21.15 28.06 -14.33
C MET D 350 20.41 27.26 -15.39
N ALA D 351 19.17 26.91 -15.08
CA ALA D 351 18.35 26.12 -15.98
C ALA D 351 16.91 26.12 -15.50
N ARG D 352 16.00 25.72 -16.39
CA ARG D 352 14.58 25.84 -16.14
C ARG D 352 14.02 24.62 -15.42
N CYS D 353 13.06 24.85 -14.54
CA CYS D 353 12.13 23.81 -14.14
C CYS D 353 10.79 24.44 -13.87
N ILE D 354 9.77 23.58 -13.75
CA ILE D 354 8.39 23.99 -13.96
C ILE D 354 7.88 24.79 -12.79
N ARG D 355 8.28 24.41 -11.58
CA ARG D 355 7.63 24.79 -10.34
C ARG D 355 8.69 25.33 -9.39
N CYS D 356 8.71 26.64 -9.22
CA CYS D 356 9.74 27.35 -8.49
C CYS D 356 9.19 28.09 -7.29
N ALA D 357 8.06 27.63 -6.75
CA ALA D 357 7.30 28.25 -5.67
C ALA D 357 6.53 29.49 -6.11
N VAL D 358 6.71 29.97 -7.34
CA VAL D 358 5.94 31.08 -7.88
C VAL D 358 5.46 30.81 -9.30
N GLY D 359 6.07 29.85 -9.97
CA GLY D 359 5.68 29.47 -11.29
C GLY D 359 6.83 28.75 -11.96
N SER D 360 6.89 28.87 -13.29
CA SER D 360 8.05 28.47 -14.06
C SER D 360 9.06 29.59 -14.02
N CYS D 361 10.33 29.23 -13.90
CA CYS D 361 11.39 30.20 -13.65
C CYS D 361 12.65 29.69 -14.34
N HIS D 362 13.74 30.39 -14.08
CA HIS D 362 15.09 29.98 -14.46
C HIS D 362 15.86 29.77 -13.18
N SER D 363 15.80 28.56 -12.67
CA SER D 363 16.28 28.27 -11.34
C SER D 363 17.77 28.01 -11.32
N PRO D 364 18.41 28.18 -10.17
CA PRO D 364 19.79 27.74 -10.01
C PRO D 364 19.93 26.32 -9.55
N ILE D 365 18.83 25.70 -9.14
CA ILE D 365 18.84 24.42 -8.46
C ILE D 365 18.00 23.44 -9.27
N ALA D 366 18.03 23.58 -10.59
CA ALA D 366 17.36 22.65 -11.48
C ALA D 366 17.83 21.22 -11.25
N ILE D 367 16.95 20.28 -11.57
CA ILE D 367 17.24 18.86 -11.50
C ILE D 367 17.18 18.31 -12.90
N GLU D 368 18.34 18.09 -13.51
CA GLU D 368 18.38 17.52 -14.83
C GLU D 368 17.96 16.06 -14.81
N ALA D 369 18.51 15.30 -13.87
CA ALA D 369 18.30 13.86 -13.83
C ALA D 369 18.15 13.39 -12.39
N VAL D 370 17.38 12.34 -12.23
CA VAL D 370 17.17 11.67 -10.97
C VAL D 370 17.31 10.18 -11.27
N LYS D 371 17.90 9.45 -10.33
CA LYS D 371 18.07 8.01 -10.46
C LYS D 371 17.72 7.33 -9.16
N SER D 372 16.98 6.24 -9.27
CA SER D 372 16.56 5.44 -8.13
C SER D 372 16.65 3.96 -8.46
N ASP D 373 17.53 3.58 -9.38
CA ASP D 373 17.70 2.20 -9.79
C ASP D 373 18.47 1.36 -8.78
N GLY D 374 18.77 1.90 -7.61
CA GLY D 374 19.30 1.12 -6.52
C GLY D 374 18.18 0.48 -5.71
N HIS D 375 18.55 0.05 -4.51
CA HIS D 375 17.72 -0.85 -3.73
C HIS D 375 17.05 -0.18 -2.52
N ASP D 376 17.82 0.41 -1.61
CA ASP D 376 17.32 0.84 -0.31
C ASP D 376 16.99 2.32 -0.26
N GLY D 377 16.44 2.87 -1.32
CA GLY D 377 15.94 4.23 -1.30
C GLY D 377 16.96 5.30 -1.56
N TYR D 378 18.25 4.99 -1.51
CA TYR D 378 19.27 5.96 -1.89
C TYR D 378 19.07 6.40 -3.32
N VAL D 379 19.23 7.69 -3.57
CA VAL D 379 19.04 8.29 -4.88
C VAL D 379 20.23 9.15 -5.25
N ARG D 380 20.45 9.26 -6.55
CA ARG D 380 21.49 10.11 -7.11
C ARG D 380 20.83 11.13 -8.01
N LEU D 381 21.12 12.39 -7.78
CA LEU D 381 20.51 13.49 -8.49
C LEU D 381 21.58 14.26 -9.24
N GLN D 382 21.27 14.62 -10.47
CA GLN D 382 22.12 15.44 -11.30
C GLN D 382 21.54 16.84 -11.34
N THR D 383 22.28 17.78 -10.79
CA THR D 383 21.78 19.12 -10.54
C THR D 383 22.42 20.12 -11.47
N SER D 384 21.87 21.33 -11.43
CA SER D 384 22.47 22.49 -12.04
C SER D 384 23.29 23.28 -11.04
N SER D 385 23.88 22.59 -10.08
CA SER D 385 24.67 23.21 -9.03
C SER D 385 25.71 22.21 -8.56
N GLN D 386 26.93 22.68 -8.38
CA GLN D 386 27.98 21.84 -7.85
C GLN D 386 27.88 21.74 -6.34
N TYR D 387 28.58 20.74 -5.81
CA TYR D 387 28.57 20.41 -4.41
C TYR D 387 29.99 20.01 -4.04
N GLY D 388 30.57 20.72 -3.08
CA GLY D 388 31.92 20.44 -2.64
C GLY D 388 32.95 21.45 -3.06
N LEU D 389 32.56 22.69 -3.27
CA LEU D 389 33.49 23.75 -3.65
C LEU D 389 32.95 25.09 -3.17
N ASP D 390 33.79 26.10 -3.31
CA ASP D 390 33.48 27.46 -2.91
C ASP D 390 33.17 28.30 -4.15
N SER D 391 33.00 29.60 -3.97
CA SER D 391 32.79 30.49 -5.08
C SER D 391 34.08 30.88 -5.78
N SER D 392 35.22 30.53 -5.19
CA SER D 392 36.53 30.84 -5.76
C SER D 392 37.29 29.60 -6.19
N GLY D 393 36.67 28.43 -6.16
CA GLY D 393 37.27 27.23 -6.68
C GLY D 393 38.08 26.42 -5.70
N ASN D 394 38.42 27.00 -4.55
CA ASN D 394 39.13 26.23 -3.54
C ASN D 394 38.20 25.19 -2.95
N LEU D 395 38.79 24.07 -2.53
CA LEU D 395 38.01 22.95 -2.04
C LEU D 395 37.35 23.29 -0.72
N LYS D 396 36.19 22.70 -0.49
CA LYS D 396 35.42 22.89 0.72
C LYS D 396 34.39 21.77 0.78
N GLY D 397 34.10 21.33 2.00
CA GLY D 397 33.44 20.06 2.19
C GLY D 397 31.99 19.96 1.76
N ARG D 398 31.11 20.65 2.47
CA ARG D 398 29.67 20.45 2.39
C ARG D 398 28.98 21.76 2.04
N THR D 399 29.44 22.39 0.97
CA THR D 399 28.82 23.57 0.42
C THR D 399 28.43 23.34 -1.03
N MET D 400 27.38 24.03 -1.45
CA MET D 400 26.94 24.05 -2.83
C MET D 400 27.10 25.43 -3.41
N ARG D 401 27.55 25.47 -4.65
CA ARG D 401 27.70 26.70 -5.41
C ARG D 401 26.68 26.73 -6.53
N TYR D 402 26.23 27.94 -6.85
CA TYR D 402 25.11 28.11 -7.75
C TYR D 402 25.14 29.52 -8.30
N ASP D 403 24.67 29.64 -9.53
CA ASP D 403 24.69 30.89 -10.27
C ASP D 403 23.36 31.60 -10.12
N MET D 404 23.42 32.80 -9.59
CA MET D 404 22.29 33.70 -9.53
C MET D 404 22.63 34.85 -10.47
N HIS D 405 21.92 34.88 -11.59
CA HIS D 405 21.88 36.01 -12.50
C HIS D 405 23.27 36.50 -12.89
N GLY D 406 24.24 35.58 -12.91
CA GLY D 406 25.57 35.83 -13.42
C GLY D 406 26.68 35.48 -12.45
N THR D 407 26.38 35.44 -11.15
CA THR D 407 27.40 35.31 -10.12
C THR D 407 27.20 34.07 -9.27
N ILE D 408 28.32 33.46 -8.89
CA ILE D 408 28.35 32.26 -8.08
C ILE D 408 28.15 32.66 -6.63
N LYS D 409 27.48 31.81 -5.87
CA LYS D 409 27.31 31.99 -4.45
C LYS D 409 27.66 30.69 -3.73
N GLU D 410 27.36 30.63 -2.43
CA GLU D 410 27.58 29.46 -1.59
C GLU D 410 26.39 29.28 -0.67
N ILE D 411 26.04 28.03 -0.41
CA ILE D 411 25.16 27.68 0.71
C ILE D 411 25.76 26.47 1.42
N PRO D 412 25.74 26.42 2.75
CA PRO D 412 26.11 25.19 3.43
C PRO D 412 25.01 24.16 3.29
N LEU D 413 25.43 22.91 3.19
CA LEU D 413 24.51 21.86 2.79
C LEU D 413 23.50 21.52 3.86
N HIS D 414 23.66 22.03 5.08
CA HIS D 414 22.73 21.79 6.17
C HIS D 414 21.51 22.67 6.11
N GLN D 415 21.35 23.44 5.03
CA GLN D 415 20.26 24.38 4.87
C GLN D 415 19.53 24.13 3.57
N VAL D 416 19.89 23.08 2.84
CA VAL D 416 19.36 22.78 1.53
C VAL D 416 18.54 21.50 1.67
N SER D 417 17.23 21.63 1.58
CA SER D 417 16.31 20.55 1.85
C SER D 417 15.79 19.95 0.56
N LEU D 418 15.28 18.73 0.62
CA LEU D 418 14.59 18.15 -0.50
C LEU D 418 13.66 17.04 -0.03
N TYR D 419 12.59 16.83 -0.80
CA TYR D 419 11.60 15.81 -0.48
C TYR D 419 11.01 15.22 -1.74
N THR D 420 10.45 14.03 -1.58
CA THR D 420 9.67 13.37 -2.61
C THR D 420 8.20 13.29 -2.25
N SER D 421 7.89 12.58 -1.18
CA SER D 421 6.59 12.50 -0.55
C SER D 421 6.66 12.93 0.89
N ARG D 422 7.61 12.40 1.62
CA ARG D 422 8.07 12.93 2.88
C ARG D 422 9.56 13.22 2.76
N PRO D 423 10.14 13.95 3.71
CA PRO D 423 11.48 14.52 3.47
C PRO D 423 12.57 13.50 3.23
N CYS D 424 13.60 13.97 2.53
CA CYS D 424 14.79 13.22 2.25
C CYS D 424 15.84 13.56 3.31
N HIS D 425 17.06 13.09 3.12
CA HIS D 425 18.16 13.36 4.02
C HIS D 425 19.45 13.31 3.21
N ILE D 426 20.02 14.47 2.93
CA ILE D 426 21.21 14.54 2.10
C ILE D 426 22.36 13.85 2.82
N VAL D 427 23.04 12.97 2.11
CA VAL D 427 24.19 12.26 2.64
C VAL D 427 25.44 13.03 2.24
N ASP D 428 25.64 13.17 0.95
CA ASP D 428 26.88 13.72 0.44
C ASP D 428 26.61 14.37 -0.91
N GLY D 429 27.57 15.17 -1.36
CA GLY D 429 27.53 15.80 -2.64
C GLY D 429 28.90 15.90 -3.25
N HIS D 430 28.99 15.83 -4.57
CA HIS D 430 30.27 15.89 -5.25
C HIS D 430 30.01 16.21 -6.70
N GLY D 431 30.78 17.14 -7.24
CA GLY D 431 30.52 17.70 -8.54
C GLY D 431 29.08 18.15 -8.66
N TYR D 432 28.57 18.07 -9.88
CA TYR D 432 27.17 18.30 -10.17
C TYR D 432 26.26 17.40 -9.36
N PHE D 433 26.73 16.22 -8.98
CA PHE D 433 25.87 15.17 -8.48
C PHE D 433 25.72 15.25 -6.97
N LEU D 434 24.55 14.81 -6.52
CA LEU D 434 24.17 14.87 -5.11
C LEU D 434 23.55 13.53 -4.74
N LEU D 435 24.12 12.89 -3.74
CA LEU D 435 23.52 11.69 -3.18
C LEU D 435 22.48 12.12 -2.17
N ALA D 436 21.44 11.31 -2.03
CA ALA D 436 20.41 11.57 -1.05
C ALA D 436 19.82 10.24 -0.63
N ARG D 437 19.09 10.30 0.46
CA ARG D 437 18.46 9.15 1.09
C ARG D 437 16.99 9.52 1.16
N CYS D 438 16.32 9.35 0.04
CA CYS D 438 14.97 9.79 -0.20
C CYS D 438 14.02 8.61 -0.19
N PRO D 439 12.75 8.83 0.14
CA PRO D 439 11.77 7.76 -0.01
C PRO D 439 11.05 7.79 -1.35
N ALA D 440 10.07 6.91 -1.50
CA ALA D 440 9.34 6.76 -2.74
C ALA D 440 8.32 7.87 -2.92
N GLY D 441 8.16 8.29 -4.15
CA GLY D 441 7.28 9.41 -4.46
C GLY D 441 7.19 9.63 -5.95
N ASP D 442 6.37 10.61 -6.31
CA ASP D 442 6.10 10.92 -7.70
C ASP D 442 6.93 12.08 -8.23
N SER D 443 7.65 12.78 -7.37
CA SER D 443 8.43 13.93 -7.80
C SER D 443 9.62 14.07 -6.86
N ILE D 444 10.49 15.02 -7.16
CA ILE D 444 11.46 15.54 -6.20
C ILE D 444 11.36 17.05 -6.23
N THR D 445 11.27 17.65 -5.05
CA THR D 445 11.38 19.08 -4.87
C THR D 445 12.59 19.34 -4.01
N MET D 446 13.55 20.09 -4.53
CA MET D 446 14.70 20.54 -3.76
C MET D 446 14.63 22.05 -3.59
N GLU D 447 15.00 22.54 -2.41
CA GLU D 447 14.72 23.90 -2.02
C GLU D 447 15.78 24.46 -1.08
N PHE D 448 15.98 25.78 -1.17
CA PHE D 448 16.77 26.53 -0.21
C PHE D 448 16.21 27.94 -0.06
N LYS D 449 16.83 28.70 0.85
CA LYS D 449 16.51 30.09 1.11
C LYS D 449 17.79 30.90 1.22
N LYS D 450 17.72 32.20 0.87
CA LYS D 450 18.74 33.17 1.27
C LYS D 450 18.07 34.39 1.90
N ASP D 451 17.64 34.24 3.15
CA ASP D 451 17.27 35.30 4.09
C ASP D 451 16.03 36.11 3.75
N SER D 452 15.60 36.09 2.49
CA SER D 452 14.29 36.61 2.11
C SER D 452 13.59 35.81 1.02
N VAL D 453 14.29 34.90 0.34
CA VAL D 453 13.80 34.23 -0.85
C VAL D 453 13.56 32.77 -0.52
N ARG D 454 12.93 32.07 -1.46
CA ARG D 454 12.60 30.65 -1.35
C ARG D 454 12.77 30.06 -2.74
N HIS D 455 13.97 29.61 -3.04
CA HIS D 455 14.27 29.01 -4.33
C HIS D 455 13.97 27.52 -4.25
N SER D 456 12.95 27.10 -4.98
CA SER D 456 12.58 25.70 -5.06
C SER D 456 12.62 25.25 -6.51
N CYS D 457 12.70 23.95 -6.69
CA CYS D 457 12.59 23.33 -8.00
C CYS D 457 12.03 21.94 -7.84
N SER D 458 10.90 21.69 -8.52
CA SER D 458 10.15 20.45 -8.44
C SER D 458 10.11 19.80 -9.81
N VAL D 459 10.29 18.48 -9.84
CA VAL D 459 10.40 17.72 -11.09
C VAL D 459 9.62 16.41 -10.99
N PRO D 460 8.91 15.99 -12.05
CA PRO D 460 8.06 14.81 -11.98
C PRO D 460 8.79 13.51 -12.30
N TYR D 461 10.00 13.39 -11.82
CA TYR D 461 10.78 12.19 -12.01
C TYR D 461 10.49 11.25 -10.86
N GLU D 462 10.27 9.99 -11.20
CA GLU D 462 9.79 9.01 -10.24
C GLU D 462 10.95 8.51 -9.42
N VAL D 463 10.74 8.44 -8.11
CA VAL D 463 11.69 7.86 -7.18
C VAL D 463 11.11 6.53 -6.71
N LYS D 464 11.87 5.47 -6.94
CA LYS D 464 11.44 4.12 -6.65
C LYS D 464 12.14 3.61 -5.40
N PHE D 465 11.41 2.84 -4.62
CA PHE D 465 11.94 2.11 -3.49
C PHE D 465 11.89 0.64 -3.84
N ASN D 466 13.04 0.08 -4.20
CA ASN D 466 13.15 -1.28 -4.73
C ASN D 466 13.77 -2.18 -3.68
N PRO D 467 12.98 -2.79 -2.79
CA PRO D 467 13.58 -3.48 -1.66
C PRO D 467 14.30 -4.75 -2.05
N VAL D 468 15.07 -5.27 -1.13
CA VAL D 468 15.89 -6.45 -1.35
C VAL D 468 15.15 -7.65 -0.77
N GLY D 469 15.11 -8.72 -1.51
CA GLY D 469 14.63 -9.98 -1.00
C GLY D 469 13.17 -10.20 -1.24
N ARG D 470 12.72 -11.33 -0.72
CA ARG D 470 11.37 -11.81 -0.95
C ARG D 470 10.36 -11.28 0.07
N GLU D 471 10.77 -10.31 0.87
CA GLU D 471 9.87 -9.60 1.78
C GLU D 471 9.87 -8.14 1.38
N LEU D 472 8.69 -7.57 1.25
CA LEU D 472 8.54 -6.26 0.64
C LEU D 472 8.36 -5.24 1.75
N TYR D 473 9.43 -4.49 2.01
CA TYR D 473 9.42 -3.42 2.98
C TYR D 473 9.40 -2.07 2.30
N THR D 474 8.80 -1.10 2.97
CA THR D 474 8.88 0.29 2.57
C THR D 474 9.89 1.06 3.41
N HIS D 475 10.37 0.48 4.50
CA HIS D 475 11.36 1.06 5.37
C HIS D 475 12.08 -0.10 6.06
N PRO D 476 13.40 -0.08 6.18
CA PRO D 476 14.11 -1.27 6.63
C PRO D 476 13.85 -1.58 8.08
N PRO D 477 14.29 -2.75 8.56
CA PRO D 477 14.02 -3.16 9.92
C PRO D 477 15.18 -2.83 10.84
N GLU D 478 14.92 -2.92 12.13
CA GLU D 478 16.00 -2.80 13.08
C GLU D 478 16.90 -4.03 13.08
N HIS D 479 16.46 -5.13 12.48
CA HIS D 479 17.17 -6.38 12.53
C HIS D 479 16.63 -7.32 11.47
N GLY D 480 17.40 -8.35 11.18
CA GLY D 480 17.00 -9.34 10.20
C GLY D 480 18.15 -10.23 9.81
N VAL D 481 18.37 -10.37 8.51
CA VAL D 481 19.51 -11.07 7.97
C VAL D 481 20.11 -10.22 6.86
N GLU D 482 21.24 -10.67 6.33
CA GLU D 482 22.00 -9.93 5.34
C GLU D 482 21.84 -10.58 3.97
N GLN D 483 21.63 -9.75 2.94
CA GLN D 483 21.60 -10.21 1.56
C GLN D 483 22.37 -9.25 0.68
N ALA D 484 22.90 -9.82 -0.40
CA ALA D 484 23.60 -9.04 -1.40
C ALA D 484 22.68 -8.01 -2.01
N CYS D 485 23.22 -6.82 -2.22
CA CYS D 485 22.45 -5.68 -2.65
C CYS D 485 23.35 -4.79 -3.49
N GLN D 486 22.72 -3.84 -4.17
CA GLN D 486 23.42 -2.80 -4.90
C GLN D 486 22.84 -1.47 -4.47
N VAL D 487 23.72 -0.57 -4.04
CA VAL D 487 23.30 0.73 -3.54
C VAL D 487 24.23 1.79 -4.11
N TYR D 488 23.79 3.03 -4.00
CA TYR D 488 24.56 4.17 -4.45
C TYR D 488 25.63 4.47 -3.41
N ALA D 489 26.88 4.29 -3.81
CA ALA D 489 27.98 4.35 -2.86
C ALA D 489 28.21 5.77 -2.36
N HIS D 490 28.81 5.85 -1.19
CA HIS D 490 29.31 7.09 -0.63
C HIS D 490 30.67 7.48 -1.19
N ASP D 491 31.23 6.69 -2.10
CA ASP D 491 32.59 6.87 -2.56
C ASP D 491 32.62 7.75 -3.80
N ALA D 492 33.31 8.88 -3.71
CA ALA D 492 33.44 9.81 -4.83
C ALA D 492 34.77 9.58 -5.55
N GLN D 493 34.89 8.40 -6.15
CA GLN D 493 36.10 8.02 -6.87
C GLN D 493 35.86 8.15 -8.37
N ASN D 494 36.89 7.83 -9.16
CA ASN D 494 36.79 7.69 -10.60
C ASN D 494 36.77 6.21 -10.90
N ARG D 495 35.63 5.73 -11.38
CA ARG D 495 35.38 4.30 -11.59
C ARG D 495 35.01 3.98 -13.02
N GLY D 496 35.61 4.67 -13.98
CA GLY D 496 35.40 4.34 -15.37
C GLY D 496 34.09 4.82 -15.95
N ALA D 497 33.43 5.77 -15.30
CA ALA D 497 32.17 6.32 -15.76
C ALA D 497 32.29 7.83 -15.79
N TYR D 498 31.92 8.42 -16.92
CA TYR D 498 32.34 9.75 -17.26
C TYR D 498 31.20 10.52 -17.92
N VAL D 499 30.86 11.67 -17.33
CA VAL D 499 29.97 12.63 -17.96
C VAL D 499 30.82 13.65 -18.68
N GLU D 500 30.20 14.37 -19.58
CA GLU D 500 30.91 15.18 -20.56
C GLU D 500 30.95 16.63 -20.12
N MET D 501 31.78 17.40 -20.82
CA MET D 501 32.08 18.78 -20.47
C MET D 501 32.36 19.55 -21.74
N HIS D 502 31.70 20.68 -21.89
CA HIS D 502 31.61 21.44 -23.12
C HIS D 502 31.98 22.88 -22.84
N LEU D 503 31.81 23.74 -23.84
CA LEU D 503 32.11 25.16 -23.74
C LEU D 503 30.81 25.94 -23.72
N PRO D 504 30.54 26.76 -22.71
CA PRO D 504 29.20 27.31 -22.57
C PRO D 504 28.89 28.35 -23.62
N GLY D 505 27.71 28.21 -24.19
CA GLY D 505 27.22 29.18 -25.15
C GLY D 505 27.01 30.52 -24.50
N SER D 506 26.85 31.51 -25.35
CA SER D 506 26.81 32.89 -24.89
C SER D 506 25.52 33.13 -24.13
N GLU D 507 25.64 33.33 -22.83
CA GLU D 507 24.48 33.65 -22.01
C GLU D 507 24.05 35.07 -22.29
N VAL D 508 22.76 35.29 -22.34
CA VAL D 508 22.22 36.58 -22.70
C VAL D 508 21.96 37.40 -21.44
N ASP D 509 21.98 38.72 -21.57
CA ASP D 509 21.71 39.60 -20.45
C ASP D 509 21.14 40.91 -20.95
N SER D 510 20.17 41.43 -20.22
CA SER D 510 19.52 42.69 -20.52
C SER D 510 19.72 43.72 -19.43
N SER D 511 20.34 43.32 -18.32
CA SER D 511 20.72 44.28 -17.30
C SER D 511 21.89 45.15 -17.73
N LEU D 512 22.53 44.81 -18.85
CA LEU D 512 23.69 45.55 -19.31
C LEU D 512 23.28 46.70 -20.22
N VAL D 513 22.28 46.48 -21.05
CA VAL D 513 21.80 47.52 -21.94
C VAL D 513 20.99 48.53 -21.13
N SER D 514 21.36 49.80 -21.24
CA SER D 514 20.76 50.86 -20.44
C SER D 514 20.75 52.14 -21.24
N LEU D 515 19.69 52.91 -21.08
CA LEU D 515 19.50 54.16 -21.82
C LEU D 515 20.17 55.28 -21.05
N SER D 516 21.45 55.53 -21.38
CA SER D 516 22.21 56.64 -20.82
C SER D 516 23.00 57.26 -21.96
N GLY D 517 22.43 58.23 -22.69
CA GLY D 517 21.07 58.72 -22.56
C GLY D 517 20.56 59.31 -23.86
N SER D 518 19.24 59.28 -24.03
CA SER D 518 18.58 59.55 -25.31
C SER D 518 19.08 58.61 -26.42
N SER D 519 19.62 57.47 -26.02
CA SER D 519 20.17 56.45 -26.91
C SER D 519 20.49 55.25 -26.02
N VAL D 520 21.16 54.26 -26.58
CA VAL D 520 21.44 53.00 -25.90
C VAL D 520 22.92 52.95 -25.57
N THR D 521 23.26 52.30 -24.45
CA THR D 521 24.64 52.09 -24.05
C THR D 521 24.67 50.78 -23.27
N VAL D 522 25.45 49.82 -23.73
CA VAL D 522 25.69 48.62 -22.96
C VAL D 522 26.68 48.92 -21.85
N THR D 523 26.29 48.61 -20.62
CA THR D 523 27.18 48.71 -19.45
C THR D 523 27.62 47.29 -19.08
N PRO D 524 28.72 46.79 -19.63
CA PRO D 524 29.09 45.40 -19.39
C PRO D 524 29.61 45.19 -17.99
N PRO D 525 29.77 43.94 -17.56
CA PRO D 525 30.35 43.68 -16.24
C PRO D 525 31.83 43.98 -16.26
N ASP D 526 32.32 44.49 -15.13
CA ASP D 526 33.70 44.91 -15.03
C ASP D 526 34.65 43.75 -15.28
N GLY D 527 35.44 43.86 -16.34
CA GLY D 527 36.53 42.96 -16.61
C GLY D 527 36.26 41.94 -17.70
N THR D 528 35.00 41.71 -18.05
CA THR D 528 34.60 40.65 -18.96
C THR D 528 33.92 41.27 -20.17
N SER D 529 34.18 40.69 -21.34
CA SER D 529 33.67 41.19 -22.59
C SER D 529 32.19 40.87 -22.74
N ALA D 530 31.63 41.33 -23.85
CA ALA D 530 30.22 41.14 -24.15
C ALA D 530 30.02 41.25 -25.64
N LEU D 531 29.17 40.37 -26.17
CA LEU D 531 28.81 40.41 -27.59
C LEU D 531 27.47 41.12 -27.73
N VAL D 532 27.37 41.94 -28.76
CA VAL D 532 26.23 42.81 -28.97
C VAL D 532 25.83 42.68 -30.43
N GLU D 533 24.55 42.41 -30.67
CA GLU D 533 24.04 42.01 -31.98
C GLU D 533 22.74 42.75 -32.29
N CYS D 534 22.78 44.07 -32.13
CA CYS D 534 21.61 44.92 -32.21
C CYS D 534 21.42 45.42 -33.63
N GLU D 535 20.21 45.27 -34.18
CA GLU D 535 19.97 45.75 -35.54
C GLU D 535 19.57 47.22 -35.57
N CYS D 536 18.32 47.50 -35.24
CA CYS D 536 17.72 48.82 -35.06
C CYS D 536 17.67 49.69 -36.31
N GLY D 537 18.60 49.53 -37.26
CA GLY D 537 18.34 49.85 -38.64
C GLY D 537 18.98 48.91 -39.64
N GLY D 538 20.17 48.41 -39.29
CA GLY D 538 21.05 47.80 -40.28
C GLY D 538 21.93 46.65 -39.81
N THR D 539 21.55 45.94 -38.76
CA THR D 539 22.27 44.75 -38.29
C THR D 539 23.69 45.11 -37.85
N LYS D 540 23.75 45.85 -36.73
CA LYS D 540 25.02 46.22 -36.13
C LYS D 540 25.47 45.14 -35.17
N ILE D 541 26.76 44.85 -35.19
CA ILE D 541 27.37 43.81 -34.37
C ILE D 541 28.76 44.29 -33.95
N SER D 542 29.07 44.14 -32.67
CA SER D 542 30.37 44.50 -32.14
C SER D 542 30.77 43.49 -31.08
N GLU D 543 32.05 43.55 -30.71
CA GLU D 543 32.71 42.52 -29.92
C GLU D 543 33.53 43.14 -28.81
N THR D 544 32.91 44.04 -28.06
CA THR D 544 33.55 44.84 -27.01
C THR D 544 34.43 44.02 -26.08
N ILE D 545 35.74 44.28 -26.10
CA ILE D 545 36.66 43.61 -25.19
C ILE D 545 36.34 44.00 -23.76
N ASN D 546 36.49 45.28 -23.45
CA ASN D 546 36.08 45.82 -22.17
C ASN D 546 35.85 47.31 -22.41
N LYS D 547 34.59 47.68 -22.59
CA LYS D 547 34.27 49.06 -22.90
C LYS D 547 32.78 49.26 -22.74
N THR D 548 32.41 50.48 -22.36
CA THR D 548 31.02 50.87 -22.20
C THR D 548 30.66 51.73 -23.40
N LYS D 549 30.31 51.07 -24.49
CA LYS D 549 30.15 51.73 -25.78
C LYS D 549 28.71 52.19 -25.96
N GLN D 550 28.55 53.29 -26.66
CA GLN D 550 27.27 53.95 -26.86
C GLN D 550 26.78 53.60 -28.27
N PHE D 551 26.18 52.44 -28.39
CA PHE D 551 25.58 52.01 -29.65
C PHE D 551 24.43 52.94 -29.97
N SER D 552 24.64 53.86 -30.91
CA SER D 552 23.63 54.84 -31.26
C SER D 552 22.71 54.28 -32.34
N GLN D 553 21.83 55.14 -32.83
CA GLN D 553 20.83 54.78 -33.85
C GLN D 553 19.97 53.60 -33.38
N CYS D 554 19.72 53.54 -32.07
CA CYS D 554 18.96 52.46 -31.46
C CYS D 554 17.64 52.93 -30.88
N THR D 555 17.67 53.89 -29.96
CA THR D 555 16.49 54.54 -29.37
C THR D 555 15.64 53.64 -28.48
N LYS D 556 15.94 52.35 -28.39
CA LYS D 556 15.17 51.42 -27.59
C LYS D 556 16.06 50.26 -27.19
N LYS D 557 15.84 49.74 -25.99
CA LYS D 557 16.59 48.59 -25.51
C LYS D 557 15.87 47.28 -25.74
N GLU D 558 14.68 47.31 -26.35
CA GLU D 558 14.02 46.08 -26.76
C GLU D 558 14.50 45.65 -28.13
N GLN D 559 14.95 46.59 -28.95
CA GLN D 559 15.58 46.27 -30.21
C GLN D 559 17.05 45.90 -30.05
N CYS D 560 17.64 46.19 -28.90
CA CYS D 560 19.00 45.82 -28.58
C CYS D 560 18.98 44.62 -27.63
N ARG D 561 19.83 43.64 -27.89
CA ARG D 561 19.94 42.48 -27.03
C ARG D 561 21.38 42.01 -26.99
N ALA D 562 21.91 41.89 -25.78
CA ALA D 562 23.34 41.72 -25.54
C ALA D 562 23.64 40.37 -24.93
N TYR D 563 24.85 39.91 -25.18
CA TYR D 563 25.32 38.59 -24.83
C TYR D 563 26.63 38.71 -24.07
N ARG D 564 26.98 37.64 -23.37
CA ARG D 564 28.10 37.62 -22.43
C ARG D 564 29.04 36.49 -22.79
N LEU D 565 30.32 36.71 -22.56
CA LEU D 565 31.38 35.78 -22.93
C LEU D 565 32.26 35.58 -21.70
N GLN D 566 32.05 34.45 -21.02
CA GLN D 566 32.87 34.11 -19.87
C GLN D 566 34.05 33.23 -20.29
N ASN D 567 33.76 32.05 -20.83
CA ASN D 567 34.75 31.18 -21.47
C ASN D 567 35.88 30.70 -20.56
N ASP D 568 35.85 31.06 -19.28
CA ASP D 568 36.94 30.71 -18.37
C ASP D 568 36.74 29.34 -17.78
N LYS D 569 35.49 28.92 -17.63
CA LYS D 569 35.13 27.66 -17.03
C LYS D 569 34.07 27.01 -17.89
N TRP D 570 33.94 25.69 -17.73
CA TRP D 570 33.26 24.83 -18.67
C TRP D 570 32.00 24.26 -18.02
N VAL D 571 31.14 23.65 -18.82
CA VAL D 571 29.80 23.27 -18.40
C VAL D 571 29.46 21.87 -18.88
N TYR D 572 28.37 21.35 -18.31
CA TYR D 572 27.76 20.12 -18.75
C TYR D 572 26.88 20.35 -19.97
N ASN D 573 26.68 19.29 -20.74
CA ASN D 573 25.94 19.33 -21.99
C ASN D 573 24.45 19.45 -21.71
N SER D 574 24.05 20.57 -21.12
CA SER D 574 22.67 20.73 -20.69
C SER D 574 21.78 21.06 -21.86
N ASP D 575 20.64 20.38 -21.92
CA ASP D 575 19.64 20.70 -22.91
C ASP D 575 18.93 22.01 -22.60
N LYS D 576 19.05 22.50 -21.37
CA LYS D 576 18.48 23.76 -20.95
C LYS D 576 19.46 24.91 -21.07
N LEU D 577 20.46 24.78 -21.93
CA LEU D 577 21.42 25.83 -22.21
C LEU D 577 21.83 25.74 -23.67
N PRO D 578 21.99 26.86 -24.37
CA PRO D 578 22.39 26.79 -25.78
C PRO D 578 23.88 26.56 -25.92
N LYS D 579 24.24 26.04 -27.09
CA LYS D 579 25.60 25.64 -27.35
C LYS D 579 26.34 26.71 -28.13
N ALA D 580 27.65 26.54 -28.20
CA ALA D 580 28.52 27.40 -28.96
C ALA D 580 28.66 26.87 -30.38
N ALA D 581 29.40 27.62 -31.20
CA ALA D 581 29.43 27.37 -32.62
C ALA D 581 30.41 26.24 -32.96
N GLY D 582 31.57 26.26 -32.34
CA GLY D 582 32.69 25.46 -32.79
C GLY D 582 32.76 24.10 -32.14
N ALA D 583 33.95 23.52 -32.19
CA ALA D 583 34.20 22.21 -31.61
C ALA D 583 34.35 22.39 -30.11
N THR D 584 33.26 22.13 -29.40
CA THR D 584 33.17 22.32 -27.96
C THR D 584 32.91 20.96 -27.34
N LEU D 585 33.98 20.21 -27.16
CA LEU D 585 33.91 18.90 -26.51
C LEU D 585 35.29 18.66 -25.94
N LYS D 586 35.46 18.96 -24.66
CA LYS D 586 36.73 18.72 -24.00
C LYS D 586 36.53 18.27 -22.57
N GLY D 587 37.14 17.14 -22.24
CA GLY D 587 37.24 16.70 -20.87
C GLY D 587 36.13 15.77 -20.43
N LYS D 588 36.46 14.97 -19.42
CA LYS D 588 35.56 13.98 -18.87
C LYS D 588 35.54 14.15 -17.36
N LEU D 589 34.36 14.36 -16.79
CA LEU D 589 34.16 14.49 -15.37
C LEU D 589 33.68 13.16 -14.82
N HIS D 590 34.20 12.74 -13.68
CA HIS D 590 33.88 11.42 -13.17
C HIS D 590 32.61 11.45 -12.35
N VAL D 591 31.66 10.60 -12.73
CA VAL D 591 30.37 10.52 -12.06
C VAL D 591 30.59 9.79 -10.74
N PRO D 592 30.28 10.39 -9.60
CA PRO D 592 30.56 9.71 -8.34
C PRO D 592 29.36 8.94 -7.87
N PHE D 593 29.54 8.20 -6.79
CA PHE D 593 28.44 7.62 -6.04
C PHE D 593 27.67 6.64 -6.91
N LEU D 594 28.40 5.67 -7.45
CA LEU D 594 27.83 4.71 -8.37
C LEU D 594 27.10 3.59 -7.64
N LEU D 595 26.36 2.84 -8.41
CA LEU D 595 25.70 1.65 -7.92
C LEU D 595 26.73 0.56 -7.76
N ALA D 596 27.13 0.32 -6.52
CA ALA D 596 28.12 -0.68 -6.17
C ALA D 596 27.51 -1.67 -5.20
N ASP D 597 28.20 -2.79 -5.05
CA ASP D 597 27.69 -3.90 -4.29
C ASP D 597 27.77 -3.65 -2.80
N GLY D 598 27.04 -4.46 -2.06
CA GLY D 598 27.07 -4.39 -0.62
C GLY D 598 26.25 -5.51 -0.04
N LYS D 599 26.27 -5.59 1.29
CA LYS D 599 25.45 -6.52 2.03
C LYS D 599 24.46 -5.71 2.83
N CYS D 600 23.26 -5.57 2.30
CA CYS D 600 22.20 -4.86 2.97
C CYS D 600 21.45 -5.82 3.88
N THR D 601 20.46 -5.30 4.57
CA THR D 601 19.77 -6.03 5.63
C THR D 601 18.32 -6.21 5.22
N VAL D 602 17.94 -7.46 5.01
CA VAL D 602 16.59 -7.84 4.62
C VAL D 602 15.86 -8.33 5.86
N PRO D 603 14.58 -8.05 6.00
CA PRO D 603 13.83 -8.60 7.12
C PRO D 603 13.63 -10.09 6.98
N LEU D 604 13.36 -10.71 8.12
CA LEU D 604 13.22 -12.15 8.23
C LEU D 604 11.81 -12.47 8.71
N ALA D 605 11.06 -13.20 7.91
CA ALA D 605 9.69 -13.47 8.22
C ALA D 605 9.58 -14.34 9.45
N PRO D 606 8.40 -14.41 10.07
CA PRO D 606 8.20 -15.33 11.18
C PRO D 606 8.22 -16.78 10.75
N GLU D 607 8.53 -17.63 11.72
CA GLU D 607 8.62 -19.06 11.45
C GLU D 607 7.22 -19.62 11.22
N PRO D 608 6.96 -20.31 10.12
CA PRO D 608 5.61 -20.80 9.89
C PRO D 608 5.28 -21.94 10.81
N MET D 609 4.01 -22.03 11.18
CA MET D 609 3.52 -23.16 11.96
C MET D 609 3.16 -24.27 10.98
N ILE D 610 4.03 -25.27 10.91
CA ILE D 610 3.91 -26.37 9.99
C ILE D 610 3.07 -27.44 10.65
N THR D 611 2.27 -28.15 9.86
CA THR D 611 1.49 -29.29 10.34
C THR D 611 1.56 -30.38 9.29
N PHE D 612 1.87 -31.59 9.72
CA PHE D 612 2.09 -32.71 8.84
C PHE D 612 0.83 -33.57 8.74
N GLY D 613 0.79 -34.39 7.69
CA GLY D 613 -0.32 -35.26 7.43
C GLY D 613 0.04 -36.13 6.24
N PHE D 614 -0.78 -37.16 6.02
CA PHE D 614 -0.45 -38.16 5.01
C PHE D 614 -0.33 -37.53 3.63
N ARG D 615 0.90 -37.47 3.14
CA ARG D 615 1.20 -36.88 1.84
C ARG D 615 0.69 -35.45 1.77
N SER D 616 0.74 -34.74 2.90
CA SER D 616 0.25 -33.38 2.96
C SER D 616 0.99 -32.60 4.03
N VAL D 617 1.20 -31.33 3.74
CA VAL D 617 1.76 -30.37 4.67
C VAL D 617 0.87 -29.15 4.67
N SER D 618 0.21 -28.91 5.79
CA SER D 618 -0.53 -27.68 6.02
C SER D 618 0.42 -26.68 6.63
N LEU D 619 0.23 -25.41 6.27
CA LEU D 619 1.06 -24.33 6.78
C LEU D 619 0.14 -23.22 7.24
N LYS D 620 0.37 -22.76 8.48
CA LYS D 620 -0.26 -21.56 9.00
C LYS D 620 0.81 -20.49 9.07
N LEU D 621 0.57 -19.40 8.36
CA LEU D 621 1.58 -18.40 8.08
C LEU D 621 1.14 -17.08 8.70
N HIS D 622 2.09 -16.36 9.28
CA HIS D 622 1.81 -15.11 9.96
C HIS D 622 2.77 -14.06 9.43
N PRO D 623 2.36 -13.24 8.49
CA PRO D 623 3.27 -12.24 7.91
C PRO D 623 3.23 -10.90 8.61
N LYS D 624 4.37 -10.22 8.57
CA LYS D 624 4.48 -8.84 9.04
C LYS D 624 4.33 -7.89 7.88
N ASN D 625 5.22 -8.00 6.92
CA ASN D 625 5.16 -7.31 5.66
C ASN D 625 4.79 -8.30 4.56
N PRO D 626 4.43 -7.82 3.37
CA PRO D 626 4.15 -8.74 2.28
C PRO D 626 5.34 -9.63 1.96
N THR D 627 5.06 -10.93 1.88
CA THR D 627 6.09 -11.94 1.78
C THR D 627 5.73 -12.93 0.70
N TYR D 628 6.71 -13.29 -0.12
CA TYR D 628 6.48 -14.17 -1.25
C TYR D 628 6.63 -15.62 -0.80
N LEU D 629 5.65 -16.44 -1.18
CA LEU D 629 5.65 -17.87 -0.97
C LEU D 629 6.01 -18.53 -2.29
N ILE D 630 7.03 -19.38 -2.24
CA ILE D 630 7.71 -19.89 -3.41
C ILE D 630 7.83 -21.40 -3.22
N THR D 631 7.02 -22.15 -3.95
CA THR D 631 6.91 -23.60 -3.75
C THR D 631 6.99 -24.34 -5.06
N ARG D 632 7.65 -25.49 -5.04
CA ARG D 632 7.75 -26.38 -6.17
C ARG D 632 7.81 -27.81 -5.70
N GLN D 633 7.84 -28.72 -6.66
CA GLN D 633 8.09 -30.13 -6.43
C GLN D 633 9.37 -30.53 -7.12
N LEU D 634 9.99 -31.57 -6.58
CA LEU D 634 11.30 -32.04 -7.04
C LEU D 634 11.16 -33.18 -8.03
N ALA D 635 10.12 -33.13 -8.85
CA ALA D 635 9.90 -34.07 -9.93
C ALA D 635 9.82 -33.32 -11.26
N ASP D 636 9.49 -34.06 -12.32
CA ASP D 636 9.42 -33.50 -13.66
C ASP D 636 8.45 -32.33 -13.74
N GLU D 637 7.31 -32.45 -13.07
CA GLU D 637 6.29 -31.41 -13.06
C GLU D 637 6.37 -30.67 -11.73
N PRO D 638 7.10 -29.55 -11.64
CA PRO D 638 7.26 -28.90 -10.34
C PRO D 638 6.01 -28.23 -9.84
N HIS D 639 5.13 -27.79 -10.73
CA HIS D 639 3.87 -27.17 -10.37
C HIS D 639 4.10 -25.99 -9.44
N TYR D 640 4.73 -24.98 -10.00
CA TYR D 640 5.29 -23.91 -9.25
C TYR D 640 4.23 -22.90 -8.81
N THR D 641 4.36 -22.42 -7.58
CA THR D 641 3.49 -21.39 -7.04
C THR D 641 4.33 -20.23 -6.50
N HIS D 642 3.92 -19.03 -6.89
CA HIS D 642 4.52 -17.76 -6.50
C HIS D 642 3.39 -16.88 -6.04
N GLU D 643 3.22 -16.74 -4.74
CA GLU D 643 2.06 -16.09 -4.16
C GLU D 643 2.50 -15.08 -3.12
N LEU D 644 2.06 -13.84 -3.26
CA LEU D 644 2.41 -12.78 -2.33
C LEU D 644 1.39 -12.79 -1.20
N ILE D 645 1.75 -13.41 -0.10
CA ILE D 645 0.89 -13.44 1.08
C ILE D 645 1.15 -12.18 1.87
N SER D 646 0.06 -11.49 2.19
CA SER D 646 0.09 -10.25 2.92
C SER D 646 -0.76 -10.28 4.17
N GLU D 647 -1.74 -11.17 4.25
CA GLU D 647 -2.62 -11.35 5.38
C GLU D 647 -2.44 -12.74 5.95
N PRO D 648 -2.91 -12.99 7.17
CA PRO D 648 -2.77 -14.35 7.71
C PRO D 648 -3.54 -15.38 6.92
N ALA D 649 -2.80 -16.28 6.31
CA ALA D 649 -3.35 -17.29 5.41
C ALA D 649 -2.97 -18.68 5.90
N VAL D 650 -3.69 -19.66 5.37
CA VAL D 650 -3.44 -21.07 5.62
C VAL D 650 -3.43 -21.78 4.29
N ARG D 651 -2.47 -22.68 4.09
CA ARG D 651 -2.21 -23.28 2.80
C ARG D 651 -1.94 -24.76 2.96
N ASN D 652 -2.74 -25.58 2.28
CA ASN D 652 -2.66 -27.03 2.37
C ASN D 652 -2.08 -27.57 1.07
N PHE D 653 -0.78 -27.86 1.08
CA PHE D 653 -0.03 -28.35 -0.07
C PHE D 653 -0.09 -29.86 -0.11
N THR D 654 0.56 -30.43 -1.13
CA THR D 654 0.73 -31.87 -1.26
C THR D 654 2.21 -32.18 -1.35
N VAL D 655 2.60 -33.37 -0.87
CA VAL D 655 3.99 -33.77 -0.75
C VAL D 655 4.08 -35.26 -1.06
N THR D 656 4.75 -35.57 -2.16
CA THR D 656 4.86 -36.94 -2.65
C THR D 656 6.09 -37.62 -2.05
N GLU D 657 6.44 -38.77 -2.61
CA GLU D 657 7.68 -39.45 -2.28
C GLU D 657 8.88 -38.84 -2.97
N LYS D 658 8.66 -38.04 -4.00
CA LYS D 658 9.75 -37.45 -4.75
C LYS D 658 10.24 -36.15 -4.14
N GLY D 659 9.34 -35.27 -3.68
CA GLY D 659 9.77 -34.08 -2.98
C GLY D 659 8.79 -32.95 -2.87
N TRP D 660 9.20 -31.91 -2.14
CA TRP D 660 8.48 -30.65 -2.09
C TRP D 660 9.40 -29.62 -1.47
N GLU D 661 9.41 -28.42 -2.05
CA GLU D 661 10.27 -27.33 -1.61
C GLU D 661 9.41 -26.23 -1.00
N PHE D 662 10.06 -25.41 -0.18
CA PHE D 662 9.35 -24.38 0.56
C PHE D 662 10.32 -23.23 0.82
N VAL D 663 10.03 -22.08 0.21
CA VAL D 663 10.79 -20.87 0.42
C VAL D 663 9.82 -19.77 0.77
N TRP D 664 10.10 -19.09 1.87
CA TRP D 664 9.16 -18.17 2.52
C TRP D 664 9.95 -16.96 2.98
N GLY D 665 9.79 -15.87 2.26
CA GLY D 665 10.58 -14.70 2.55
C GLY D 665 12.04 -14.96 2.31
N ASN D 666 12.85 -14.37 3.18
CA ASN D 666 14.30 -14.42 3.06
C ASN D 666 14.90 -15.57 3.84
N HIS D 667 14.11 -16.59 4.13
CA HIS D 667 14.60 -17.72 4.88
C HIS D 667 15.38 -18.67 3.98
N PRO D 668 16.04 -19.66 4.56
CA PRO D 668 16.63 -20.69 3.75
C PRO D 668 15.56 -21.59 3.15
N PRO D 669 15.85 -22.29 2.07
CA PRO D 669 14.89 -23.26 1.53
C PRO D 669 14.78 -24.48 2.44
N LYS D 670 13.54 -24.86 2.74
CA LYS D 670 13.25 -26.15 3.33
C LYS D 670 12.78 -27.12 2.25
N ARG D 671 12.95 -28.41 2.55
CA ARG D 671 12.72 -29.45 1.58
C ARG D 671 12.21 -30.69 2.30
N PHE D 672 11.07 -31.19 1.87
CA PHE D 672 10.31 -32.20 2.57
C PHE D 672 9.99 -33.36 1.64
N TRP D 673 10.01 -34.57 2.20
CA TRP D 673 9.61 -35.78 1.52
C TRP D 673 8.61 -36.53 2.40
N ALA D 674 7.90 -37.48 1.79
CA ALA D 674 6.84 -38.24 2.45
C ALA D 674 7.15 -39.72 2.39
N GLN D 675 7.07 -40.37 3.55
CA GLN D 675 7.23 -41.82 3.65
C GLN D 675 5.88 -42.42 3.97
N GLU D 676 5.75 -43.71 3.68
CA GLU D 676 4.43 -44.32 3.51
C GLU D 676 3.84 -44.70 4.85
N THR D 677 2.83 -43.96 5.29
CA THR D 677 1.98 -44.31 6.42
C THR D 677 0.54 -44.14 5.97
N ALA D 678 0.02 -45.10 5.27
CA ALA D 678 -1.38 -45.05 4.94
C ALA D 678 -2.20 -45.53 6.14
N PRO D 679 -3.30 -44.84 6.49
CA PRO D 679 -4.14 -45.43 7.52
C PRO D 679 -4.96 -46.61 7.02
N GLU D 688 -11.34 -51.30 6.10
CA GLU D 688 -11.06 -52.66 6.51
C GLU D 688 -9.55 -52.89 6.38
N VAL D 689 -9.09 -53.35 5.23
CA VAL D 689 -7.71 -53.16 4.81
C VAL D 689 -7.61 -52.65 3.38
N ILE D 690 -8.73 -52.30 2.76
CA ILE D 690 -8.71 -51.73 1.42
C ILE D 690 -8.39 -50.25 1.50
N THR D 691 -8.69 -49.61 2.63
CA THR D 691 -8.40 -48.20 2.78
C THR D 691 -6.91 -47.95 2.75
N HIS D 692 -6.13 -48.87 3.31
CA HIS D 692 -4.70 -48.74 3.29
C HIS D 692 -4.16 -48.83 1.87
N TYR D 693 -4.64 -49.80 1.09
CA TYR D 693 -4.27 -49.92 -0.30
C TYR D 693 -5.00 -48.94 -1.20
N TYR D 694 -6.11 -48.36 -0.75
CA TYR D 694 -6.74 -47.29 -1.51
C TYR D 694 -6.05 -45.96 -1.27
N HIS D 695 -5.28 -45.86 -0.19
CA HIS D 695 -4.43 -44.70 0.05
C HIS D 695 -3.04 -44.97 -0.50
N ARG D 696 -2.38 -45.97 0.04
CA ARG D 696 -1.10 -46.45 -0.49
C ARG D 696 -1.36 -47.10 -1.83
N TYR D 697 -0.80 -46.52 -2.90
CA TYR D 697 -0.96 -47.06 -4.24
C TYR D 697 -2.43 -47.11 -4.61
N PRO D 698 -3.05 -45.97 -4.84
CA PRO D 698 -4.46 -45.97 -5.26
C PRO D 698 -4.65 -46.42 -6.69
N MET D 699 -5.87 -46.29 -7.20
CA MET D 699 -6.29 -46.95 -8.43
C MET D 699 -6.08 -48.45 -8.29
N SER D 700 -6.82 -49.03 -7.36
CA SER D 700 -6.73 -50.43 -7.04
C SER D 700 -7.89 -50.80 -6.13
N TYR E 813 -28.87 23.47 -70.15
CA TYR E 813 -29.02 22.00 -70.07
C TYR E 813 -28.84 21.54 -68.63
N GLU E 814 -29.89 20.93 -68.09
CA GLU E 814 -29.88 20.50 -66.71
C GLU E 814 -29.12 19.17 -66.58
N HIS E 815 -28.47 19.00 -65.45
CA HIS E 815 -27.78 17.77 -65.14
C HIS E 815 -27.87 17.53 -63.65
N ALA E 816 -27.92 16.26 -63.29
CA ALA E 816 -28.11 15.82 -61.92
C ALA E 816 -27.16 14.67 -61.66
N THR E 817 -27.02 14.33 -60.39
CA THR E 817 -26.08 13.32 -59.98
C THR E 817 -26.35 13.00 -58.52
N THR E 818 -25.46 12.22 -57.94
CA THR E 818 -25.62 11.73 -56.57
C THR E 818 -24.24 11.52 -55.99
N MET E 819 -23.72 12.54 -55.33
CA MET E 819 -22.39 12.49 -54.78
C MET E 819 -22.43 11.95 -53.36
N PRO E 820 -21.55 11.04 -52.96
CA PRO E 820 -21.58 10.59 -51.58
C PRO E 820 -21.13 11.66 -50.62
N SER E 821 -21.67 11.61 -49.41
CA SER E 821 -21.24 12.49 -48.34
C SER E 821 -19.94 11.98 -47.76
N GLN E 822 -18.83 12.31 -48.41
CA GLN E 822 -17.54 11.87 -47.93
C GLN E 822 -16.47 12.86 -48.36
N ALA E 823 -15.63 13.26 -47.41
CA ALA E 823 -14.56 14.20 -47.69
C ALA E 823 -13.36 13.50 -48.30
N GLY E 824 -12.61 14.24 -49.12
CA GLY E 824 -11.45 13.73 -49.80
C GLY E 824 -11.74 13.03 -51.10
N ILE E 825 -12.85 12.30 -51.18
CA ILE E 825 -13.17 11.53 -52.37
C ILE E 825 -13.61 12.51 -53.45
N SER E 826 -12.68 12.86 -54.34
CA SER E 826 -12.96 13.82 -55.39
C SER E 826 -13.89 13.20 -56.42
N TYR E 827 -15.15 13.55 -56.33
CA TYR E 827 -16.13 13.14 -57.33
C TYR E 827 -15.82 13.80 -58.66
N ASN E 828 -16.11 13.08 -59.72
CA ASN E 828 -15.92 13.55 -61.09
C ASN E 828 -17.04 13.04 -61.95
N THR E 829 -17.55 13.89 -62.84
CA THR E 829 -18.56 13.43 -63.79
C THR E 829 -18.67 14.43 -64.93
N ILE E 830 -19.31 13.99 -66.01
CA ILE E 830 -19.25 14.68 -67.29
C ILE E 830 -20.66 14.93 -67.81
N VAL E 831 -20.90 16.15 -68.26
CA VAL E 831 -22.14 16.53 -68.91
C VAL E 831 -21.97 16.29 -70.39
N ASN E 832 -22.94 15.64 -71.00
CA ASN E 832 -22.82 15.06 -72.33
C ASN E 832 -24.05 15.43 -73.15
N ARG E 833 -24.03 16.62 -73.71
CA ARG E 833 -24.94 16.99 -74.76
C ARG E 833 -24.47 16.40 -76.08
N ALA E 834 -25.32 16.50 -77.09
CA ALA E 834 -25.07 15.80 -78.34
C ALA E 834 -24.15 16.60 -79.25
N GLY E 835 -24.58 17.77 -79.67
CA GLY E 835 -23.81 18.56 -80.61
C GLY E 835 -22.63 19.27 -80.00
N TYR E 836 -22.56 19.31 -78.67
CA TYR E 836 -21.49 19.95 -77.95
C TYR E 836 -20.60 18.90 -77.31
N ALA E 837 -19.46 19.35 -76.82
CA ALA E 837 -18.46 18.44 -76.31
C ALA E 837 -18.77 18.09 -74.88
N PRO E 838 -18.11 17.06 -74.33
CA PRO E 838 -18.27 16.78 -72.92
C PRO E 838 -17.70 17.92 -72.07
N LEU E 839 -18.45 18.29 -71.04
CA LEU E 839 -17.96 19.24 -70.06
C LEU E 839 -17.64 18.49 -68.78
N PRO E 840 -16.39 18.45 -68.32
CA PRO E 840 -16.12 17.83 -67.03
C PRO E 840 -16.55 18.69 -65.87
N ILE E 841 -16.78 18.01 -64.73
CA ILE E 841 -17.19 18.63 -63.49
C ILE E 841 -16.54 17.84 -62.36
N SER E 842 -15.69 18.52 -61.59
CA SER E 842 -14.92 17.90 -60.52
C SER E 842 -15.30 18.55 -59.21
N ILE E 843 -15.76 17.75 -58.26
CA ILE E 843 -16.38 18.25 -57.03
C ILE E 843 -15.73 17.53 -55.87
N THR E 844 -15.04 18.29 -55.04
CA THR E 844 -14.40 17.75 -53.83
C THR E 844 -15.02 18.42 -52.62
N PRO E 845 -15.83 17.73 -51.82
CA PRO E 845 -16.30 18.34 -50.57
C PRO E 845 -15.21 18.29 -49.51
N THR E 846 -14.85 19.45 -48.99
CA THR E 846 -13.80 19.56 -48.00
C THR E 846 -14.31 19.40 -46.58
N LYS E 847 -15.53 19.83 -46.31
CA LYS E 847 -16.05 19.83 -44.96
C LYS E 847 -17.57 19.82 -45.03
N ILE E 848 -18.17 18.75 -44.53
CA ILE E 848 -19.62 18.55 -44.54
C ILE E 848 -20.11 18.73 -43.12
N LYS E 849 -20.88 19.79 -42.87
CA LYS E 849 -21.35 20.10 -41.53
C LYS E 849 -22.75 19.57 -41.28
N LEU E 850 -23.12 19.60 -40.01
CA LEU E 850 -24.48 19.21 -39.59
C LEU E 850 -24.78 20.02 -38.33
N ILE E 851 -25.46 21.14 -38.50
CA ILE E 851 -25.67 22.12 -37.44
C ILE E 851 -27.09 21.97 -36.93
N PRO E 852 -27.32 21.35 -35.77
CA PRO E 852 -28.65 21.36 -35.20
C PRO E 852 -29.09 22.75 -34.79
N THR E 853 -30.40 22.91 -34.71
CA THR E 853 -30.97 24.07 -34.07
C THR E 853 -31.15 23.74 -32.61
N VAL E 854 -30.79 24.69 -31.76
CA VAL E 854 -30.53 24.42 -30.35
C VAL E 854 -31.35 25.38 -29.51
N ASN E 855 -31.87 24.88 -28.40
CA ASN E 855 -32.61 25.69 -27.45
C ASN E 855 -32.08 25.42 -26.06
N LEU E 856 -31.66 26.49 -25.38
CA LEU E 856 -31.09 26.42 -24.04
C LEU E 856 -32.20 26.35 -23.01
N GLU E 857 -32.08 25.43 -22.08
CA GLU E 857 -33.04 25.26 -20.99
C GLU E 857 -32.46 25.75 -19.67
N TYR E 858 -31.26 25.29 -19.31
CA TYR E 858 -30.65 25.73 -18.08
C TYR E 858 -29.16 25.41 -18.07
N VAL E 859 -28.47 26.07 -17.14
CA VAL E 859 -27.10 25.78 -16.81
C VAL E 859 -27.01 25.34 -15.37
N THR E 860 -26.14 24.37 -15.12
CA THR E 860 -25.93 23.81 -13.80
C THR E 860 -24.43 23.77 -13.56
N CYS E 861 -24.04 24.25 -12.39
CA CYS E 861 -22.66 24.30 -11.98
C CYS E 861 -22.60 23.89 -10.52
N HIS E 862 -21.39 23.84 -9.98
CA HIS E 862 -21.18 23.50 -8.59
C HIS E 862 -22.00 24.43 -7.69
N TYR E 863 -22.24 23.97 -6.46
CA TYR E 863 -22.96 24.75 -5.48
C TYR E 863 -22.03 25.18 -4.35
N LYS E 864 -22.50 26.20 -3.65
CA LYS E 864 -21.89 26.73 -2.45
C LYS E 864 -22.98 26.83 -1.41
N THR E 865 -22.75 26.22 -0.25
CA THR E 865 -23.68 26.28 0.84
C THR E 865 -23.47 27.61 1.54
N GLY E 866 -24.51 28.42 1.55
CA GLY E 866 -24.49 29.71 2.20
C GLY E 866 -25.06 29.61 3.59
N MET E 867 -24.17 29.68 4.57
CA MET E 867 -24.52 29.64 5.98
C MET E 867 -24.55 31.05 6.51
N ASP E 868 -25.75 31.61 6.63
CA ASP E 868 -25.94 32.84 7.37
C ASP E 868 -25.47 32.67 8.80
N SER E 869 -25.14 33.77 9.43
CA SER E 869 -24.45 33.72 10.70
C SER E 869 -25.43 33.33 11.80
N PRO E 870 -24.98 32.63 12.84
CA PRO E 870 -25.93 32.20 13.87
C PRO E 870 -26.44 33.36 14.70
N ALA E 871 -27.76 33.46 14.79
CA ALA E 871 -28.40 34.34 15.76
C ALA E 871 -28.50 33.61 17.08
N ILE E 872 -27.78 34.10 18.07
CA ILE E 872 -27.73 33.48 19.39
C ILE E 872 -28.49 34.40 20.34
N LYS E 873 -29.39 33.82 21.09
CA LYS E 873 -30.14 34.52 22.13
C LYS E 873 -29.94 33.77 23.43
N CYS E 874 -29.78 34.53 24.50
CA CYS E 874 -29.48 33.99 25.82
C CYS E 874 -30.56 34.37 26.81
N CYS E 875 -31.14 33.37 27.46
CA CYS E 875 -32.40 33.49 28.19
C CYS E 875 -33.45 34.17 27.31
N GLY E 876 -33.85 33.45 26.27
CA GLY E 876 -34.85 33.95 25.37
C GLY E 876 -35.37 32.86 24.45
N SER E 877 -35.98 33.29 23.36
CA SER E 877 -36.53 32.37 22.39
C SER E 877 -36.75 33.12 21.08
N GLN E 878 -36.20 32.59 20.01
CA GLN E 878 -36.33 33.18 18.68
C GLN E 878 -37.17 32.29 17.78
N GLU E 879 -37.84 32.93 16.83
CA GLU E 879 -38.69 32.27 15.86
C GLU E 879 -38.14 32.53 14.47
N CYS E 880 -38.18 31.51 13.63
CA CYS E 880 -37.64 31.62 12.28
C CYS E 880 -38.34 32.72 11.49
N THR E 881 -37.64 33.21 10.47
CA THR E 881 -38.09 34.30 9.63
C THR E 881 -37.71 33.99 8.19
N PRO E 882 -38.63 33.53 7.35
CA PRO E 882 -38.24 33.11 6.00
C PRO E 882 -37.78 34.26 5.12
N THR E 883 -36.50 34.24 4.76
CA THR E 883 -36.01 34.90 3.55
C THR E 883 -36.04 33.85 2.45
N TYR E 884 -36.78 34.13 1.40
CA TYR E 884 -37.11 33.10 0.42
C TYR E 884 -35.92 32.82 -0.49
N ARG E 885 -34.91 32.20 0.08
CA ARG E 885 -33.68 31.87 -0.64
C ARG E 885 -33.76 30.45 -1.17
N PRO E 886 -32.88 30.08 -2.12
CA PRO E 886 -32.97 28.74 -2.70
C PRO E 886 -32.61 27.66 -1.69
N ASP E 887 -33.60 26.83 -1.37
CA ASP E 887 -33.44 25.72 -0.45
C ASP E 887 -33.10 26.23 0.95
N GLU E 888 -33.78 27.30 1.36
CA GLU E 888 -33.59 27.81 2.70
C GLU E 888 -34.17 26.83 3.69
N GLN E 889 -33.30 26.26 4.51
CA GLN E 889 -33.69 25.53 5.69
C GLN E 889 -33.34 26.36 6.92
N CYS E 890 -34.18 26.22 7.93
CA CYS E 890 -34.19 27.11 9.08
C CYS E 890 -34.61 26.30 10.28
N LYS E 891 -33.76 26.25 11.29
CA LYS E 891 -34.04 25.48 12.49
C LYS E 891 -33.60 26.29 13.69
N VAL E 892 -34.11 25.91 14.86
CA VAL E 892 -33.82 26.57 16.10
C VAL E 892 -33.37 25.51 17.09
N PHE E 893 -32.27 25.78 17.77
CA PHE E 893 -31.63 24.82 18.64
C PHE E 893 -31.66 25.37 20.05
N THR E 894 -32.05 24.51 20.99
CA THR E 894 -32.20 24.87 22.39
C THR E 894 -31.31 23.99 23.25
N GLY E 895 -30.78 24.60 24.30
CA GLY E 895 -29.78 23.95 25.12
C GLY E 895 -28.41 24.14 24.51
N VAL E 896 -28.06 25.39 24.23
CA VAL E 896 -26.77 25.76 23.66
C VAL E 896 -25.99 26.50 24.73
N TYR E 897 -24.65 26.42 24.64
CA TYR E 897 -23.76 27.10 25.58
C TYR E 897 -22.46 27.38 24.84
N PRO E 898 -22.43 28.41 24.01
CA PRO E 898 -21.29 28.61 23.12
C PRO E 898 -20.02 29.02 23.83
N PHE E 899 -18.93 28.93 23.07
CA PHE E 899 -17.65 29.49 23.42
C PHE E 899 -17.16 30.33 22.25
N MET E 900 -16.86 31.59 22.52
CA MET E 900 -15.92 32.35 21.71
C MET E 900 -14.54 32.18 22.34
N TRP E 901 -13.58 32.98 21.92
CA TRP E 901 -12.29 33.00 22.62
C TRP E 901 -12.41 33.60 24.01
N GLY E 902 -13.24 34.63 24.17
CA GLY E 902 -13.30 35.33 25.45
C GLY E 902 -13.85 34.50 26.57
N GLY E 903 -14.62 33.49 26.24
CA GLY E 903 -15.26 32.66 27.22
C GLY E 903 -16.66 32.33 26.77
N ALA E 904 -17.48 31.95 27.72
CA ALA E 904 -18.83 31.52 27.41
C ALA E 904 -19.65 32.71 26.96
N TYR E 905 -20.58 32.45 26.03
CA TYR E 905 -21.31 33.54 25.43
C TYR E 905 -22.38 34.08 26.36
N CYS E 906 -22.85 33.27 27.31
CA CYS E 906 -23.82 33.75 28.29
C CYS E 906 -23.99 32.74 29.41
N PHE E 907 -24.50 33.24 30.54
CA PHE E 907 -24.64 32.42 31.74
C PHE E 907 -25.79 31.44 31.62
N CYS E 908 -26.77 31.74 30.80
CA CYS E 908 -28.03 31.04 30.79
C CYS E 908 -27.79 29.62 30.30
N ASP E 909 -27.64 28.68 31.23
CA ASP E 909 -27.16 27.35 30.91
C ASP E 909 -28.11 26.65 29.94
N THR E 910 -29.36 26.49 30.34
CA THR E 910 -30.45 26.19 29.44
C THR E 910 -31.14 27.49 29.07
N GLU E 911 -32.19 27.37 28.28
CA GLU E 911 -32.95 28.53 27.82
C GLU E 911 -32.08 29.45 26.96
N ASN E 912 -31.09 28.86 26.30
CA ASN E 912 -30.37 29.49 25.22
C ASN E 912 -31.02 29.09 23.92
N THR E 913 -30.63 29.77 22.85
CA THR E 913 -31.31 29.61 21.57
C THR E 913 -30.35 29.97 20.46
N GLN E 914 -30.37 29.16 19.41
CA GLN E 914 -29.48 29.32 18.28
C GLN E 914 -30.28 29.09 17.01
N VAL E 915 -30.52 30.15 16.26
CA VAL E 915 -31.20 30.05 14.97
C VAL E 915 -30.17 29.77 13.90
N SER E 916 -30.34 28.65 13.21
CA SER E 916 -29.51 28.27 12.10
C SER E 916 -30.29 28.46 10.81
N LYS E 917 -29.64 29.09 9.84
CA LYS E 917 -30.16 29.30 8.50
C LYS E 917 -29.13 28.80 7.53
N ALA E 918 -29.57 28.03 6.54
CA ALA E 918 -28.68 27.56 5.50
C ALA E 918 -29.41 27.59 4.18
N TYR E 919 -28.69 27.96 3.13
CA TYR E 919 -29.22 27.99 1.79
C TYR E 919 -28.14 27.56 0.82
N VAL E 920 -28.45 27.66 -0.47
CA VAL E 920 -27.67 27.06 -1.54
C VAL E 920 -27.62 28.04 -2.69
N MET E 921 -26.40 28.37 -3.13
CA MET E 921 -26.20 29.36 -4.17
C MET E 921 -25.15 28.87 -5.15
N LYS E 922 -25.07 29.55 -6.29
CA LYS E 922 -24.25 29.07 -7.39
C LYS E 922 -22.84 29.61 -7.29
N SER E 923 -21.90 28.73 -7.61
CA SER E 923 -20.49 28.96 -7.34
C SER E 923 -20.00 30.19 -8.07
N ASP E 924 -18.91 30.73 -7.55
CA ASP E 924 -18.33 31.94 -8.10
C ASP E 924 -17.73 31.69 -9.47
N ASP E 925 -17.39 30.43 -9.76
CA ASP E 925 -16.71 30.06 -11.00
C ASP E 925 -17.70 29.63 -12.08
N CYS E 926 -18.98 30.00 -11.96
CA CYS E 926 -19.99 29.51 -12.87
C CYS E 926 -20.04 30.29 -14.18
N LEU E 927 -19.38 31.45 -14.24
CA LEU E 927 -19.15 32.14 -15.51
C LEU E 927 -18.26 31.34 -16.45
N ALA E 928 -17.51 30.37 -15.95
CA ALA E 928 -16.51 29.69 -16.74
C ALA E 928 -16.41 28.19 -16.50
N ASP E 929 -17.27 27.61 -15.65
CA ASP E 929 -17.24 26.18 -15.37
C ASP E 929 -18.64 25.62 -15.36
N HIS E 930 -19.43 25.98 -16.36
CA HIS E 930 -20.85 25.70 -16.39
C HIS E 930 -21.20 24.82 -17.57
N ALA E 931 -22.12 23.90 -17.33
CA ALA E 931 -22.61 22.96 -18.31
C ALA E 931 -23.93 23.44 -18.86
N GLU E 932 -24.00 23.55 -20.17
CA GLU E 932 -25.19 24.08 -20.85
C GLU E 932 -26.07 22.94 -21.36
N ALA E 933 -27.32 22.96 -20.96
CA ALA E 933 -28.29 21.96 -21.36
C ALA E 933 -29.05 22.44 -22.58
N TYR E 934 -29.24 21.54 -23.53
CA TYR E 934 -29.72 21.89 -24.86
C TYR E 934 -30.73 20.88 -25.34
N LYS E 935 -31.75 21.38 -26.03
CA LYS E 935 -32.64 20.59 -26.83
C LYS E 935 -32.31 20.85 -28.29
N ALA E 936 -32.00 19.78 -29.02
CA ALA E 936 -31.55 19.87 -30.39
C ALA E 936 -32.61 19.32 -31.33
N HIS E 937 -32.70 19.93 -32.50
CA HIS E 937 -33.69 19.54 -33.49
C HIS E 937 -33.39 20.26 -34.79
N THR E 938 -33.76 19.63 -35.90
CA THR E 938 -33.88 20.27 -37.21
C THR E 938 -32.53 20.76 -37.70
N ALA E 939 -31.65 19.79 -37.88
CA ALA E 939 -30.31 20.07 -38.38
C ALA E 939 -30.34 20.53 -39.82
N SER E 940 -29.45 21.46 -40.14
CA SER E 940 -29.27 22.01 -41.48
C SER E 940 -27.87 21.67 -41.96
N VAL E 941 -27.77 20.58 -42.71
CA VAL E 941 -26.49 20.15 -43.24
C VAL E 941 -25.97 21.21 -44.20
N GLN E 942 -24.66 21.47 -44.13
CA GLN E 942 -24.01 22.59 -44.78
C GLN E 942 -22.64 22.14 -45.23
N ALA E 943 -22.37 22.24 -46.53
CA ALA E 943 -21.23 21.60 -47.15
C ALA E 943 -20.35 22.60 -47.85
N PHE E 944 -19.04 22.50 -47.62
CA PHE E 944 -18.04 23.31 -48.30
C PHE E 944 -17.50 22.49 -49.47
N LEU E 945 -17.59 23.05 -50.67
CA LEU E 945 -17.32 22.34 -51.90
C LEU E 945 -16.26 23.08 -52.69
N ASN E 946 -15.41 22.31 -53.38
CA ASN E 946 -14.41 22.84 -54.29
C ASN E 946 -14.76 22.28 -55.66
N ILE E 947 -15.23 23.14 -56.54
CA ILE E 947 -15.97 22.75 -57.74
C ILE E 947 -15.27 23.34 -58.95
N THR E 948 -14.86 22.49 -59.88
CA THR E 948 -14.16 22.88 -61.09
C THR E 948 -15.03 22.48 -62.27
N VAL E 949 -15.37 23.46 -63.09
CA VAL E 949 -16.29 23.26 -64.22
C VAL E 949 -15.67 24.00 -65.41
N GLY E 950 -14.89 23.29 -66.21
CA GLY E 950 -14.30 23.87 -67.38
C GLY E 950 -13.26 24.92 -67.05
N GLU E 951 -12.38 24.57 -66.11
CA GLU E 951 -11.25 25.42 -65.72
C GLU E 951 -11.75 26.75 -65.16
N HIS E 952 -12.80 26.69 -64.34
CA HIS E 952 -13.45 27.83 -63.71
C HIS E 952 -13.67 27.54 -62.24
N SER E 953 -12.60 27.10 -61.57
CA SER E 953 -12.69 26.60 -60.21
C SER E 953 -13.28 27.62 -59.26
N ILE E 954 -14.04 27.12 -58.28
CA ILE E 954 -14.76 27.92 -57.32
C ILE E 954 -14.84 27.13 -56.03
N VAL E 955 -15.07 27.85 -54.93
CA VAL E 955 -15.08 27.29 -53.59
C VAL E 955 -16.25 27.92 -52.85
N THR E 956 -17.11 27.09 -52.29
CA THR E 956 -18.44 27.54 -51.94
C THR E 956 -19.01 26.77 -50.77
N THR E 957 -19.51 27.50 -49.79
CA THR E 957 -20.45 26.95 -48.82
C THR E 957 -21.82 26.88 -49.45
N VAL E 958 -22.45 25.70 -49.38
CA VAL E 958 -23.78 25.48 -49.92
C VAL E 958 -24.62 24.76 -48.87
N TYR E 959 -25.92 25.01 -48.92
CA TYR E 959 -26.89 24.39 -48.04
C TYR E 959 -27.61 23.29 -48.82
N VAL E 960 -28.00 22.23 -48.11
CA VAL E 960 -28.63 21.08 -48.76
C VAL E 960 -30.12 21.10 -48.50
N ASN E 961 -30.68 22.28 -48.27
CA ASN E 961 -32.10 22.46 -48.39
C ASN E 961 -32.52 22.19 -49.84
N GLY E 962 -33.82 22.13 -50.06
CA GLY E 962 -34.30 21.91 -51.40
C GLY E 962 -33.86 23.02 -52.34
N GLU E 963 -34.37 24.24 -52.10
CA GLU E 963 -34.09 25.39 -52.94
C GLU E 963 -33.26 26.37 -52.12
N THR E 964 -31.94 26.16 -52.13
CA THR E 964 -30.98 27.14 -51.64
C THR E 964 -29.79 27.13 -52.58
N PRO E 965 -29.93 27.73 -53.76
CA PRO E 965 -28.90 27.64 -54.78
C PRO E 965 -27.74 28.60 -54.57
N VAL E 966 -26.62 28.29 -55.24
CA VAL E 966 -25.44 29.13 -55.27
C VAL E 966 -25.05 29.34 -56.73
N ASN E 967 -24.77 30.58 -57.09
CA ASN E 967 -24.72 31.02 -58.47
C ASN E 967 -23.39 31.72 -58.70
N PHE E 968 -22.45 30.97 -59.29
CA PHE E 968 -21.16 31.53 -59.69
C PHE E 968 -20.96 31.29 -61.18
N ASN E 969 -20.65 32.36 -61.91
CA ASN E 969 -20.25 32.32 -63.31
C ASN E 969 -21.45 32.08 -64.23
N GLY E 970 -22.65 32.27 -63.71
CA GLY E 970 -23.84 31.80 -64.37
C GLY E 970 -24.17 30.35 -64.10
N VAL E 971 -23.24 29.58 -63.55
CA VAL E 971 -23.52 28.22 -63.14
C VAL E 971 -24.34 28.27 -61.86
N LYS E 972 -25.49 27.62 -61.89
CA LYS E 972 -26.43 27.56 -60.77
C LYS E 972 -26.38 26.17 -60.19
N ILE E 973 -26.08 26.07 -58.90
CA ILE E 973 -25.84 24.81 -58.22
C ILE E 973 -26.84 24.69 -57.08
N THR E 974 -27.68 23.67 -57.13
CA THR E 974 -28.59 23.33 -56.05
C THR E 974 -28.18 21.98 -55.50
N ALA E 975 -28.36 21.81 -54.20
CA ALA E 975 -27.90 20.63 -53.48
C ALA E 975 -28.98 20.17 -52.52
N GLY E 976 -29.14 18.86 -52.44
CA GLY E 976 -30.04 18.25 -51.50
C GLY E 976 -31.36 17.85 -52.13
N PRO E 977 -32.26 17.26 -51.32
CA PRO E 977 -32.08 16.97 -49.91
C PRO E 977 -31.22 15.76 -49.65
N LEU E 978 -30.71 15.66 -48.43
CA LEU E 978 -29.85 14.55 -48.05
C LEU E 978 -30.68 13.27 -47.94
N SER E 979 -30.05 12.15 -48.26
CA SER E 979 -30.71 10.86 -48.27
C SER E 979 -30.76 10.19 -46.91
N THR E 980 -30.60 10.95 -45.82
CA THR E 980 -30.73 10.42 -44.49
C THR E 980 -31.00 11.58 -43.53
N ALA E 981 -31.79 11.29 -42.50
CA ALA E 981 -32.16 12.26 -41.49
C ALA E 981 -31.41 12.03 -40.18
N TRP E 982 -30.34 11.26 -40.22
CA TRP E 982 -29.63 10.87 -39.03
C TRP E 982 -28.90 12.05 -38.42
N THR E 983 -28.90 12.11 -37.10
CA THR E 983 -28.07 13.00 -36.32
C THR E 983 -27.42 12.18 -35.22
N PRO E 984 -26.14 12.41 -34.91
CA PRO E 984 -25.59 11.85 -33.68
C PRO E 984 -26.11 12.55 -32.44
N PHE E 985 -26.81 13.66 -32.63
CA PHE E 985 -27.34 14.48 -31.58
C PHE E 985 -28.76 14.03 -31.30
N ASP E 986 -29.11 13.94 -30.03
CA ASP E 986 -30.44 13.53 -29.61
C ASP E 986 -31.19 14.72 -29.02
N ARG E 987 -32.40 14.46 -28.56
CA ARG E 987 -33.28 15.50 -28.05
C ARG E 987 -32.73 16.21 -26.82
N LYS E 988 -31.75 15.62 -26.15
CA LYS E 988 -31.19 16.18 -24.94
C LYS E 988 -29.67 16.11 -25.00
N ILE E 989 -29.02 17.26 -24.86
CA ILE E 989 -27.59 17.42 -25.03
C ILE E 989 -27.06 18.24 -23.87
N VAL E 990 -25.79 18.02 -23.51
CA VAL E 990 -25.07 18.83 -22.55
C VAL E 990 -23.76 19.27 -23.20
N GLN E 991 -23.37 20.51 -22.94
CA GLN E 991 -22.10 21.07 -23.40
C GLN E 991 -21.23 21.39 -22.21
N TYR E 992 -20.00 20.91 -22.22
CA TYR E 992 -19.05 21.21 -21.15
C TYR E 992 -17.65 20.95 -21.62
N ALA E 993 -16.75 21.86 -21.24
CA ALA E 993 -15.32 21.74 -21.54
C ALA E 993 -15.10 21.59 -23.03
N GLY E 994 -15.89 22.32 -23.81
CA GLY E 994 -15.78 22.24 -25.26
C GLY E 994 -16.10 20.88 -25.79
N GLU E 995 -17.07 20.20 -25.18
CA GLU E 995 -17.29 18.79 -25.45
C GLU E 995 -18.76 18.47 -25.22
N ILE E 996 -19.35 17.74 -26.16
CA ILE E 996 -20.79 17.55 -26.24
C ILE E 996 -21.14 16.13 -25.84
N TYR E 997 -22.00 16.02 -24.84
CA TYR E 997 -22.42 14.76 -24.26
C TYR E 997 -23.91 14.58 -24.49
N ASN E 998 -24.32 13.33 -24.57
CA ASN E 998 -25.70 12.97 -24.88
C ASN E 998 -26.33 12.37 -23.63
N TYR E 999 -27.03 13.23 -22.89
CA TYR E 999 -27.46 12.97 -21.52
C TYR E 999 -28.92 13.33 -21.38
N ASP E 1000 -29.68 12.43 -20.74
CA ASP E 1000 -31.10 12.63 -20.53
C ASP E 1000 -31.29 13.50 -19.30
N PHE E 1001 -31.10 14.80 -19.48
CA PHE E 1001 -31.20 15.72 -18.37
C PHE E 1001 -32.67 16.05 -18.09
N PRO E 1002 -33.02 16.32 -16.84
CA PRO E 1002 -34.40 16.64 -16.51
C PRO E 1002 -34.77 18.06 -16.90
N GLU E 1003 -36.07 18.34 -16.75
CA GLU E 1003 -36.64 19.63 -17.06
C GLU E 1003 -36.41 20.59 -15.90
N TYR E 1004 -36.70 21.86 -16.16
CA TYR E 1004 -36.58 22.88 -15.15
C TYR E 1004 -37.52 22.57 -13.99
N GLY E 1005 -36.93 22.16 -12.89
CA GLY E 1005 -37.65 21.90 -11.67
C GLY E 1005 -37.79 20.45 -11.31
N ALA E 1006 -37.40 19.54 -12.20
CA ALA E 1006 -37.48 18.11 -11.97
C ALA E 1006 -36.12 17.54 -11.61
N GLY E 1007 -35.22 18.36 -11.11
CA GLY E 1007 -33.93 17.88 -10.68
C GLY E 1007 -34.06 16.90 -9.54
N GLN E 1008 -32.94 16.27 -9.22
CA GLN E 1008 -32.86 15.41 -8.06
C GLN E 1008 -31.51 15.56 -7.38
N PRO E 1009 -31.44 15.37 -6.07
CA PRO E 1009 -30.17 15.57 -5.39
C PRO E 1009 -29.16 14.48 -5.65
N GLY E 1010 -28.13 14.82 -6.42
CA GLY E 1010 -26.99 13.96 -6.63
C GLY E 1010 -26.53 13.87 -8.05
N ALA E 1011 -27.29 14.41 -8.99
CA ALA E 1011 -26.95 14.36 -10.39
C ALA E 1011 -27.24 15.71 -11.04
N PHE E 1012 -26.94 15.77 -12.33
CA PHE E 1012 -27.19 16.91 -13.19
C PHE E 1012 -28.59 17.45 -13.00
N GLY E 1013 -28.68 18.65 -12.48
CA GLY E 1013 -29.93 19.31 -12.23
C GLY E 1013 -30.18 19.66 -10.79
N ASP E 1014 -29.24 19.37 -9.90
CA ASP E 1014 -29.44 19.72 -8.50
C ASP E 1014 -29.49 21.22 -8.30
N ILE E 1015 -28.81 21.97 -9.16
CA ILE E 1015 -28.94 23.41 -9.27
C ILE E 1015 -29.35 23.69 -10.71
N GLN E 1016 -30.26 24.63 -10.89
CA GLN E 1016 -30.80 24.95 -12.22
C GLN E 1016 -31.03 26.45 -12.35
N SER E 1017 -30.16 27.10 -13.10
CA SER E 1017 -30.36 28.46 -13.54
C SER E 1017 -30.61 28.49 -15.04
N ARG E 1018 -31.52 29.37 -15.44
CA ARG E 1018 -31.80 29.59 -16.84
C ARG E 1018 -30.54 29.99 -17.60
N THR E 1019 -29.96 31.12 -17.23
CA THR E 1019 -28.74 31.63 -17.82
C THR E 1019 -27.60 31.49 -16.83
N VAL E 1020 -26.40 31.76 -17.32
CA VAL E 1020 -25.22 31.78 -16.47
C VAL E 1020 -25.35 32.90 -15.45
N SER E 1021 -26.00 33.99 -15.84
CA SER E 1021 -26.28 35.13 -14.98
C SER E 1021 -27.80 35.29 -14.93
N SER E 1022 -28.43 34.67 -13.95
CA SER E 1022 -29.85 34.78 -13.70
C SER E 1022 -30.06 35.07 -12.22
N SER E 1023 -31.33 35.13 -11.83
CA SER E 1023 -31.73 35.49 -10.47
C SER E 1023 -32.27 34.28 -9.73
N ASP E 1024 -33.28 33.64 -10.30
CA ASP E 1024 -33.94 32.51 -9.67
C ASP E 1024 -33.29 31.21 -10.08
N LEU E 1025 -32.85 30.44 -9.10
CA LEU E 1025 -32.28 29.13 -9.31
C LEU E 1025 -33.06 28.11 -8.50
N TYR E 1026 -33.31 26.96 -9.10
CA TYR E 1026 -33.97 25.86 -8.42
C TYR E 1026 -32.90 24.97 -7.81
N ALA E 1027 -32.98 24.77 -6.51
CA ALA E 1027 -32.00 24.00 -5.78
C ALA E 1027 -32.69 22.82 -5.11
N ASN E 1028 -31.99 21.70 -5.07
CA ASN E 1028 -32.46 20.53 -4.34
C ASN E 1028 -31.23 19.69 -4.05
N THR E 1029 -30.85 19.60 -2.78
CA THR E 1029 -29.64 18.93 -2.34
C THR E 1029 -29.83 18.08 -1.10
N ASN E 1030 -31.04 17.96 -0.58
CA ASN E 1030 -31.30 17.24 0.65
C ASN E 1030 -30.54 17.92 1.79
N LEU E 1031 -30.65 19.23 1.83
CA LEU E 1031 -30.01 20.04 2.86
C LEU E 1031 -30.71 19.80 4.19
N VAL E 1032 -30.00 19.17 5.11
CA VAL E 1032 -30.50 18.88 6.45
C VAL E 1032 -29.56 19.55 7.44
N LEU E 1033 -30.14 20.30 8.35
CA LEU E 1033 -29.37 20.91 9.43
C LEU E 1033 -29.24 19.92 10.57
N GLN E 1034 -28.14 20.04 11.29
CA GLN E 1034 -27.81 19.20 12.42
C GLN E 1034 -27.58 20.08 13.64
N ARG E 1035 -27.40 19.43 14.79
CA ARG E 1035 -27.19 20.19 16.01
C ARG E 1035 -25.71 20.48 16.19
N PRO E 1036 -25.34 21.65 16.69
CA PRO E 1036 -23.93 21.96 16.90
C PRO E 1036 -23.39 21.35 18.19
N LYS E 1037 -22.06 21.26 18.23
CA LYS E 1037 -21.37 20.72 19.38
C LYS E 1037 -21.60 21.60 20.59
N ALA E 1038 -21.43 21.00 21.76
CA ALA E 1038 -21.56 21.74 23.00
C ALA E 1038 -20.33 22.59 23.20
N GLY E 1039 -20.46 23.89 22.93
CA GLY E 1039 -19.37 24.83 23.10
C GLY E 1039 -18.82 25.26 21.77
N ALA E 1040 -19.71 25.45 20.80
CA ALA E 1040 -19.31 25.78 19.45
C ALA E 1040 -20.34 26.68 18.81
N ILE E 1041 -19.92 27.39 17.78
CA ILE E 1041 -20.77 28.27 17.01
C ILE E 1041 -20.59 27.90 15.55
N HIS E 1042 -21.47 27.04 15.04
CA HIS E 1042 -21.43 26.67 13.64
C HIS E 1042 -22.78 26.16 13.22
N VAL E 1043 -22.99 26.16 11.91
CA VAL E 1043 -24.21 25.68 11.28
C VAL E 1043 -23.89 24.36 10.60
N PRO E 1044 -23.96 23.24 11.28
CA PRO E 1044 -23.50 21.99 10.69
C PRO E 1044 -24.49 21.47 9.68
N TYR E 1045 -24.05 21.38 8.43
CA TYR E 1045 -24.90 21.02 7.31
C TYR E 1045 -24.46 19.70 6.70
N THR E 1046 -25.42 18.82 6.48
CA THR E 1046 -25.22 17.61 5.70
C THR E 1046 -26.15 17.67 4.49
N GLN E 1047 -25.58 17.43 3.31
CA GLN E 1047 -26.38 17.43 2.10
C GLN E 1047 -25.70 16.57 1.05
N ALA E 1048 -26.40 16.43 -0.07
CA ALA E 1048 -25.90 15.63 -1.15
C ALA E 1048 -24.75 16.37 -1.85
N PRO E 1049 -23.72 15.66 -2.28
CA PRO E 1049 -22.65 16.33 -3.03
C PRO E 1049 -23.10 16.91 -4.34
N SER E 1050 -22.17 17.56 -5.02
CA SER E 1050 -22.46 18.17 -6.30
C SER E 1050 -22.76 17.09 -7.32
N GLY E 1051 -23.96 17.11 -7.89
CA GLY E 1051 -24.27 16.21 -8.98
C GLY E 1051 -23.47 16.51 -10.22
N PHE E 1052 -22.93 17.72 -10.30
CA PHE E 1052 -22.08 18.09 -11.40
C PHE E 1052 -20.75 17.36 -11.32
N GLU E 1053 -20.18 17.24 -10.12
CA GLU E 1053 -18.97 16.46 -9.94
C GLU E 1053 -19.19 14.99 -10.27
N GLN E 1054 -20.39 14.47 -10.04
CA GLN E 1054 -20.63 13.08 -10.36
C GLN E 1054 -20.90 12.88 -11.85
N TRP E 1055 -21.51 13.85 -12.51
CA TRP E 1055 -21.55 13.81 -13.96
C TRP E 1055 -20.15 13.88 -14.55
N LYS E 1056 -19.24 14.54 -13.85
CA LYS E 1056 -17.88 14.64 -14.35
C LYS E 1056 -17.08 13.37 -14.12
N LYS E 1057 -17.14 12.80 -12.92
CA LYS E 1057 -16.46 11.55 -12.66
C LYS E 1057 -17.00 10.43 -13.54
N ASP E 1058 -18.27 10.09 -13.37
CA ASP E 1058 -18.96 9.18 -14.27
C ASP E 1058 -19.42 10.00 -15.46
N LYS E 1059 -18.70 9.88 -16.57
CA LYS E 1059 -18.69 10.90 -17.61
C LYS E 1059 -19.46 10.51 -18.85
N ALA E 1060 -19.51 9.22 -19.19
CA ALA E 1060 -20.20 8.77 -20.40
C ALA E 1060 -19.58 9.45 -21.61
N PRO E 1061 -18.38 9.02 -22.04
CA PRO E 1061 -17.53 9.82 -22.93
C PRO E 1061 -18.22 10.39 -24.15
N SER E 1062 -17.65 11.46 -24.64
CA SER E 1062 -18.33 12.39 -25.50
C SER E 1062 -18.58 11.80 -26.87
N LEU E 1063 -19.44 12.48 -27.59
CA LEU E 1063 -19.82 12.11 -28.94
C LEU E 1063 -18.69 12.34 -29.92
N LYS E 1064 -17.64 13.06 -29.50
CA LYS E 1064 -16.42 13.19 -30.28
C LYS E 1064 -15.73 11.85 -30.47
N PHE E 1065 -16.02 10.87 -29.61
CA PHE E 1065 -15.36 9.59 -29.58
C PHE E 1065 -16.34 8.44 -29.53
N THR E 1066 -17.65 8.69 -29.67
CA THR E 1066 -18.67 7.65 -29.60
C THR E 1066 -19.79 7.82 -30.62
N ALA E 1067 -19.66 8.72 -31.53
CA ALA E 1067 -20.68 8.91 -32.54
C ALA E 1067 -20.51 7.90 -33.67
N PRO E 1068 -21.59 7.34 -34.21
CA PRO E 1068 -21.43 6.41 -35.33
C PRO E 1068 -21.37 7.15 -36.65
N PHE E 1069 -21.11 6.37 -37.69
CA PHE E 1069 -20.95 6.87 -39.05
C PHE E 1069 -19.85 7.92 -39.15
N GLY E 1070 -18.87 7.87 -38.25
CA GLY E 1070 -17.67 8.68 -38.39
C GLY E 1070 -17.87 10.17 -38.37
N CYS E 1071 -18.25 10.70 -37.22
CA CYS E 1071 -18.51 12.12 -37.06
C CYS E 1071 -17.47 12.75 -36.15
N GLU E 1072 -17.09 13.98 -36.48
CA GLU E 1072 -16.18 14.80 -35.70
C GLU E 1072 -16.97 15.95 -35.09
N ILE E 1073 -17.13 15.92 -33.79
CA ILE E 1073 -17.98 16.87 -33.08
C ILE E 1073 -17.19 18.13 -32.75
N TYR E 1074 -17.87 19.26 -32.74
CA TYR E 1074 -17.23 20.54 -32.46
C TYR E 1074 -18.15 21.39 -31.58
N THR E 1075 -17.65 22.56 -31.22
CA THR E 1075 -18.09 23.48 -30.18
C THR E 1075 -19.05 24.52 -30.75
N ASN E 1076 -19.14 25.66 -30.07
CA ASN E 1076 -20.31 26.52 -29.85
C ASN E 1076 -21.34 26.54 -30.97
N PRO E 1077 -20.98 26.83 -32.21
CA PRO E 1077 -21.96 26.65 -33.29
C PRO E 1077 -22.08 25.18 -33.64
N ILE E 1078 -22.69 24.44 -32.71
CA ILE E 1078 -22.57 22.98 -32.60
C ILE E 1078 -22.72 22.30 -33.94
N ARG E 1079 -21.79 21.41 -34.25
CA ARG E 1079 -21.75 20.77 -35.54
C ARG E 1079 -21.04 19.45 -35.42
N ALA E 1080 -21.38 18.55 -36.34
CA ALA E 1080 -20.78 17.24 -36.47
C ALA E 1080 -20.32 17.11 -37.91
N GLU E 1081 -19.01 17.08 -38.12
CA GLU E 1081 -18.41 17.23 -39.43
C GLU E 1081 -17.92 15.90 -39.97
N ASN E 1082 -17.84 15.84 -41.29
CA ASN E 1082 -17.33 14.71 -42.04
C ASN E 1082 -18.05 13.40 -41.66
N CYS E 1083 -19.36 13.49 -41.45
CA CYS E 1083 -20.17 12.32 -41.15
C CYS E 1083 -20.38 11.53 -42.44
N ALA E 1084 -19.66 10.42 -42.55
CA ALA E 1084 -19.71 9.59 -43.75
C ALA E 1084 -21.01 8.82 -43.78
N VAL E 1085 -22.07 9.50 -44.22
CA VAL E 1085 -23.37 8.86 -44.40
C VAL E 1085 -24.16 9.65 -45.40
N GLY E 1086 -24.86 8.94 -46.26
CA GLY E 1086 -25.80 9.55 -47.16
C GLY E 1086 -25.17 9.91 -48.47
N SER E 1087 -26.05 10.17 -49.44
CA SER E 1087 -25.67 10.65 -50.74
C SER E 1087 -26.49 11.89 -51.03
N ILE E 1088 -25.82 12.97 -51.37
CA ILE E 1088 -26.45 14.26 -51.62
C ILE E 1088 -26.69 14.39 -53.12
N PRO E 1089 -27.88 14.79 -53.57
CA PRO E 1089 -28.07 15.05 -54.98
C PRO E 1089 -27.83 16.51 -55.32
N LEU E 1090 -27.37 16.71 -56.54
CA LEU E 1090 -27.03 18.00 -57.06
C LEU E 1090 -27.86 18.31 -58.30
N ALA E 1091 -27.82 19.55 -58.72
CA ALA E 1091 -28.58 19.98 -59.87
C ALA E 1091 -27.94 21.24 -60.41
N PHE E 1092 -27.44 21.16 -61.63
CA PHE E 1092 -26.60 22.18 -62.23
C PHE E 1092 -27.27 22.74 -63.46
N ASP E 1093 -27.52 24.04 -63.45
CA ASP E 1093 -27.85 24.78 -64.66
C ASP E 1093 -26.58 25.41 -65.18
N ILE E 1094 -26.25 25.09 -66.43
CA ILE E 1094 -24.99 25.42 -67.06
C ILE E 1094 -25.28 26.33 -68.25
N PRO E 1095 -24.89 27.60 -68.22
CA PRO E 1095 -25.18 28.44 -69.38
C PRO E 1095 -24.39 27.99 -70.60
N ASP E 1096 -25.07 28.04 -71.73
CA ASP E 1096 -24.62 27.44 -72.98
C ASP E 1096 -23.21 27.84 -73.42
N ALA E 1097 -22.67 28.94 -72.92
CA ALA E 1097 -21.40 29.42 -73.43
C ALA E 1097 -20.24 28.55 -72.96
N LEU E 1098 -20.41 27.81 -71.88
CA LEU E 1098 -19.37 26.92 -71.39
C LEU E 1098 -19.24 25.66 -72.21
N PHE E 1099 -20.08 25.47 -73.22
CA PHE E 1099 -20.07 24.30 -74.07
C PHE E 1099 -19.42 24.66 -75.39
N THR E 1100 -18.33 23.98 -75.71
CA THR E 1100 -17.76 24.01 -77.05
C THR E 1100 -18.42 22.95 -77.92
N ARG E 1101 -18.36 23.16 -79.22
CA ARG E 1101 -18.97 22.23 -80.16
C ARG E 1101 -17.99 21.13 -80.56
N VAL E 1102 -18.54 19.96 -80.86
CA VAL E 1102 -17.72 18.79 -81.13
C VAL E 1102 -16.91 18.98 -82.40
N SER E 1103 -17.38 19.85 -83.31
CA SER E 1103 -16.60 20.15 -84.50
C SER E 1103 -15.34 20.91 -84.19
N GLU E 1104 -15.21 21.46 -82.97
CA GLU E 1104 -14.04 22.19 -82.53
C GLU E 1104 -13.34 21.50 -81.36
N THR E 1105 -13.73 20.27 -81.02
CA THR E 1105 -12.99 19.42 -80.11
C THR E 1105 -12.70 18.08 -80.78
N PRO E 1106 -11.59 17.43 -80.43
CA PRO E 1106 -11.09 16.35 -81.29
C PRO E 1106 -11.92 15.08 -81.28
N THR E 1107 -12.68 14.86 -82.36
CA THR E 1107 -13.40 13.62 -82.52
C THR E 1107 -12.42 12.50 -82.82
N LEU E 1108 -12.52 11.41 -82.05
CA LEU E 1108 -11.55 10.33 -82.18
C LEU E 1108 -11.84 9.49 -83.42
N SER E 1109 -10.93 8.55 -83.67
CA SER E 1109 -11.13 7.51 -84.67
C SER E 1109 -10.28 6.31 -84.30
N ALA E 1110 -10.91 5.15 -84.20
CA ALA E 1110 -10.24 3.88 -83.98
C ALA E 1110 -9.47 3.86 -82.65
N ALA E 1111 -10.26 3.87 -81.58
CA ALA E 1111 -9.76 3.69 -80.22
C ALA E 1111 -9.85 2.24 -79.77
N GLU E 1112 -9.01 1.90 -78.79
CA GLU E 1112 -8.94 0.53 -78.24
C GLU E 1112 -8.20 0.57 -76.92
N CYS E 1113 -8.85 0.11 -75.86
CA CYS E 1113 -8.28 0.15 -74.51
C CYS E 1113 -7.64 -1.18 -74.16
N THR E 1114 -6.45 -1.10 -73.58
CA THR E 1114 -5.79 -2.22 -72.94
C THR E 1114 -5.78 -1.97 -71.43
N LEU E 1115 -5.07 -2.85 -70.72
CA LEU E 1115 -4.96 -2.71 -69.27
C LEU E 1115 -3.57 -3.14 -68.85
N ASN E 1116 -2.76 -2.18 -68.45
CA ASN E 1116 -1.39 -2.44 -68.07
C ASN E 1116 -1.33 -3.15 -66.73
N GLU E 1117 -2.04 -2.63 -65.74
CA GLU E 1117 -2.04 -3.25 -64.43
C GLU E 1117 -3.39 -3.00 -63.77
N CYS E 1118 -3.81 -3.95 -62.94
CA CYS E 1118 -5.01 -3.79 -62.13
C CYS E 1118 -4.77 -4.45 -60.79
N VAL E 1119 -4.64 -3.62 -59.77
CA VAL E 1119 -4.75 -4.05 -58.38
C VAL E 1119 -6.02 -3.43 -57.86
N TYR E 1120 -6.93 -4.27 -57.39
CA TYR E 1120 -8.19 -3.79 -56.86
C TYR E 1120 -8.07 -3.37 -55.40
N SER E 1121 -7.12 -2.48 -55.15
CA SER E 1121 -6.89 -1.93 -53.83
C SER E 1121 -7.90 -0.81 -53.58
N SER E 1122 -7.74 -0.15 -52.45
CA SER E 1122 -8.54 1.02 -52.14
C SER E 1122 -8.11 2.23 -52.95
N ASP E 1123 -6.84 2.33 -53.28
CA ASP E 1123 -6.32 3.47 -54.01
C ASP E 1123 -6.53 3.25 -55.51
N PHE E 1124 -5.91 4.12 -56.30
CA PHE E 1124 -5.94 4.00 -57.75
C PHE E 1124 -4.82 3.06 -58.15
N GLY E 1125 -5.01 1.79 -57.83
CA GLY E 1125 -4.10 0.73 -58.20
C GLY E 1125 -4.37 0.11 -59.55
N GLY E 1126 -4.94 0.87 -60.49
CA GLY E 1126 -5.23 0.39 -61.82
C GLY E 1126 -4.75 1.38 -62.86
N ILE E 1127 -4.08 0.86 -63.88
CA ILE E 1127 -3.50 1.66 -64.95
C ILE E 1127 -3.93 1.01 -66.24
N ALA E 1128 -4.75 1.72 -67.00
CA ALA E 1128 -5.22 1.31 -68.31
C ALA E 1128 -4.68 2.28 -69.35
N THR E 1129 -4.63 1.80 -70.59
CA THR E 1129 -4.02 2.53 -71.70
C THR E 1129 -4.94 2.44 -72.90
N VAL E 1130 -5.03 3.55 -73.63
CA VAL E 1130 -5.86 3.64 -74.82
C VAL E 1130 -5.02 4.11 -75.98
N LYS E 1131 -5.02 3.30 -77.04
CA LYS E 1131 -4.47 3.69 -78.32
C LYS E 1131 -5.58 4.37 -79.10
N TYR E 1132 -5.21 5.32 -79.96
CA TYR E 1132 -6.20 6.16 -80.59
C TYR E 1132 -5.60 6.85 -81.80
N SER E 1133 -6.49 7.47 -82.58
CA SER E 1133 -6.11 8.24 -83.75
C SER E 1133 -7.17 9.31 -83.92
N ALA E 1134 -6.89 10.50 -83.41
CA ALA E 1134 -7.87 11.57 -83.36
C ALA E 1134 -7.79 12.44 -84.61
N SER E 1135 -8.44 13.60 -84.56
CA SER E 1135 -8.46 14.57 -85.64
C SER E 1135 -7.67 15.83 -85.34
N LYS E 1136 -7.52 16.17 -84.07
CA LYS E 1136 -6.70 17.29 -83.64
C LYS E 1136 -5.94 16.87 -82.40
N SER E 1137 -5.31 17.83 -81.72
CA SER E 1137 -4.56 17.56 -80.50
C SER E 1137 -5.05 18.52 -79.43
N GLY E 1138 -5.49 17.99 -78.31
CA GLY E 1138 -6.11 18.82 -77.30
C GLY E 1138 -6.53 18.13 -76.03
N LYS E 1139 -7.72 18.46 -75.54
CA LYS E 1139 -8.23 18.00 -74.26
C LYS E 1139 -9.60 17.37 -74.42
N CYS E 1140 -9.82 16.31 -73.66
CA CYS E 1140 -11.13 15.68 -73.55
C CYS E 1140 -11.28 15.12 -72.15
N ALA E 1141 -12.49 14.68 -71.85
CA ALA E 1141 -12.82 14.11 -70.56
C ALA E 1141 -13.00 12.61 -70.67
N VAL E 1142 -12.88 11.91 -69.54
CA VAL E 1142 -13.05 10.48 -69.47
C VAL E 1142 -13.89 10.14 -68.25
N HIS E 1143 -14.80 9.18 -68.41
CA HIS E 1143 -15.62 8.72 -67.30
C HIS E 1143 -16.01 7.29 -67.52
N VAL E 1144 -15.98 6.52 -66.44
CA VAL E 1144 -16.51 5.16 -66.38
C VAL E 1144 -17.90 5.25 -65.77
N PRO E 1145 -18.97 5.09 -66.56
CA PRO E 1145 -20.32 5.25 -65.98
C PRO E 1145 -20.63 4.31 -64.86
N SER E 1146 -20.45 3.02 -65.06
CA SER E 1146 -20.74 2.03 -64.04
C SER E 1146 -19.85 2.24 -62.83
N GLY E 1147 -20.21 1.53 -61.76
CA GLY E 1147 -19.39 1.51 -60.56
C GLY E 1147 -18.32 0.45 -60.63
N THR E 1148 -18.10 -0.11 -61.81
CA THR E 1148 -17.07 -1.13 -61.98
C THR E 1148 -15.69 -0.56 -61.66
N ALA E 1149 -15.46 0.69 -62.04
CA ALA E 1149 -14.18 1.34 -61.80
C ALA E 1149 -14.38 2.84 -61.83
N THR E 1150 -13.65 3.54 -60.98
CA THR E 1150 -13.71 4.99 -60.86
C THR E 1150 -12.36 5.59 -61.20
N LEU E 1151 -12.39 6.69 -61.96
CA LEU E 1151 -11.18 7.27 -62.51
C LEU E 1151 -10.59 8.31 -61.56
N LYS E 1152 -9.32 8.62 -61.79
CA LYS E 1152 -8.60 9.68 -61.12
C LYS E 1152 -8.51 10.93 -61.99
N GLU E 1153 -8.25 10.72 -63.27
CA GLU E 1153 -8.07 11.81 -64.22
C GLU E 1153 -9.41 12.11 -64.89
N ALA E 1154 -9.98 13.26 -64.56
CA ALA E 1154 -11.22 13.72 -65.18
C ALA E 1154 -10.99 14.36 -66.53
N ALA E 1155 -9.75 14.44 -66.99
CA ALA E 1155 -9.44 14.99 -68.30
C ALA E 1155 -8.05 14.54 -68.70
N VAL E 1156 -7.87 14.26 -69.98
CA VAL E 1156 -6.63 13.68 -70.50
C VAL E 1156 -6.19 14.48 -71.72
N GLU E 1157 -4.89 14.74 -71.80
CA GLU E 1157 -4.33 15.37 -72.98
C GLU E 1157 -4.21 14.36 -74.10
N LEU E 1158 -4.48 14.81 -75.33
CA LEU E 1158 -4.54 13.93 -76.48
C LEU E 1158 -3.79 14.56 -77.63
N THR E 1159 -2.78 13.86 -78.11
CA THR E 1159 -2.10 14.18 -79.34
C THR E 1159 -2.86 13.52 -80.48
N GLU E 1160 -2.24 13.47 -81.66
CA GLU E 1160 -2.96 13.06 -82.86
C GLU E 1160 -2.94 11.54 -83.01
N GLN E 1161 -1.79 10.91 -82.79
CA GLN E 1161 -1.61 9.47 -82.93
C GLN E 1161 -0.82 8.95 -81.75
N GLY E 1162 -1.25 9.32 -80.55
CA GLY E 1162 -0.60 8.95 -79.32
C GLY E 1162 -1.27 7.77 -78.64
N SER E 1163 -0.82 7.52 -77.42
CA SER E 1163 -1.39 6.47 -76.58
C SER E 1163 -1.45 7.01 -75.16
N ALA E 1164 -2.65 7.14 -74.63
CA ALA E 1164 -2.90 7.85 -73.39
C ALA E 1164 -3.10 6.91 -72.23
N THR E 1165 -2.71 7.37 -71.05
CA THR E 1165 -2.71 6.58 -69.83
C THR E 1165 -3.78 7.11 -68.90
N ILE E 1166 -4.55 6.20 -68.31
CA ILE E 1166 -5.66 6.54 -67.43
C ILE E 1166 -5.55 5.71 -66.17
N HIS E 1167 -5.79 6.34 -65.04
CA HIS E 1167 -5.65 5.74 -63.73
C HIS E 1167 -7.02 5.54 -63.11
N PHE E 1168 -7.19 4.42 -62.43
CA PHE E 1168 -8.49 4.08 -61.87
C PHE E 1168 -8.34 3.18 -60.67
N SER E 1169 -9.44 3.03 -59.96
CA SER E 1169 -9.58 2.14 -58.85
C SER E 1169 -10.79 1.25 -59.08
N THR E 1170 -10.73 0.03 -58.54
CA THR E 1170 -11.78 -0.94 -58.77
C THR E 1170 -11.86 -1.90 -57.58
N ALA E 1171 -12.92 -2.69 -57.59
CA ALA E 1171 -13.09 -3.79 -56.65
C ALA E 1171 -13.38 -5.10 -57.36
N ASN E 1172 -13.45 -5.12 -58.68
CA ASN E 1172 -13.75 -6.32 -59.44
C ASN E 1172 -12.48 -7.04 -59.84
N ILE E 1173 -12.56 -8.37 -59.89
CA ILE E 1173 -11.40 -9.19 -60.19
C ILE E 1173 -11.28 -9.41 -61.69
N HIS E 1174 -12.38 -9.30 -62.42
CA HIS E 1174 -12.40 -9.46 -63.88
C HIS E 1174 -13.14 -8.27 -64.48
N PRO E 1175 -12.50 -7.13 -64.65
CA PRO E 1175 -13.21 -5.95 -65.12
C PRO E 1175 -13.61 -6.01 -66.58
N GLU E 1176 -14.72 -5.37 -66.89
CA GLU E 1176 -15.17 -5.08 -68.25
C GLU E 1176 -16.01 -3.81 -68.15
N PHE E 1177 -15.37 -2.66 -68.35
CA PHE E 1177 -16.04 -1.38 -68.20
C PHE E 1177 -15.97 -0.57 -69.47
N ARG E 1178 -17.01 0.23 -69.66
CA ARG E 1178 -17.09 1.15 -70.78
C ARG E 1178 -16.50 2.48 -70.38
N LEU E 1179 -15.52 2.93 -71.15
CA LEU E 1179 -14.79 4.15 -70.90
C LEU E 1179 -15.07 5.14 -72.01
N GLN E 1180 -15.41 6.36 -71.63
CA GLN E 1180 -15.66 7.42 -72.58
C GLN E 1180 -14.40 8.25 -72.79
N ILE E 1181 -14.25 8.75 -74.01
CA ILE E 1181 -13.29 9.78 -74.35
C ILE E 1181 -14.13 10.73 -75.18
N CYS E 1182 -13.49 11.66 -75.89
CA CYS E 1182 -14.07 12.89 -76.44
C CYS E 1182 -15.53 12.76 -76.85
N THR E 1183 -15.82 11.79 -77.71
CA THR E 1183 -17.18 11.45 -78.09
C THR E 1183 -17.47 9.98 -77.87
N SER E 1184 -16.61 9.10 -78.34
CA SER E 1184 -16.89 7.68 -78.45
C SER E 1184 -16.32 6.89 -77.30
N TYR E 1185 -16.82 5.67 -77.15
CA TYR E 1185 -16.54 4.82 -76.01
C TYR E 1185 -15.63 3.67 -76.41
N VAL E 1186 -15.16 2.95 -75.39
CA VAL E 1186 -14.28 1.81 -75.57
C VAL E 1186 -14.57 0.81 -74.46
N THR E 1187 -14.31 -0.46 -74.77
CA THR E 1187 -14.62 -1.56 -73.87
C THR E 1187 -13.32 -2.10 -73.30
N CYS E 1188 -13.01 -1.72 -72.08
CA CYS E 1188 -11.71 -1.99 -71.49
C CYS E 1188 -11.85 -3.13 -70.49
N LYS E 1189 -11.07 -4.18 -70.72
CA LYS E 1189 -11.13 -5.43 -69.99
C LYS E 1189 -9.75 -5.78 -69.45
N GLY E 1190 -9.70 -6.87 -68.69
CA GLY E 1190 -8.45 -7.40 -68.20
C GLY E 1190 -8.67 -8.25 -66.97
N ASP E 1191 -7.56 -8.55 -66.31
CA ASP E 1191 -7.55 -9.35 -65.09
C ASP E 1191 -6.70 -8.67 -64.05
N CYS E 1192 -7.16 -8.75 -62.81
CA CYS E 1192 -6.58 -8.01 -61.70
C CYS E 1192 -5.87 -8.96 -60.76
N HIS E 1193 -5.21 -8.37 -59.77
CA HIS E 1193 -4.45 -9.10 -58.77
C HIS E 1193 -4.74 -8.51 -57.40
N PRO E 1194 -4.52 -9.26 -56.33
CA PRO E 1194 -4.79 -8.71 -55.01
C PRO E 1194 -3.72 -7.72 -54.58
N PRO E 1195 -3.98 -6.92 -53.55
CA PRO E 1195 -2.92 -6.11 -52.97
C PRO E 1195 -2.03 -6.88 -52.01
N LYS E 1196 -0.75 -6.51 -52.00
CA LYS E 1196 0.21 -7.08 -51.08
C LYS E 1196 -0.03 -6.59 -49.66
N ASP E 1197 -0.57 -5.39 -49.51
CA ASP E 1197 -0.84 -4.78 -48.22
C ASP E 1197 -2.33 -4.79 -47.91
N HIS E 1198 -2.66 -4.81 -46.62
CA HIS E 1198 -4.04 -5.00 -46.17
C HIS E 1198 -4.50 -4.04 -45.10
N ILE E 1199 -3.77 -2.96 -44.84
CA ILE E 1199 -4.28 -1.85 -44.06
C ILE E 1199 -3.79 -0.57 -44.70
N VAL E 1200 -4.66 0.43 -44.75
CA VAL E 1200 -4.40 1.68 -45.41
C VAL E 1200 -4.82 2.81 -44.49
N THR E 1201 -4.68 4.04 -44.97
CA THR E 1201 -4.93 5.24 -44.20
C THR E 1201 -5.98 6.13 -44.84
N HIS E 1202 -6.41 5.82 -46.06
CA HIS E 1202 -7.45 6.50 -46.77
C HIS E 1202 -8.61 5.56 -47.07
N PRO E 1203 -9.80 6.08 -47.30
CA PRO E 1203 -10.95 5.22 -47.59
C PRO E 1203 -11.00 4.83 -49.06
N GLN E 1204 -12.09 4.16 -49.42
CA GLN E 1204 -12.22 3.60 -50.76
C GLN E 1204 -12.63 4.67 -51.75
N TYR E 1205 -11.84 4.82 -52.80
CA TYR E 1205 -12.19 5.74 -53.88
C TYR E 1205 -13.23 5.16 -54.82
N HIS E 1206 -13.52 3.86 -54.72
CA HIS E 1206 -14.57 3.23 -55.50
C HIS E 1206 -15.81 3.03 -54.63
N ALA E 1207 -16.82 2.35 -55.20
CA ALA E 1207 -18.15 2.29 -54.63
C ALA E 1207 -18.78 0.90 -54.65
N GLN E 1208 -18.15 -0.07 -55.28
CA GLN E 1208 -18.72 -1.39 -55.51
C GLN E 1208 -20.09 -1.28 -56.18
N PHE F 340 -8.37 49.99 -5.79
CA PHE F 340 -8.61 48.60 -6.17
C PHE F 340 -9.11 47.75 -5.01
N ASN F 341 -8.31 47.63 -3.95
CA ASN F 341 -8.79 47.08 -2.69
C ASN F 341 -9.63 48.17 -2.01
N GLU F 342 -10.92 48.15 -2.32
CA GLU F 342 -11.85 49.10 -1.73
C GLU F 342 -12.40 48.61 -0.41
N TYR F 343 -12.40 47.30 -0.19
CA TYR F 343 -12.63 46.77 1.15
C TYR F 343 -11.34 46.84 1.97
N LYS F 344 -11.00 48.06 2.34
CA LYS F 344 -10.07 48.36 3.41
C LYS F 344 -10.74 48.48 4.76
N LEU F 345 -12.05 48.25 4.81
CA LEU F 345 -12.90 48.51 5.94
C LEU F 345 -13.55 47.22 6.42
N THR F 346 -12.82 46.14 6.22
CA THR F 346 -13.25 44.80 6.60
C THR F 346 -12.13 44.20 7.43
N ARG F 347 -12.45 43.82 8.66
CA ARG F 347 -11.44 43.34 9.60
C ARG F 347 -11.52 41.83 9.77
N PRO F 348 -10.43 41.20 10.19
CA PRO F 348 -10.44 39.76 10.34
C PRO F 348 -11.06 39.32 11.65
N TYR F 349 -11.19 38.01 11.79
CA TYR F 349 -11.83 37.42 12.94
C TYR F 349 -11.12 36.15 13.34
N MET F 350 -11.34 35.76 14.58
CA MET F 350 -10.97 34.48 15.10
C MET F 350 -12.15 33.54 14.92
N ALA F 351 -11.89 32.34 14.44
CA ALA F 351 -12.91 31.37 14.13
C ALA F 351 -12.46 29.99 14.53
N ARG F 352 -13.43 29.19 14.93
CA ARG F 352 -13.20 27.83 15.40
C ARG F 352 -12.47 27.00 14.37
N CYS F 353 -11.54 26.19 14.83
CA CYS F 353 -10.87 25.19 14.02
C CYS F 353 -10.67 23.94 14.86
N ILE F 354 -10.88 22.80 14.21
CA ILE F 354 -10.88 21.52 14.91
C ILE F 354 -9.53 21.25 15.52
N ARG F 355 -8.49 21.56 14.77
CA ARG F 355 -7.11 21.32 15.16
C ARG F 355 -6.36 22.63 15.19
N CYS F 356 -5.59 22.82 16.26
CA CYS F 356 -4.80 24.02 16.47
C CYS F 356 -3.47 23.68 17.13
N ALA F 357 -2.98 22.47 16.88
CA ALA F 357 -1.81 21.85 17.48
C ALA F 357 -2.02 21.40 18.93
N VAL F 358 -3.10 21.83 19.56
CA VAL F 358 -3.57 21.22 20.80
C VAL F 358 -5.08 21.29 20.77
N GLY F 359 -5.72 20.19 20.38
CA GLY F 359 -7.15 20.15 20.31
C GLY F 359 -7.71 21.22 19.40
N SER F 360 -8.97 21.52 19.63
CA SER F 360 -9.68 22.56 18.91
C SER F 360 -9.48 23.89 19.57
N CYS F 361 -9.53 24.95 18.76
CA CYS F 361 -9.34 26.29 19.30
C CYS F 361 -10.13 27.27 18.44
N HIS F 362 -9.80 28.54 18.57
CA HIS F 362 -10.48 29.65 17.94
C HIS F 362 -9.50 30.39 17.04
N SER F 363 -8.87 29.65 16.14
CA SER F 363 -7.66 30.11 15.47
C SER F 363 -7.90 31.41 14.71
N PRO F 364 -6.84 32.18 14.46
CA PRO F 364 -6.95 33.35 13.60
C PRO F 364 -6.65 33.09 12.14
N ILE F 365 -6.30 31.85 11.80
CA ILE F 365 -5.96 31.46 10.45
C ILE F 365 -6.93 30.37 10.02
N ALA F 366 -8.17 30.49 10.49
CA ALA F 366 -9.18 29.49 10.26
C ALA F 366 -9.56 29.44 8.79
N ILE F 367 -10.00 28.28 8.36
CA ILE F 367 -10.33 28.02 6.98
C ILE F 367 -11.82 27.74 6.87
N GLU F 368 -12.43 28.24 5.82
CA GLU F 368 -13.85 28.11 5.58
C GLU F 368 -14.20 27.55 4.22
N ALA F 369 -13.28 27.59 3.25
CA ALA F 369 -13.58 27.08 1.94
C ALA F 369 -12.28 26.80 1.23
N VAL F 370 -12.26 25.66 0.55
CA VAL F 370 -11.11 25.20 -0.20
C VAL F 370 -11.65 24.69 -1.53
N LYS F 371 -11.34 25.41 -2.60
CA LYS F 371 -11.83 25.09 -3.92
C LYS F 371 -10.69 24.54 -4.75
N SER F 372 -10.84 23.29 -5.16
CA SER F 372 -9.92 22.56 -6.01
C SER F 372 -10.64 22.05 -7.24
N ASP F 373 -11.65 22.78 -7.68
CA ASP F 373 -12.37 22.43 -8.89
C ASP F 373 -11.59 22.70 -10.15
N GLY F 374 -10.41 23.31 -10.04
CA GLY F 374 -9.58 23.57 -11.18
C GLY F 374 -8.68 22.41 -11.49
N HIS F 375 -7.77 22.64 -12.42
CA HIS F 375 -7.05 21.56 -13.06
C HIS F 375 -5.68 21.24 -12.48
N ASP F 376 -4.72 22.15 -12.62
CA ASP F 376 -3.32 21.80 -12.38
C ASP F 376 -2.90 22.12 -10.95
N GLY F 377 -3.59 21.50 -10.01
CA GLY F 377 -3.23 21.56 -8.61
C GLY F 377 -3.53 22.86 -7.90
N TYR F 378 -3.81 23.94 -8.62
CA TYR F 378 -4.01 25.22 -7.98
C TYR F 378 -5.28 25.18 -7.15
N VAL F 379 -5.31 25.97 -6.08
CA VAL F 379 -6.40 25.94 -5.12
C VAL F 379 -6.66 27.33 -4.59
N ARG F 380 -7.93 27.59 -4.33
CA ARG F 380 -8.42 28.85 -3.80
C ARG F 380 -8.96 28.61 -2.40
N LEU F 381 -8.37 29.26 -1.41
CA LEU F 381 -8.74 29.11 -0.03
C LEU F 381 -9.36 30.40 0.46
N GLN F 382 -10.18 30.26 1.51
CA GLN F 382 -10.94 31.38 2.07
C GLN F 382 -10.72 31.38 3.57
N THR F 383 -9.94 32.34 4.02
CA THR F 383 -9.44 32.40 5.38
C THR F 383 -10.20 33.43 6.19
N SER F 384 -10.06 33.34 7.50
CA SER F 384 -10.47 34.41 8.39
C SER F 384 -9.48 35.55 8.38
N SER F 385 -8.26 35.30 7.94
CA SER F 385 -7.25 36.31 7.79
C SER F 385 -7.39 36.98 6.44
N GLN F 386 -6.79 38.16 6.33
CA GLN F 386 -6.78 38.92 5.10
C GLN F 386 -5.37 39.03 4.57
N TYR F 387 -5.29 39.40 3.31
CA TYR F 387 -4.04 39.46 2.57
C TYR F 387 -4.00 40.73 1.74
N GLY F 388 -2.84 41.35 1.71
CA GLY F 388 -2.63 42.55 0.93
C GLY F 388 -2.76 43.84 1.70
N LEU F 389 -3.13 43.78 2.96
CA LEU F 389 -3.25 44.94 3.82
C LEU F 389 -2.34 44.78 5.03
N ASP F 390 -2.13 45.90 5.73
CA ASP F 390 -1.36 45.94 6.96
C ASP F 390 -2.27 46.23 8.14
N SER F 391 -1.66 46.26 9.33
CA SER F 391 -2.41 46.33 10.57
C SER F 391 -3.25 47.59 10.69
N SER F 392 -2.84 48.66 10.03
CA SER F 392 -3.60 49.90 10.03
C SER F 392 -4.60 49.97 8.88
N GLY F 393 -4.31 49.29 7.78
CA GLY F 393 -5.18 49.24 6.62
C GLY F 393 -4.53 49.68 5.32
N ASN F 394 -3.26 50.04 5.31
CA ASN F 394 -2.62 50.50 4.10
C ASN F 394 -2.21 49.32 3.23
N LEU F 395 -1.93 49.62 1.98
CA LEU F 395 -1.72 48.60 0.96
C LEU F 395 -0.27 48.13 1.02
N LYS F 396 -0.02 47.16 1.88
CA LYS F 396 1.22 46.44 1.89
C LYS F 396 1.05 45.32 0.87
N GLY F 397 2.09 44.50 0.69
CA GLY F 397 2.20 43.59 -0.42
C GLY F 397 1.83 42.18 0.01
N ARG F 398 2.84 41.39 0.32
CA ARG F 398 2.71 39.95 0.40
C ARG F 398 2.57 39.51 1.85
N THR F 399 1.82 40.27 2.63
CA THR F 399 1.65 40.04 4.05
C THR F 399 0.22 39.62 4.41
N MET F 400 0.09 39.11 5.62
CA MET F 400 -1.15 38.58 6.18
C MET F 400 -1.44 39.26 7.50
N ARG F 401 -2.72 39.45 7.78
CA ARG F 401 -3.20 40.21 8.93
C ARG F 401 -4.32 39.43 9.60
N TYR F 402 -4.30 39.43 10.93
CA TYR F 402 -5.16 38.55 11.69
C TYR F 402 -5.38 39.07 13.10
N ASP F 403 -6.56 38.77 13.64
CA ASP F 403 -6.93 39.19 14.97
C ASP F 403 -6.42 38.17 15.99
N MET F 404 -5.77 38.65 17.04
CA MET F 404 -5.33 37.79 18.15
C MET F 404 -5.90 38.41 19.41
N HIS F 405 -7.17 38.11 19.64
CA HIS F 405 -7.98 38.43 20.80
C HIS F 405 -8.42 39.88 20.88
N GLY F 406 -7.77 40.79 20.19
CA GLY F 406 -8.40 42.06 19.92
C GLY F 406 -7.83 42.86 18.77
N THR F 407 -6.76 42.33 18.20
CA THR F 407 -5.71 43.17 17.64
C THR F 407 -5.21 42.58 16.35
N ILE F 408 -5.24 43.40 15.31
CA ILE F 408 -4.81 42.98 13.98
C ILE F 408 -3.29 43.02 13.96
N LYS F 409 -2.66 41.86 13.96
CA LYS F 409 -1.23 41.73 13.83
C LYS F 409 -0.88 41.62 12.34
N GLU F 410 0.35 41.23 12.05
CA GLU F 410 0.89 41.35 10.70
C GLU F 410 2.10 40.46 10.59
N ILE F 411 2.03 39.45 9.75
CA ILE F 411 3.21 38.66 9.39
C ILE F 411 3.41 38.75 7.88
N PRO F 412 4.60 38.44 7.40
CA PRO F 412 4.76 38.13 5.99
C PRO F 412 4.23 36.74 5.68
N LEU F 413 4.27 36.43 4.40
CA LEU F 413 3.72 35.19 3.89
C LEU F 413 4.78 34.13 3.65
N HIS F 414 6.06 34.51 3.69
CA HIS F 414 7.15 33.56 3.64
C HIS F 414 7.36 32.85 4.97
N GLN F 415 6.62 33.24 6.01
CA GLN F 415 6.61 32.53 7.28
C GLN F 415 5.38 31.64 7.42
N VAL F 416 4.37 31.86 6.60
CA VAL F 416 3.20 30.99 6.55
C VAL F 416 3.53 29.78 5.70
N SER F 417 3.08 28.62 6.15
CA SER F 417 3.28 27.36 5.44
C SER F 417 1.98 26.59 5.47
N LEU F 418 1.49 26.24 4.29
CA LEU F 418 0.28 25.44 4.17
C LEU F 418 0.58 24.21 3.33
N TYR F 419 0.06 23.08 3.78
CA TYR F 419 0.34 21.80 3.19
C TYR F 419 -0.87 20.91 3.30
N THR F 420 -1.08 20.07 2.28
CA THR F 420 -2.18 19.11 2.28
C THR F 420 -1.73 17.70 2.66
N SER F 421 -0.91 17.10 1.82
CA SER F 421 -0.22 15.86 2.08
C SER F 421 1.27 16.05 1.95
N ARG F 422 1.67 16.83 1.00
CA ARG F 422 2.96 17.42 0.85
C ARG F 422 2.84 18.93 0.95
N PRO F 423 3.95 19.65 1.03
CA PRO F 423 3.88 21.10 1.04
C PRO F 423 3.28 21.70 -0.21
N CYS F 424 2.60 22.82 -0.02
CA CYS F 424 2.06 23.62 -1.10
C CYS F 424 3.05 24.72 -1.42
N HIS F 425 2.64 25.63 -2.30
CA HIS F 425 3.45 26.77 -2.70
C HIS F 425 2.49 27.94 -2.90
N ILE F 426 2.46 28.83 -1.92
CA ILE F 426 1.51 29.92 -1.92
C ILE F 426 1.84 30.88 -3.05
N VAL F 427 0.90 31.04 -3.96
CA VAL F 427 1.16 31.82 -5.16
C VAL F 427 0.90 33.29 -4.91
N ASP F 428 -0.27 33.62 -4.39
CA ASP F 428 -0.58 35.02 -4.11
C ASP F 428 -1.75 35.06 -3.15
N GLY F 429 -2.06 36.24 -2.68
CA GLY F 429 -3.16 36.43 -1.76
C GLY F 429 -3.82 37.78 -1.98
N HIS F 430 -5.08 37.85 -1.58
CA HIS F 430 -5.88 39.06 -1.77
C HIS F 430 -7.11 38.96 -0.89
N GLY F 431 -7.27 39.92 0.01
CA GLY F 431 -8.40 39.90 0.93
C GLY F 431 -8.43 38.59 1.69
N TYR F 432 -9.63 38.07 1.87
CA TYR F 432 -9.84 36.82 2.56
C TYR F 432 -9.33 35.61 1.79
N PHE F 433 -8.88 35.77 0.55
CA PHE F 433 -8.71 34.66 -0.37
C PHE F 433 -7.26 34.46 -0.75
N LEU F 434 -6.81 33.21 -0.70
CA LEU F 434 -5.42 32.84 -0.91
C LEU F 434 -5.33 31.83 -2.05
N LEU F 435 -4.44 32.08 -3.00
CA LEU F 435 -4.21 31.19 -4.13
C LEU F 435 -2.90 30.46 -3.88
N ALA F 436 -3.00 29.15 -3.71
CA ALA F 436 -1.87 28.27 -3.51
C ALA F 436 -1.82 27.26 -4.64
N ARG F 437 -0.71 26.54 -4.70
CA ARG F 437 -0.45 25.57 -5.76
C ARG F 437 -0.17 24.23 -5.10
N CYS F 438 -1.23 23.55 -4.68
CA CYS F 438 -1.13 22.45 -3.76
C CYS F 438 -1.19 21.10 -4.45
N PRO F 439 -0.68 20.06 -3.82
CA PRO F 439 -0.93 18.69 -4.28
C PRO F 439 -2.16 18.14 -3.59
N ALA F 440 -2.42 16.86 -3.86
CA ALA F 440 -3.67 16.24 -3.49
C ALA F 440 -3.61 15.65 -2.10
N GLY F 441 -4.75 15.68 -1.42
CA GLY F 441 -4.82 15.11 -0.10
C GLY F 441 -6.20 15.26 0.48
N ASP F 442 -6.36 14.68 1.67
CA ASP F 442 -7.63 14.68 2.36
C ASP F 442 -7.84 15.92 3.23
N SER F 443 -6.77 16.62 3.58
CA SER F 443 -6.82 17.59 4.66
C SER F 443 -5.83 18.69 4.40
N ILE F 444 -6.30 19.93 4.50
CA ILE F 444 -5.47 21.10 4.27
C ILE F 444 -5.12 21.72 5.60
N THR F 445 -3.84 21.95 5.81
CA THR F 445 -3.28 22.46 7.04
C THR F 445 -2.58 23.76 6.73
N MET F 446 -2.62 24.69 7.67
CA MET F 446 -2.15 26.05 7.48
C MET F 446 -1.61 26.53 8.80
N GLU F 447 -0.28 26.71 8.86
CA GLU F 447 0.37 27.00 10.12
C GLU F 447 1.49 27.99 9.91
N PHE F 448 1.69 28.83 10.92
CA PHE F 448 2.80 29.74 10.96
C PHE F 448 3.29 29.84 12.40
N LYS F 449 4.28 30.70 12.61
CA LYS F 449 5.05 30.73 13.85
C LYS F 449 5.04 32.14 14.41
N LYS F 450 4.94 32.19 15.73
CA LYS F 450 5.03 33.41 16.51
C LYS F 450 6.19 33.16 17.47
N ASP F 451 6.40 34.03 18.45
CA ASP F 451 7.47 33.80 19.39
C ASP F 451 7.17 32.55 20.21
N SER F 452 7.70 31.42 19.75
CA SER F 452 7.58 30.14 20.44
C SER F 452 6.12 29.68 20.51
N VAL F 453 5.34 30.01 19.48
CA VAL F 453 3.96 29.55 19.38
C VAL F 453 3.66 29.26 17.92
N ARG F 454 3.49 27.98 17.59
CA ARG F 454 2.97 27.60 16.29
C ARG F 454 1.46 27.75 16.31
N HIS F 455 0.96 28.61 15.44
CA HIS F 455 -0.47 28.71 15.16
C HIS F 455 -0.76 27.79 14.00
N SER F 456 -1.91 27.13 14.04
CA SER F 456 -2.25 26.12 13.05
C SER F 456 -3.76 25.95 12.93
N CYS F 457 -4.18 25.56 11.74
CA CYS F 457 -5.53 25.07 11.50
C CYS F 457 -5.46 23.99 10.45
N SER F 458 -5.98 22.82 10.78
CA SER F 458 -6.01 21.67 9.88
C SER F 458 -7.45 21.23 9.72
N VAL F 459 -8.00 21.45 8.53
CA VAL F 459 -9.39 21.14 8.25
C VAL F 459 -9.53 20.03 7.22
N PRO F 460 -10.56 19.18 7.31
CA PRO F 460 -10.77 18.14 6.31
C PRO F 460 -11.46 18.65 5.06
N TYR F 461 -10.72 18.76 3.98
CA TYR F 461 -11.30 19.01 2.68
C TYR F 461 -10.47 18.31 1.63
N GLU F 462 -11.12 17.49 0.83
CA GLU F 462 -10.47 16.83 -0.28
C GLU F 462 -9.97 17.90 -1.23
N VAL F 463 -8.65 18.02 -1.29
CA VAL F 463 -7.98 18.86 -2.28
C VAL F 463 -7.54 17.92 -3.38
N LYS F 464 -8.06 18.14 -4.59
CA LYS F 464 -8.00 17.14 -5.64
C LYS F 464 -7.28 17.68 -6.86
N PHE F 465 -6.20 17.02 -7.20
CA PHE F 465 -5.46 17.28 -8.41
C PHE F 465 -6.25 16.70 -9.56
N ASN F 466 -6.74 17.58 -10.43
CA ASN F 466 -7.58 17.20 -11.55
C ASN F 466 -6.79 17.34 -12.84
N PRO F 467 -6.21 16.27 -13.39
CA PRO F 467 -5.41 16.40 -14.59
C PRO F 467 -6.16 16.98 -15.77
N VAL F 468 -5.38 17.48 -16.71
CA VAL F 468 -5.87 18.00 -17.98
C VAL F 468 -5.60 16.94 -19.04
N GLY F 469 -6.64 16.45 -19.67
CA GLY F 469 -6.50 15.56 -20.80
C GLY F 469 -6.65 14.09 -20.45
N ARG F 470 -6.35 13.28 -21.47
CA ARG F 470 -6.50 11.83 -21.41
C ARG F 470 -5.31 11.16 -20.73
N GLU F 471 -4.28 11.90 -20.37
CA GLU F 471 -3.12 11.37 -19.66
C GLU F 471 -3.28 11.68 -18.19
N LEU F 472 -3.84 10.74 -17.45
CA LEU F 472 -4.05 10.94 -16.02
C LEU F 472 -2.69 10.92 -15.34
N TYR F 473 -2.16 12.10 -15.06
CA TYR F 473 -0.89 12.29 -14.36
C TYR F 473 -1.15 12.85 -12.96
N THR F 474 -0.07 13.13 -12.26
CA THR F 474 -0.05 13.57 -10.88
C THR F 474 0.80 14.80 -10.67
N HIS F 475 1.89 14.93 -11.39
CA HIS F 475 2.72 16.11 -11.42
C HIS F 475 3.06 16.42 -12.88
N PRO F 476 2.90 17.67 -13.34
CA PRO F 476 2.92 17.91 -14.77
C PRO F 476 4.33 17.86 -15.33
N PRO F 477 4.47 17.77 -16.64
CA PRO F 477 5.77 17.45 -17.24
C PRO F 477 6.50 18.66 -17.75
N GLU F 478 7.79 18.50 -18.03
CA GLU F 478 8.59 19.58 -18.59
C GLU F 478 8.15 19.96 -20.00
N HIS F 479 7.33 19.14 -20.64
CA HIS F 479 7.10 19.26 -22.06
C HIS F 479 5.84 18.50 -22.45
N GLY F 480 5.35 18.80 -23.62
CA GLY F 480 4.24 18.09 -24.18
C GLY F 480 3.52 18.94 -25.22
N VAL F 481 2.21 18.86 -25.19
CA VAL F 481 1.33 19.56 -26.10
C VAL F 481 0.38 20.40 -25.26
N GLU F 482 -0.02 21.54 -25.79
CA GLU F 482 -0.88 22.46 -25.08
C GLU F 482 -2.33 22.06 -25.27
N GLN F 483 -3.11 22.17 -24.20
CA GLN F 483 -4.55 21.92 -24.22
C GLN F 483 -5.28 22.97 -23.40
N ALA F 484 -6.54 23.16 -23.74
CA ALA F 484 -7.41 24.06 -23.02
C ALA F 484 -7.59 23.59 -21.59
N CYS F 485 -7.55 24.52 -20.65
CA CYS F 485 -7.61 24.21 -19.24
C CYS F 485 -8.26 25.37 -18.51
N GLN F 486 -8.90 25.04 -17.40
CA GLN F 486 -9.48 26.01 -16.48
C GLN F 486 -8.65 26.03 -15.21
N VAL F 487 -8.11 27.19 -14.88
CA VAL F 487 -7.22 27.35 -13.74
C VAL F 487 -7.63 28.59 -12.95
N TYR F 488 -7.35 28.54 -11.67
CA TYR F 488 -7.52 29.70 -10.80
C TYR F 488 -6.40 30.67 -11.09
N ALA F 489 -6.74 31.78 -11.73
CA ALA F 489 -5.75 32.66 -12.31
C ALA F 489 -5.33 33.72 -11.33
N HIS F 490 -4.10 34.20 -11.51
CA HIS F 490 -3.50 35.21 -10.67
C HIS F 490 -4.28 36.52 -10.69
N ASP F 491 -5.16 36.72 -11.66
CA ASP F 491 -5.93 37.93 -11.78
C ASP F 491 -6.85 38.09 -10.59
N ALA F 492 -6.67 39.18 -9.86
CA ALA F 492 -7.46 39.50 -8.68
C ALA F 492 -8.50 40.57 -8.95
N GLN F 493 -8.72 40.95 -10.20
CA GLN F 493 -9.74 41.92 -10.53
C GLN F 493 -11.13 41.40 -10.18
N ASN F 494 -12.09 42.31 -10.24
CA ASN F 494 -13.51 41.96 -10.10
C ASN F 494 -13.97 41.28 -11.37
N ARG F 495 -13.73 39.99 -11.46
CA ARG F 495 -14.14 39.20 -12.61
C ARG F 495 -15.57 38.70 -12.50
N GLY F 496 -16.38 39.31 -11.64
CA GLY F 496 -17.81 39.20 -11.69
C GLY F 496 -18.43 38.73 -10.41
N ALA F 497 -17.75 37.83 -9.72
CA ALA F 497 -18.32 37.18 -8.56
C ALA F 497 -18.04 37.98 -7.30
N TYR F 498 -19.04 38.01 -6.44
CA TYR F 498 -19.01 38.83 -5.24
C TYR F 498 -19.39 38.01 -4.02
N VAL F 499 -18.89 38.43 -2.88
CA VAL F 499 -19.34 37.93 -1.59
C VAL F 499 -19.70 39.13 -0.73
N GLU F 500 -20.25 38.85 0.44
CA GLU F 500 -20.97 39.84 1.23
C GLU F 500 -20.29 40.06 2.57
N MET F 501 -20.24 41.32 2.98
CA MET F 501 -19.72 41.72 4.27
C MET F 501 -20.82 42.36 5.10
N HIS F 502 -21.00 41.82 6.30
CA HIS F 502 -22.03 42.18 7.23
C HIS F 502 -21.45 43.04 8.34
N LEU F 503 -22.32 43.47 9.20
CA LEU F 503 -21.99 44.11 10.45
C LEU F 503 -21.56 43.05 11.44
N PRO F 504 -20.54 43.30 12.23
CA PRO F 504 -20.03 42.21 13.08
C PRO F 504 -20.95 41.85 14.21
N GLY F 505 -20.47 40.96 15.07
CA GLY F 505 -21.21 40.48 16.20
C GLY F 505 -20.53 40.85 17.50
N SER F 506 -21.32 41.06 18.53
CA SER F 506 -20.77 41.49 19.80
C SER F 506 -19.89 40.39 20.36
N GLU F 507 -18.62 40.70 20.50
CA GLU F 507 -17.59 39.74 20.86
C GLU F 507 -17.46 39.70 22.37
N VAL F 508 -17.59 38.52 22.93
CA VAL F 508 -17.50 38.36 24.37
C VAL F 508 -16.04 38.32 24.78
N ASP F 509 -15.74 38.96 25.90
CA ASP F 509 -14.35 39.09 26.36
C ASP F 509 -14.36 39.08 27.87
N SER F 510 -13.85 38.00 28.45
CA SER F 510 -13.74 37.87 29.89
C SER F 510 -12.49 38.53 30.46
N SER F 511 -11.65 39.11 29.60
CA SER F 511 -10.50 39.85 30.06
C SER F 511 -10.85 41.28 30.44
N LEU F 512 -11.94 41.80 29.89
CA LEU F 512 -12.37 43.16 30.20
C LEU F 512 -12.81 43.32 31.65
N VAL F 513 -13.06 42.23 32.35
CA VAL F 513 -13.64 42.26 33.69
C VAL F 513 -12.63 41.72 34.67
N SER F 514 -12.68 42.24 35.90
CA SER F 514 -11.87 41.76 36.99
C SER F 514 -12.63 41.99 38.29
N LEU F 515 -12.07 41.45 39.37
CA LEU F 515 -12.64 41.56 40.70
C LEU F 515 -11.72 42.45 41.52
N SER F 516 -12.24 43.59 41.97
CA SER F 516 -11.42 44.62 42.61
C SER F 516 -12.29 45.41 43.57
N GLY F 517 -12.37 45.01 44.85
CA GLY F 517 -11.84 43.78 45.43
C GLY F 517 -12.85 42.66 45.46
N SER F 518 -13.97 42.93 46.13
CA SER F 518 -15.06 41.98 46.26
C SER F 518 -16.19 42.23 45.26
N SER F 519 -16.22 43.38 44.60
CA SER F 519 -17.24 43.74 43.63
C SER F 519 -16.63 43.88 42.25
N VAL F 520 -17.46 43.74 41.23
CA VAL F 520 -16.96 43.52 39.88
C VAL F 520 -16.55 44.85 39.28
N THR F 521 -15.60 44.83 38.34
CA THR F 521 -15.17 46.04 37.66
C THR F 521 -14.73 45.72 36.25
N VAL F 522 -15.26 46.45 35.28
CA VAL F 522 -15.00 46.24 33.86
C VAL F 522 -14.07 47.34 33.38
N THR F 523 -13.17 46.99 32.45
CA THR F 523 -12.25 47.95 31.84
C THR F 523 -12.34 47.86 30.31
N PRO F 524 -13.08 48.74 29.65
CA PRO F 524 -13.05 48.77 28.20
C PRO F 524 -11.77 49.40 27.68
N PRO F 525 -11.20 48.90 26.58
CA PRO F 525 -9.77 49.11 26.34
C PRO F 525 -9.37 50.55 26.04
N ASP F 526 -9.91 51.11 24.96
CA ASP F 526 -9.43 52.37 24.40
C ASP F 526 -10.59 53.19 23.85
N GLY F 527 -11.66 53.30 24.62
CA GLY F 527 -12.86 53.94 24.15
C GLY F 527 -13.79 53.02 23.40
N THR F 528 -13.33 51.85 22.98
CA THR F 528 -14.22 50.82 22.48
C THR F 528 -15.19 50.45 23.61
N SER F 529 -16.46 50.76 23.42
CA SER F 529 -17.44 50.63 24.48
C SER F 529 -17.69 49.16 24.79
N ALA F 530 -18.61 48.92 25.72
CA ALA F 530 -18.96 47.58 26.15
C ALA F 530 -20.44 47.49 26.49
N LEU F 531 -20.96 46.27 26.36
CA LEU F 531 -22.36 45.97 26.61
C LEU F 531 -22.43 44.86 27.64
N VAL F 532 -21.79 45.09 28.78
CA VAL F 532 -21.73 44.10 29.85
C VAL F 532 -23.15 43.92 30.40
N GLU F 533 -23.59 42.67 30.46
CA GLU F 533 -24.89 42.32 31.01
C GLU F 533 -24.68 41.52 32.29
N CYS F 534 -25.39 41.92 33.35
CA CYS F 534 -25.30 41.27 34.64
C CYS F 534 -26.62 40.62 34.98
N GLU F 535 -26.58 39.80 36.03
CA GLU F 535 -27.67 38.90 36.36
C GLU F 535 -27.89 38.91 37.86
N CYS F 536 -28.67 37.94 38.36
CA CYS F 536 -28.92 37.69 39.78
C CYS F 536 -29.45 38.94 40.48
N GLY F 537 -30.69 39.29 40.12
CA GLY F 537 -31.44 40.27 40.88
C GLY F 537 -31.08 41.71 40.61
N GLY F 538 -31.44 42.21 39.43
CA GLY F 538 -31.00 43.50 38.97
C GLY F 538 -30.34 43.44 37.61
N THR F 539 -30.84 42.55 36.75
CA THR F 539 -30.38 42.36 35.38
C THR F 539 -30.07 43.68 34.69
N LYS F 540 -28.82 43.84 34.27
CA LYS F 540 -28.30 45.13 33.83
C LYS F 540 -28.13 45.22 32.33
N ILE F 541 -28.61 46.32 31.78
CA ILE F 541 -28.08 46.85 30.54
C ILE F 541 -26.83 47.67 30.85
N SER F 542 -26.12 48.05 29.80
CA SER F 542 -24.91 48.82 30.00
C SER F 542 -24.46 49.46 28.70
N GLU F 543 -23.99 50.69 28.79
CA GLU F 543 -23.19 51.32 27.74
C GLU F 543 -22.05 52.07 28.44
N THR F 544 -20.99 51.34 28.73
CA THR F 544 -19.77 51.92 29.29
C THR F 544 -18.98 52.53 28.16
N ILE F 545 -19.25 53.80 27.89
CA ILE F 545 -18.81 54.41 26.63
C ILE F 545 -17.31 54.66 26.66
N ASN F 546 -16.82 55.27 27.73
CA ASN F 546 -15.41 55.68 27.80
C ASN F 546 -14.89 55.56 29.23
N LYS F 547 -15.50 54.71 30.06
CA LYS F 547 -15.20 54.72 31.48
C LYS F 547 -14.96 53.31 32.00
N THR F 548 -14.70 53.21 33.30
CA THR F 548 -14.35 51.97 33.97
C THR F 548 -15.31 51.82 35.15
N LYS F 549 -16.49 51.28 34.87
CA LYS F 549 -17.61 51.32 35.80
C LYS F 549 -17.59 50.10 36.70
N GLN F 550 -17.63 50.33 37.99
CA GLN F 550 -17.70 49.25 38.96
C GLN F 550 -19.16 48.86 39.18
N PHE F 551 -19.36 47.57 39.43
CA PHE F 551 -20.69 47.01 39.67
C PHE F 551 -20.73 46.38 41.04
N SER F 552 -21.64 46.89 41.86
CA SER F 552 -22.11 46.18 43.04
C SER F 552 -23.14 45.17 42.60
N GLN F 553 -23.86 44.58 43.55
CA GLN F 553 -24.80 43.50 43.28
C GLN F 553 -24.16 42.28 42.65
N CYS F 554 -22.83 42.18 42.66
CA CYS F 554 -22.12 41.04 42.10
C CYS F 554 -20.86 40.80 42.90
N THR F 555 -20.47 39.56 42.95
CA THR F 555 -19.35 39.08 43.74
C THR F 555 -18.38 38.23 42.94
N LYS F 556 -18.84 37.61 41.87
CA LYS F 556 -18.04 36.70 41.07
C LYS F 556 -17.85 37.24 39.65
N LYS F 557 -17.04 36.52 38.88
CA LYS F 557 -16.63 36.98 37.57
C LYS F 557 -17.41 36.29 36.46
N GLU F 558 -17.92 35.10 36.73
CA GLU F 558 -18.72 34.37 35.76
C GLU F 558 -20.18 34.83 35.74
N GLN F 559 -20.54 35.79 36.58
CA GLN F 559 -21.91 36.26 36.67
C GLN F 559 -22.20 37.40 35.69
N CYS F 560 -21.18 38.12 35.23
CA CYS F 560 -21.36 39.22 34.30
C CYS F 560 -20.40 39.05 33.13
N ARG F 561 -20.96 39.07 31.93
CA ARG F 561 -20.23 38.82 30.70
C ARG F 561 -20.12 40.12 29.94
N ALA F 562 -18.92 40.46 29.49
CA ALA F 562 -18.65 41.71 28.81
C ALA F 562 -18.67 41.51 27.30
N TYR F 563 -19.34 42.41 26.61
CA TYR F 563 -19.52 42.34 25.16
C TYR F 563 -18.95 43.61 24.57
N ARG F 564 -17.80 43.50 23.93
CA ARG F 564 -17.15 44.66 23.34
C ARG F 564 -17.78 44.96 21.99
N LEU F 565 -18.12 46.23 21.80
CA LEU F 565 -18.81 46.70 20.62
C LEU F 565 -17.86 47.51 19.77
N GLN F 566 -17.55 47.00 18.59
CA GLN F 566 -16.78 47.74 17.61
C GLN F 566 -17.72 48.42 16.63
N ASN F 567 -18.46 47.63 15.88
CA ASN F 567 -19.48 48.09 14.93
C ASN F 567 -18.98 49.18 13.98
N ASP F 568 -17.69 49.14 13.64
CA ASP F 568 -17.07 50.11 12.75
C ASP F 568 -16.50 49.41 11.53
N LYS F 569 -15.79 48.32 11.78
CA LYS F 569 -15.22 47.49 10.74
C LYS F 569 -16.15 46.33 10.45
N TRP F 570 -16.40 46.10 9.18
CA TRP F 570 -17.36 45.10 8.75
C TRP F 570 -16.67 43.76 8.62
N VAL F 571 -17.47 42.71 8.50
CA VAL F 571 -16.96 41.34 8.45
C VAL F 571 -17.89 40.46 7.63
N TYR F 572 -17.37 39.30 7.31
CA TYR F 572 -18.01 38.35 6.42
C TYR F 572 -19.06 37.51 7.14
N ASN F 573 -19.95 36.90 6.36
CA ASN F 573 -21.09 36.15 6.84
C ASN F 573 -20.68 34.80 7.39
N SER F 574 -19.80 34.80 8.38
CA SER F 574 -19.21 33.56 8.81
C SER F 574 -20.19 32.78 9.66
N ASP F 575 -20.20 31.48 9.43
CA ASP F 575 -20.90 30.57 10.33
C ASP F 575 -20.25 30.46 11.69
N LYS F 576 -19.07 31.05 11.88
CA LYS F 576 -18.34 30.98 13.13
C LYS F 576 -18.29 32.33 13.85
N LEU F 577 -19.29 33.17 13.63
CA LEU F 577 -19.43 34.43 14.30
C LEU F 577 -20.91 34.71 14.50
N PRO F 578 -21.32 35.25 15.65
CA PRO F 578 -22.71 35.64 15.80
C PRO F 578 -23.02 36.92 15.06
N LYS F 579 -24.30 37.13 14.83
CA LYS F 579 -24.81 38.28 14.12
C LYS F 579 -25.52 39.24 15.05
N ALA F 580 -25.78 40.42 14.52
CA ALA F 580 -26.52 41.45 15.20
C ALA F 580 -28.01 41.30 14.90
N ALA F 581 -28.79 42.29 15.29
CA ALA F 581 -30.23 42.13 15.32
C ALA F 581 -30.88 42.70 14.07
N GLY F 582 -30.63 43.96 13.79
CA GLY F 582 -31.51 44.70 12.92
C GLY F 582 -31.38 44.34 11.45
N ALA F 583 -30.28 44.75 10.85
CA ALA F 583 -30.07 44.53 9.43
C ALA F 583 -28.56 44.54 9.20
N THR F 584 -28.00 43.37 8.95
CA THR F 584 -26.58 43.19 8.94
C THR F 584 -25.91 43.47 7.60
N LEU F 585 -26.65 43.39 6.50
CA LEU F 585 -26.03 43.43 5.18
C LEU F 585 -25.63 44.85 4.84
N LYS F 586 -24.32 45.11 4.90
CA LYS F 586 -23.78 46.43 4.61
C LYS F 586 -23.09 46.54 3.27
N GLY F 587 -22.35 45.53 2.81
CA GLY F 587 -21.72 45.67 1.52
C GLY F 587 -21.32 44.38 0.86
N LYS F 588 -20.65 44.53 -0.28
CA LYS F 588 -20.29 43.42 -1.16
C LYS F 588 -18.80 43.45 -1.48
N LEU F 589 -18.13 42.33 -1.25
CA LEU F 589 -16.76 42.10 -1.67
C LEU F 589 -16.72 41.43 -3.03
N HIS F 590 -15.54 41.44 -3.65
CA HIS F 590 -15.29 40.76 -4.91
C HIS F 590 -14.28 39.65 -4.70
N VAL F 591 -14.61 38.47 -5.20
CA VAL F 591 -13.80 37.29 -4.95
C VAL F 591 -12.69 37.28 -6.00
N PRO F 592 -11.42 37.15 -5.61
CA PRO F 592 -10.37 37.07 -6.61
C PRO F 592 -10.02 35.64 -6.95
N PHE F 593 -9.16 35.50 -7.95
CA PHE F 593 -8.66 34.21 -8.38
C PHE F 593 -9.79 33.31 -8.82
N LEU F 594 -10.52 33.77 -9.83
CA LEU F 594 -11.62 33.00 -10.37
C LEU F 594 -11.12 32.06 -11.46
N LEU F 595 -11.89 31.02 -11.67
CA LEU F 595 -11.55 29.98 -12.62
C LEU F 595 -11.70 30.52 -14.03
N ALA F 596 -10.57 30.69 -14.71
CA ALA F 596 -10.52 31.28 -16.04
C ALA F 596 -9.81 30.32 -16.97
N ASP F 597 -9.89 30.65 -18.25
CA ASP F 597 -9.44 29.77 -19.30
C ASP F 597 -8.02 30.10 -19.70
N GLY F 598 -7.41 29.16 -20.39
CA GLY F 598 -6.10 29.35 -20.95
C GLY F 598 -5.62 28.05 -21.57
N LYS F 599 -4.32 27.82 -21.40
CA LYS F 599 -3.68 26.66 -21.98
C LYS F 599 -2.68 26.09 -20.98
N CYS F 600 -2.61 24.76 -20.96
CA CYS F 600 -1.80 24.02 -20.02
C CYS F 600 -1.08 22.92 -20.77
N THR F 601 0.19 22.71 -20.45
CA THR F 601 1.03 21.78 -21.17
C THR F 601 0.82 20.39 -20.60
N VAL F 602 0.13 19.55 -21.36
CA VAL F 602 -0.17 18.18 -20.97
C VAL F 602 0.76 17.24 -21.70
N PRO F 603 1.02 16.05 -21.19
CA PRO F 603 1.96 15.16 -21.83
C PRO F 603 1.40 14.52 -23.10
N LEU F 604 2.26 13.75 -23.73
CA LEU F 604 1.95 13.05 -24.96
C LEU F 604 2.58 11.67 -24.88
N ALA F 605 1.81 10.66 -25.23
CA ALA F 605 2.22 9.30 -24.97
C ALA F 605 3.33 8.88 -25.92
N PRO F 606 4.07 7.82 -25.58
CA PRO F 606 5.01 7.26 -26.53
C PRO F 606 4.31 6.70 -27.75
N GLU F 607 5.04 6.70 -28.85
CA GLU F 607 4.47 6.29 -30.12
C GLU F 607 4.18 4.79 -30.06
N PRO F 608 2.95 4.34 -30.29
CA PRO F 608 2.68 2.92 -30.20
C PRO F 608 3.27 2.15 -31.38
N MET F 609 3.40 0.84 -31.19
CA MET F 609 3.86 -0.04 -32.25
C MET F 609 2.66 -0.74 -32.87
N ILE F 610 2.54 -0.63 -34.19
CA ILE F 610 1.35 -1.02 -34.92
C ILE F 610 1.74 -2.14 -35.85
N THR F 611 1.35 -3.36 -35.51
CA THR F 611 1.44 -4.49 -36.42
C THR F 611 0.08 -4.70 -37.08
N PHE F 612 0.11 -5.17 -38.33
CA PHE F 612 -1.07 -5.36 -39.15
C PHE F 612 -1.46 -6.83 -39.23
N GLY F 613 -2.64 -7.04 -39.82
CA GLY F 613 -3.13 -8.36 -40.14
C GLY F 613 -4.47 -8.23 -40.83
N PHE F 614 -4.87 -9.31 -41.50
CA PHE F 614 -6.14 -9.35 -42.20
C PHE F 614 -7.29 -9.00 -41.25
N ARG F 615 -7.94 -7.87 -41.51
CA ARG F 615 -9.05 -7.40 -40.71
C ARG F 615 -8.66 -7.18 -39.26
N SER F 616 -7.37 -6.93 -39.00
CA SER F 616 -6.86 -6.87 -37.63
C SER F 616 -5.73 -5.89 -37.50
N VAL F 617 -5.72 -5.17 -36.38
CA VAL F 617 -4.66 -4.26 -36.01
C VAL F 617 -4.20 -4.61 -34.62
N SER F 618 -2.93 -4.92 -34.48
CA SER F 618 -2.33 -5.30 -33.22
C SER F 618 -1.49 -4.14 -32.74
N LEU F 619 -1.66 -3.78 -31.48
CA LEU F 619 -1.06 -2.57 -30.93
C LEU F 619 -0.29 -2.95 -29.68
N LYS F 620 1.02 -2.74 -29.72
CA LYS F 620 1.86 -2.83 -28.55
C LYS F 620 2.01 -1.43 -27.99
N LEU F 621 1.61 -1.27 -26.74
CA LEU F 621 1.51 0.03 -26.08
C LEU F 621 2.41 0.02 -24.86
N HIS F 622 3.22 1.06 -24.72
CA HIS F 622 4.22 1.15 -23.67
C HIS F 622 4.15 2.54 -23.04
N PRO F 623 3.29 2.76 -22.04
CA PRO F 623 3.12 4.10 -21.51
C PRO F 623 4.15 4.45 -20.45
N LYS F 624 4.15 5.72 -20.10
CA LYS F 624 4.91 6.23 -18.97
C LYS F 624 4.01 6.43 -17.76
N ASN F 625 2.96 7.19 -17.93
CA ASN F 625 1.92 7.44 -16.97
C ASN F 625 0.60 6.89 -17.51
N PRO F 626 -0.42 6.72 -16.66
CA PRO F 626 -1.64 6.06 -17.13
C PRO F 626 -2.31 6.84 -18.23
N THR F 627 -2.81 6.09 -19.22
CA THR F 627 -3.26 6.69 -20.47
C THR F 627 -4.55 6.04 -20.92
N TYR F 628 -5.45 6.86 -21.42
CA TYR F 628 -6.70 6.38 -21.98
C TYR F 628 -6.48 5.87 -23.39
N LEU F 629 -7.13 4.76 -23.69
CA LEU F 629 -7.26 4.20 -25.02
C LEU F 629 -8.71 4.32 -25.42
N ILE F 630 -8.97 5.08 -26.48
CA ILE F 630 -10.33 5.36 -26.93
C ILE F 630 -10.40 4.98 -28.40
N THR F 631 -11.19 3.97 -28.70
CA THR F 631 -11.26 3.41 -30.03
C THR F 631 -12.69 3.22 -30.48
N ARG F 632 -12.92 3.43 -31.76
CA ARG F 632 -14.23 3.19 -32.34
C ARG F 632 -14.11 2.74 -33.78
N GLN F 633 -15.21 2.18 -34.27
CA GLN F 633 -15.43 1.98 -35.69
C GLN F 633 -16.18 3.17 -36.24
N LEU F 634 -16.49 3.11 -37.54
CA LEU F 634 -17.05 4.23 -38.25
C LEU F 634 -18.27 3.79 -39.04
N ALA F 635 -19.15 3.05 -38.37
CA ALA F 635 -20.44 2.66 -38.90
C ALA F 635 -21.48 2.76 -37.80
N ASP F 636 -22.68 2.24 -38.05
CA ASP F 636 -23.78 2.40 -37.12
C ASP F 636 -23.49 1.80 -35.76
N GLU F 637 -22.66 0.77 -35.72
CA GLU F 637 -22.33 0.08 -34.48
C GLU F 637 -20.86 0.38 -34.21
N PRO F 638 -20.55 1.49 -33.53
CA PRO F 638 -19.17 1.95 -33.51
C PRO F 638 -18.31 1.19 -32.54
N HIS F 639 -18.90 0.64 -31.48
CA HIS F 639 -18.20 -0.20 -30.52
C HIS F 639 -17.13 0.59 -29.78
N TYR F 640 -17.57 1.63 -29.09
CA TYR F 640 -16.64 2.48 -28.36
C TYR F 640 -16.01 1.70 -27.23
N THR F 641 -14.69 1.58 -27.28
CA THR F 641 -13.92 0.87 -26.29
C THR F 641 -13.02 1.89 -25.60
N HIS F 642 -13.08 1.89 -24.28
CA HIS F 642 -12.54 2.95 -23.43
C HIS F 642 -11.80 2.27 -22.31
N GLU F 643 -10.48 2.31 -22.35
CA GLU F 643 -9.65 1.58 -21.41
C GLU F 643 -8.62 2.52 -20.79
N LEU F 644 -8.22 2.19 -19.57
CA LEU F 644 -7.18 2.88 -18.85
C LEU F 644 -6.00 1.93 -18.73
N ILE F 645 -4.90 2.26 -19.39
CA ILE F 645 -3.70 1.44 -19.39
C ILE F 645 -2.68 2.06 -18.47
N SER F 646 -2.19 1.25 -17.53
CA SER F 646 -1.23 1.63 -16.51
C SER F 646 -0.03 0.69 -16.52
N GLU F 647 0.14 -0.09 -17.57
CA GLU F 647 1.12 -1.15 -17.64
C GLU F 647 1.26 -1.54 -19.11
N PRO F 648 2.40 -2.04 -19.57
CA PRO F 648 2.53 -2.37 -20.99
C PRO F 648 1.51 -3.36 -21.50
N ALA F 649 0.87 -3.00 -22.59
CA ALA F 649 -0.32 -3.67 -23.07
C ALA F 649 -0.15 -4.12 -24.50
N VAL F 650 -0.92 -5.13 -24.85
CA VAL F 650 -1.03 -5.64 -26.21
C VAL F 650 -2.51 -5.81 -26.51
N ARG F 651 -2.96 -5.19 -27.60
CA ARG F 651 -4.38 -5.18 -27.94
C ARG F 651 -4.56 -5.56 -29.39
N ASN F 652 -5.20 -6.70 -29.62
CA ASN F 652 -5.51 -7.21 -30.94
C ASN F 652 -6.94 -6.79 -31.29
N PHE F 653 -7.08 -5.70 -32.04
CA PHE F 653 -8.36 -5.14 -32.44
C PHE F 653 -8.81 -5.67 -33.78
N THR F 654 -10.11 -5.83 -33.94
CA THR F 654 -10.72 -6.19 -35.22
C THR F 654 -11.04 -4.92 -35.98
N VAL F 655 -10.78 -4.93 -37.27
CA VAL F 655 -10.89 -3.75 -38.12
C VAL F 655 -11.51 -4.17 -39.43
N THR F 656 -12.30 -3.28 -40.01
CA THR F 656 -13.14 -3.58 -41.16
C THR F 656 -12.88 -2.58 -42.28
N GLU F 657 -13.62 -2.73 -43.36
CA GLU F 657 -13.60 -1.79 -44.47
C GLU F 657 -14.49 -0.59 -44.22
N LYS F 658 -15.25 -0.60 -43.14
CA LYS F 658 -16.13 0.48 -42.78
C LYS F 658 -15.43 1.51 -41.88
N GLY F 659 -14.24 1.21 -41.39
CA GLY F 659 -13.38 2.18 -40.75
C GLY F 659 -12.92 1.80 -39.36
N TRP F 660 -12.05 2.64 -38.81
CA TRP F 660 -11.59 2.49 -37.44
C TRP F 660 -10.86 3.76 -37.05
N GLU F 661 -10.83 4.03 -35.75
CA GLU F 661 -10.26 5.24 -35.19
C GLU F 661 -9.68 4.94 -33.82
N PHE F 662 -8.53 5.53 -33.55
CA PHE F 662 -7.63 5.16 -32.47
C PHE F 662 -7.09 6.42 -31.83
N VAL F 663 -7.25 6.53 -30.52
CA VAL F 663 -6.85 7.71 -29.77
C VAL F 663 -6.14 7.23 -28.53
N TRP F 664 -4.84 7.48 -28.48
CA TRP F 664 -3.96 7.01 -27.41
C TRP F 664 -3.33 8.21 -26.79
N GLY F 665 -3.91 8.66 -25.70
CA GLY F 665 -3.43 9.81 -25.00
C GLY F 665 -3.88 11.07 -25.68
N ASN F 666 -3.08 12.12 -25.56
CA ASN F 666 -3.40 13.40 -26.15
C ASN F 666 -2.97 13.51 -27.60
N HIS F 667 -2.57 12.40 -28.21
CA HIS F 667 -2.32 12.35 -29.62
C HIS F 667 -3.58 12.69 -30.41
N PRO F 668 -3.45 12.91 -31.72
CA PRO F 668 -4.62 13.09 -32.53
C PRO F 668 -5.24 11.76 -32.91
N PRO F 669 -6.40 11.76 -33.57
CA PRO F 669 -6.96 10.49 -34.06
C PRO F 669 -6.26 10.02 -35.31
N LYS F 670 -5.89 8.75 -35.31
CA LYS F 670 -5.30 8.07 -36.45
C LYS F 670 -6.32 7.09 -37.00
N ARG F 671 -6.81 7.37 -38.21
CA ARG F 671 -7.83 6.54 -38.83
C ARG F 671 -7.22 5.48 -39.72
N PHE F 672 -7.81 4.30 -39.68
CA PHE F 672 -7.38 3.13 -40.43
C PHE F 672 -8.54 2.55 -41.19
N TRP F 673 -8.24 2.05 -42.38
CA TRP F 673 -9.18 1.32 -43.22
C TRP F 673 -8.47 0.06 -43.70
N ALA F 674 -9.26 -0.93 -44.09
CA ALA F 674 -8.74 -2.26 -44.42
C ALA F 674 -8.98 -2.57 -45.88
N GLN F 675 -8.12 -3.44 -46.41
CA GLN F 675 -8.27 -3.95 -47.76
C GLN F 675 -7.75 -5.37 -47.77
N GLU F 676 -7.95 -6.04 -48.90
CA GLU F 676 -8.12 -7.48 -48.92
C GLU F 676 -6.87 -8.21 -49.34
N THR F 677 -6.35 -9.02 -48.44
CA THR F 677 -5.23 -9.92 -48.69
C THR F 677 -5.58 -11.26 -48.08
N ALA F 678 -6.77 -11.73 -48.41
CA ALA F 678 -7.31 -12.95 -47.82
C ALA F 678 -6.41 -14.14 -48.18
N PRO F 679 -6.25 -15.13 -47.28
CA PRO F 679 -5.34 -16.23 -47.61
C PRO F 679 -5.85 -17.16 -48.68
N GLY F 680 -5.67 -16.78 -49.93
CA GLY F 680 -5.94 -17.68 -51.03
C GLY F 680 -5.90 -16.94 -52.34
N ASN F 681 -5.91 -17.72 -53.42
CA ASN F 681 -6.02 -17.19 -54.77
C ASN F 681 -7.31 -17.74 -55.36
N PRO F 682 -8.27 -16.88 -55.75
CA PRO F 682 -9.39 -17.38 -56.54
C PRO F 682 -8.95 -18.03 -57.84
N HIS F 683 -7.99 -17.43 -58.52
CA HIS F 683 -7.41 -18.00 -59.71
C HIS F 683 -6.67 -19.30 -59.41
N ILE F 690 -10.15 -23.95 -50.84
CA ILE F 690 -9.68 -22.79 -51.58
C ILE F 690 -9.13 -21.73 -50.63
N THR F 691 -9.77 -21.59 -49.48
CA THR F 691 -9.34 -20.69 -48.39
C THR F 691 -9.58 -19.22 -48.73
N HIS F 692 -10.07 -18.91 -49.92
CA HIS F 692 -10.52 -17.57 -50.28
C HIS F 692 -12.03 -17.62 -50.36
N TYR F 693 -12.64 -16.46 -50.29
CA TYR F 693 -14.09 -16.29 -50.31
C TYR F 693 -14.77 -16.84 -49.05
N TYR F 694 -13.98 -17.26 -48.05
CA TYR F 694 -14.49 -17.64 -46.75
C TYR F 694 -13.96 -16.63 -45.75
N HIS F 695 -12.78 -16.11 -46.02
CA HIS F 695 -12.29 -14.93 -45.31
C HIS F 695 -12.92 -13.66 -45.87
N ARG F 696 -12.62 -13.35 -47.12
CA ARG F 696 -13.32 -12.27 -47.80
C ARG F 696 -14.74 -12.71 -48.08
N TYR F 697 -15.70 -11.88 -47.65
CA TYR F 697 -17.11 -12.20 -47.78
C TYR F 697 -17.40 -13.52 -47.09
N PRO F 698 -17.33 -13.57 -45.76
CA PRO F 698 -17.60 -14.81 -45.05
C PRO F 698 -19.08 -15.14 -45.03
N MET F 699 -19.44 -16.18 -44.28
CA MET F 699 -20.79 -16.71 -44.25
C MET F 699 -21.19 -17.19 -45.64
N SER F 700 -20.44 -18.18 -46.12
CA SER F 700 -20.65 -18.80 -47.41
C SER F 700 -19.55 -19.80 -47.69
N GLU G 1 39.93 -20.24 33.53
CA GLU G 1 40.21 -21.69 33.50
C GLU G 1 39.53 -22.39 34.67
N VAL G 2 38.44 -23.08 34.37
CA VAL G 2 37.78 -23.92 35.36
C VAL G 2 38.66 -25.12 35.65
N GLN G 3 38.82 -25.43 36.94
CA GLN G 3 39.71 -26.48 37.39
C GLN G 3 38.90 -27.68 37.87
N LEU G 4 39.32 -28.87 37.48
CA LEU G 4 38.61 -30.11 37.79
C LEU G 4 39.60 -31.24 37.90
N VAL G 5 39.51 -32.01 38.99
CA VAL G 5 40.49 -33.04 39.31
C VAL G 5 39.76 -34.31 39.73
N GLU G 6 39.84 -35.35 38.91
CA GLU G 6 39.28 -36.65 39.25
C GLU G 6 40.13 -37.35 40.29
N SER G 7 39.47 -38.16 41.12
CA SER G 7 40.13 -38.77 42.25
C SER G 7 39.33 -39.97 42.73
N GLY G 8 40.04 -40.97 43.22
CA GLY G 8 39.44 -42.10 43.91
C GLY G 8 39.32 -43.36 43.10
N ALA G 9 40.03 -43.48 41.99
CA ALA G 9 39.90 -44.62 41.10
C ALA G 9 40.98 -45.66 41.41
N GLY G 10 40.96 -46.74 40.64
CA GLY G 10 41.92 -47.81 40.78
C GLY G 10 41.27 -49.16 40.54
N LEU G 11 41.80 -50.15 41.25
CA LEU G 11 41.35 -51.53 41.12
C LEU G 11 40.24 -51.80 42.13
N VAL G 12 39.38 -52.76 41.79
CA VAL G 12 38.21 -53.09 42.60
C VAL G 12 38.03 -54.59 42.63
N GLN G 13 37.50 -55.08 43.73
CA GLN G 13 36.75 -56.32 43.74
C GLN G 13 35.44 -56.11 43.01
N PRO G 14 35.25 -56.64 41.81
CA PRO G 14 34.04 -56.31 41.03
C PRO G 14 32.77 -56.76 41.73
N GLY G 15 31.66 -56.19 41.27
CA GLY G 15 30.39 -56.45 41.92
C GLY G 15 30.36 -55.94 43.33
N GLY G 16 30.32 -54.63 43.51
CA GLY G 16 30.50 -54.07 44.81
C GLY G 16 30.29 -52.57 44.86
N SER G 17 31.15 -51.85 45.59
CA SER G 17 31.00 -50.41 45.83
C SER G 17 32.28 -49.67 45.48
N LEU G 18 32.15 -48.40 45.11
CA LEU G 18 33.29 -47.57 44.73
C LEU G 18 32.83 -46.12 44.68
N ARG G 19 33.80 -45.21 44.76
CA ARG G 19 33.53 -43.78 44.80
C ARG G 19 34.51 -43.04 43.90
N LEU G 20 34.00 -42.02 43.20
CA LEU G 20 34.85 -41.06 42.52
C LEU G 20 34.42 -39.64 42.89
N SER G 21 35.37 -38.71 42.78
CA SER G 21 35.18 -37.35 43.21
C SER G 21 35.87 -36.36 42.26
N CYS G 22 35.29 -35.17 42.14
CA CYS G 22 35.80 -34.10 41.30
C CYS G 22 35.86 -32.82 42.13
N ALA G 23 37.08 -32.42 42.51
CA ALA G 23 37.29 -31.25 43.38
C ALA G 23 37.42 -30.00 42.52
N ALA G 24 36.30 -29.32 42.35
CA ALA G 24 36.20 -28.25 41.37
C ALA G 24 36.70 -26.93 41.93
N SER G 25 37.01 -26.01 41.01
CA SER G 25 37.19 -24.61 41.34
C SER G 25 37.24 -23.82 40.04
N GLY G 26 36.49 -22.73 39.97
CA GLY G 26 36.51 -21.85 38.81
C GLY G 26 35.16 -21.35 38.34
N PHE G 27 34.13 -21.51 39.16
CA PHE G 27 32.79 -21.07 38.78
C PHE G 27 31.91 -21.05 40.01
N THR G 28 30.76 -20.41 39.87
CA THR G 28 29.76 -20.40 40.94
C THR G 28 29.24 -21.82 41.12
N PHE G 29 29.59 -22.44 42.24
CA PHE G 29 29.41 -23.88 42.38
C PHE G 29 27.97 -24.26 42.62
N SER G 30 27.31 -23.63 43.59
CA SER G 30 25.95 -23.99 43.96
C SER G 30 24.90 -23.50 42.96
N ASP G 31 25.30 -23.03 41.78
CA ASP G 31 24.37 -22.67 40.72
C ASP G 31 24.91 -23.23 39.41
N SER G 32 25.27 -24.52 39.42
CA SER G 32 26.04 -25.12 38.34
C SER G 32 25.52 -26.50 38.02
N TRP G 33 25.08 -26.67 36.79
CA TRP G 33 24.81 -28.01 36.28
C TRP G 33 26.12 -28.70 35.97
N MET G 34 26.30 -29.89 36.54
CA MET G 34 27.50 -30.67 36.40
C MET G 34 27.09 -32.07 36.00
N SER G 35 28.01 -32.78 35.37
CA SER G 35 27.68 -34.05 34.75
C SER G 35 28.91 -34.93 34.71
N TRP G 36 28.68 -36.16 34.30
CA TRP G 36 29.73 -37.14 34.11
C TRP G 36 29.60 -37.76 32.73
N VAL G 37 30.70 -38.30 32.25
CA VAL G 37 30.76 -39.02 30.99
C VAL G 37 31.77 -40.13 31.17
N ARG G 38 31.64 -41.21 30.39
CA ARG G 38 32.63 -42.27 30.44
C ARG G 38 32.97 -42.77 29.05
N GLN G 39 34.25 -43.09 28.88
CA GLN G 39 34.82 -43.49 27.60
C GLN G 39 35.34 -44.91 27.75
N SER G 40 34.97 -45.78 26.80
CA SER G 40 35.29 -47.18 26.88
C SER G 40 36.26 -47.59 25.77
N PRO G 41 37.00 -48.68 25.93
CA PRO G 41 37.73 -49.23 24.80
C PRO G 41 36.78 -49.79 23.76
N GLY G 42 36.97 -49.40 22.51
CA GLY G 42 36.16 -49.88 21.41
C GLY G 42 34.81 -49.22 21.31
N LYS G 43 34.42 -48.44 22.31
CA LYS G 43 33.13 -47.78 22.34
C LYS G 43 33.31 -46.35 22.81
N GLY G 44 32.52 -45.46 22.24
CA GLY G 44 32.76 -44.04 22.39
C GLY G 44 32.39 -43.52 23.76
N LEU G 45 31.75 -42.36 23.79
CA LEU G 45 31.42 -41.68 25.02
C LEU G 45 29.96 -41.89 25.35
N GLU G 46 29.70 -42.34 26.58
CA GLU G 46 28.36 -42.45 27.11
C GLU G 46 28.17 -41.40 28.19
N TRP G 47 27.08 -40.63 28.08
CA TRP G 47 26.64 -39.83 29.20
C TRP G 47 26.17 -40.74 30.31
N VAL G 48 26.54 -40.38 31.52
CA VAL G 48 26.15 -41.08 32.73
C VAL G 48 25.06 -40.33 33.48
N GLY G 49 25.32 -39.07 33.83
CA GLY G 49 24.43 -38.34 34.72
C GLY G 49 24.62 -36.85 34.66
N ARG G 50 23.58 -36.14 35.09
CA ARG G 50 23.61 -34.70 35.25
C ARG G 50 22.92 -34.34 36.56
N ILE G 51 23.59 -33.53 37.37
CA ILE G 51 23.02 -32.99 38.59
C ILE G 51 22.68 -31.53 38.38
N LYS G 52 21.63 -31.09 39.06
CA LYS G 52 21.06 -29.77 38.92
C LYS G 52 21.46 -28.93 40.12
N GLY G 53 21.07 -27.65 40.11
CA GLY G 53 21.49 -26.71 41.11
C GLY G 53 20.47 -26.52 42.24
N LYS G 54 20.94 -25.84 43.28
CA LYS G 54 20.07 -25.56 44.42
C LYS G 54 18.82 -24.78 44.06
N PRO G 55 18.78 -23.94 43.03
CA PRO G 55 17.49 -23.37 42.60
C PRO G 55 16.61 -24.32 41.83
N ASP G 56 16.93 -25.62 41.80
CA ASP G 56 16.05 -26.62 41.23
C ASP G 56 15.84 -27.82 42.15
N GLY G 57 16.75 -28.03 43.11
CA GLY G 57 16.55 -28.98 44.19
C GLY G 57 17.62 -30.03 44.29
N GLU G 58 18.77 -29.79 43.66
CA GLU G 58 19.84 -30.77 43.56
C GLU G 58 19.34 -32.08 42.98
N THR G 59 18.47 -31.99 41.97
CA THR G 59 18.00 -33.18 41.31
C THR G 59 19.08 -33.74 40.42
N ALA G 60 18.91 -35.01 40.06
CA ALA G 60 19.93 -35.76 39.35
C ALA G 60 19.23 -36.68 38.37
N ALA G 61 19.36 -36.39 37.09
CA ALA G 61 18.99 -37.33 36.06
C ALA G 61 20.17 -38.23 35.73
N TYR G 62 19.84 -39.45 35.32
CA TYR G 62 20.78 -40.54 35.14
C TYR G 62 20.67 -41.05 33.70
N ALA G 63 21.27 -42.20 33.46
CA ALA G 63 21.19 -42.87 32.18
C ALA G 63 20.42 -44.17 32.34
N ALA G 64 20.33 -44.96 31.27
CA ALA G 64 19.58 -46.22 31.33
C ALA G 64 20.28 -47.21 32.21
N SER G 65 21.54 -47.48 31.91
CA SER G 65 22.23 -48.63 32.45
C SER G 65 22.56 -48.51 33.92
N VAL G 66 22.18 -47.43 34.59
CA VAL G 66 22.74 -47.06 35.88
C VAL G 66 21.67 -46.64 36.88
N LYS G 67 20.40 -46.87 36.56
CA LYS G 67 19.36 -46.39 37.45
C LYS G 67 19.35 -47.20 38.72
N GLY G 68 19.40 -46.50 39.85
CA GLY G 68 19.43 -47.12 41.15
C GLY G 68 20.79 -47.57 41.60
N ARG G 69 21.73 -47.77 40.69
CA ARG G 69 23.08 -48.16 41.04
C ARG G 69 24.04 -46.98 41.17
N PHE G 70 24.10 -46.09 40.19
CA PHE G 70 24.89 -44.87 40.31
C PHE G 70 24.02 -43.77 40.87
N SER G 71 24.55 -43.04 41.85
CA SER G 71 23.83 -41.94 42.49
C SER G 71 24.80 -40.80 42.67
N ILE G 72 24.36 -39.59 42.32
CA ILE G 72 25.17 -38.39 42.52
C ILE G 72 24.68 -37.68 43.78
N SER G 73 25.62 -37.29 44.63
CA SER G 73 25.30 -36.55 45.86
C SER G 73 26.41 -35.53 46.07
N ARG G 74 26.20 -34.33 45.55
CA ARG G 74 27.11 -33.22 45.78
C ARG G 74 26.95 -32.67 47.19
N ASP G 75 27.68 -31.59 47.47
CA ASP G 75 27.49 -30.80 48.68
C ASP G 75 28.12 -29.45 48.47
N ASP G 76 27.49 -28.41 49.02
CA ASP G 76 27.97 -27.05 48.90
C ASP G 76 28.97 -26.67 49.99
N SER G 77 29.03 -27.42 51.08
CA SER G 77 29.99 -27.12 52.14
C SER G 77 31.41 -27.24 51.62
N LYS G 78 31.63 -28.08 50.62
CA LYS G 78 32.92 -28.24 49.96
C LYS G 78 32.64 -28.40 48.47
N ASN G 79 33.28 -27.58 47.65
CA ASN G 79 33.04 -27.68 46.22
C ASN G 79 33.63 -28.98 45.70
N THR G 80 32.78 -29.98 45.52
CA THR G 80 33.23 -31.33 45.19
C THR G 80 32.03 -32.10 44.67
N LEU G 81 32.23 -32.80 43.56
CA LEU G 81 31.17 -33.58 42.94
C LEU G 81 31.44 -35.05 43.13
N TYR G 82 30.54 -35.74 43.81
CA TYR G 82 30.70 -37.14 44.16
C TYR G 82 29.92 -38.03 43.20
N LEU G 83 30.38 -39.28 43.08
CA LEU G 83 29.64 -40.33 42.40
C LEU G 83 29.93 -41.63 43.12
N GLN G 84 28.90 -42.21 43.73
CA GLN G 84 29.01 -43.41 44.53
C GLN G 84 28.46 -44.56 43.68
N MET G 85 29.36 -45.23 42.97
CA MET G 85 28.98 -46.31 42.08
C MET G 85 28.81 -47.60 42.88
N ASN G 86 27.81 -48.40 42.50
CA ASN G 86 27.42 -49.59 43.23
C ASN G 86 27.11 -50.74 42.28
N SER G 87 27.40 -51.96 42.74
CA SER G 87 27.07 -53.19 42.02
C SER G 87 27.73 -53.19 40.64
N LEU G 88 29.05 -53.09 40.69
CA LEU G 88 29.86 -52.91 39.49
C LEU G 88 29.74 -54.10 38.55
N LYS G 89 29.55 -53.80 37.27
CA LYS G 89 29.51 -54.79 36.21
C LYS G 89 30.90 -54.91 35.60
N THR G 90 30.99 -55.55 34.43
CA THR G 90 32.23 -55.71 33.69
C THR G 90 32.35 -54.77 32.51
N GLU G 91 31.31 -54.04 32.18
CA GLU G 91 31.35 -53.01 31.15
C GLU G 91 31.30 -51.62 31.72
N ASP G 92 30.87 -51.47 32.97
CA ASP G 92 30.86 -50.20 33.65
C ASP G 92 32.23 -49.52 33.68
N THR G 93 33.30 -50.29 33.73
CA THR G 93 34.64 -49.71 33.73
C THR G 93 34.86 -48.85 32.50
N ALA G 94 35.42 -47.67 32.71
CA ALA G 94 35.66 -46.72 31.65
C ALA G 94 36.35 -45.50 32.24
N VAL G 95 36.98 -44.71 31.38
CA VAL G 95 37.64 -43.49 31.79
C VAL G 95 36.57 -42.43 32.00
N TYR G 96 36.41 -41.99 33.24
CA TYR G 96 35.36 -41.06 33.61
C TYR G 96 35.85 -39.62 33.49
N TYR G 97 34.93 -38.72 33.19
CA TYR G 97 35.21 -37.30 33.11
C TYR G 97 34.08 -36.54 33.78
N CYS G 98 34.43 -35.72 34.78
CA CYS G 98 33.53 -34.74 35.33
C CYS G 98 33.51 -33.50 34.46
N THR G 99 32.33 -32.93 34.27
CA THR G 99 32.10 -31.89 33.29
C THR G 99 31.13 -30.87 33.85
N ARG G 100 31.24 -29.65 33.35
CA ARG G 100 30.31 -28.58 33.63
C ARG G 100 29.44 -28.30 32.42
N ASP G 101 28.18 -27.97 32.67
CA ASP G 101 27.15 -27.89 31.67
C ASP G 101 26.56 -26.49 31.72
N ASP G 102 27.03 -25.63 30.84
CA ASP G 102 26.52 -24.28 30.80
C ASP G 102 25.23 -24.25 30.02
N ARG G 103 24.22 -23.62 30.58
CA ARG G 103 22.94 -23.54 29.90
C ARG G 103 22.99 -22.40 28.90
N THR G 104 22.58 -22.69 27.68
CA THR G 104 22.73 -21.76 26.57
C THR G 104 21.41 -21.31 25.95
N SER G 105 20.33 -22.03 26.16
CA SER G 105 19.02 -21.52 25.82
C SER G 105 17.99 -22.14 26.73
N CYS G 106 17.20 -21.29 27.36
CA CYS G 106 16.04 -21.68 28.14
C CYS G 106 14.79 -21.35 27.34
N ARG G 107 14.22 -22.37 26.69
CA ARG G 107 12.99 -22.23 25.89
C ARG G 107 11.84 -22.77 26.72
N ARG G 108 10.99 -21.85 27.19
CA ARG G 108 9.81 -22.18 27.98
C ARG G 108 10.21 -22.97 29.24
N GLY G 109 10.99 -22.30 30.07
CA GLY G 109 11.34 -22.81 31.37
C GLY G 109 12.43 -23.86 31.31
N VAL G 110 12.13 -25.00 30.73
CA VAL G 110 13.09 -26.09 30.65
C VAL G 110 14.28 -25.64 29.83
N CYS G 111 15.44 -25.69 30.45
CA CYS G 111 16.67 -25.22 29.83
C CYS G 111 17.41 -26.37 29.17
N TYR G 112 18.42 -25.99 28.41
CA TYR G 112 19.24 -26.91 27.66
C TYR G 112 20.69 -26.47 27.77
N ALA G 113 21.53 -27.41 28.18
CA ALA G 113 22.93 -27.15 28.50
C ALA G 113 23.79 -28.25 27.91
N ALA G 114 24.84 -27.84 27.22
CA ALA G 114 25.81 -28.74 26.64
C ALA G 114 26.82 -29.14 27.71
N PHE G 115 27.98 -29.65 27.28
CA PHE G 115 29.10 -29.98 28.16
C PHE G 115 30.21 -28.99 27.81
N HIS G 116 30.49 -28.04 28.70
CA HIS G 116 31.53 -27.04 28.43
C HIS G 116 32.91 -27.57 28.77
N SER G 117 33.12 -27.89 30.03
CA SER G 117 34.42 -28.15 30.58
C SER G 117 34.58 -29.63 30.85
N TRP G 118 35.78 -30.00 31.26
CA TRP G 118 36.16 -31.39 31.38
C TRP G 118 37.26 -31.49 32.41
N GLY G 119 37.38 -32.68 33.01
CA GLY G 119 38.50 -33.00 33.85
C GLY G 119 39.58 -33.75 33.08
N GLN G 120 40.69 -34.01 33.77
CA GLN G 120 41.79 -34.74 33.16
C GLN G 120 41.45 -36.19 32.93
N GLY G 121 40.56 -36.74 33.74
CA GLY G 121 40.15 -38.12 33.59
C GLY G 121 40.91 -39.07 34.48
N VAL G 122 40.27 -40.20 34.81
CA VAL G 122 40.85 -41.19 35.70
C VAL G 122 40.38 -42.56 35.25
N LEU G 123 41.20 -43.56 35.51
CA LEU G 123 40.95 -44.93 35.05
C LEU G 123 40.36 -45.76 36.18
N VAL G 124 39.25 -46.43 35.87
CA VAL G 124 38.61 -47.38 36.77
C VAL G 124 38.83 -48.77 36.21
N THR G 125 39.43 -49.64 37.01
CA THR G 125 39.85 -50.96 36.58
C THR G 125 38.99 -52.00 37.28
N VAL G 126 38.03 -52.55 36.56
CA VAL G 126 37.12 -53.56 37.09
C VAL G 126 37.54 -54.89 36.48
N SER G 127 38.21 -55.73 37.27
CA SER G 127 38.66 -57.03 36.81
C SER G 127 38.96 -57.88 38.03
N SER G 128 39.58 -59.04 37.81
CA SER G 128 39.94 -59.93 38.89
C SER G 128 41.04 -60.90 38.46
N ASP H 1 16.36 -42.52 23.52
CA ASP H 1 17.67 -42.72 22.86
C ASP H 1 17.58 -42.38 21.38
N ILE H 2 18.40 -41.42 20.96
CA ILE H 2 18.43 -40.93 19.59
C ILE H 2 19.71 -41.43 18.96
N GLN H 3 19.62 -42.56 18.28
CA GLN H 3 20.79 -43.18 17.66
C GLN H 3 21.28 -42.27 16.55
N MET H 4 22.48 -41.75 16.72
CA MET H 4 23.10 -40.87 15.74
C MET H 4 23.98 -41.67 14.79
N THR H 5 24.54 -40.97 13.83
CA THR H 5 25.59 -41.49 12.97
C THR H 5 26.57 -40.35 12.70
N GLN H 6 27.83 -40.62 13.02
CA GLN H 6 28.91 -39.64 12.88
C GLN H 6 29.67 -40.05 11.63
N SER H 7 29.20 -39.59 10.53
CA SER H 7 29.66 -39.91 9.22
C SER H 7 30.33 -38.71 8.59
N PRO H 8 31.43 -38.88 7.85
CA PRO H 8 32.18 -40.10 7.56
C PRO H 8 32.98 -40.55 8.77
N SER H 9 33.83 -41.54 8.55
CA SER H 9 34.72 -42.08 9.57
C SER H 9 36.18 -42.01 9.17
N SER H 10 36.47 -41.54 7.97
CA SER H 10 37.84 -41.43 7.50
C SER H 10 37.82 -40.41 6.37
N LEU H 11 38.20 -39.18 6.70
CA LEU H 11 38.18 -38.07 5.75
C LEU H 11 39.49 -37.31 5.85
N SER H 12 40.59 -38.05 5.74
CA SER H 12 41.91 -37.46 5.71
C SER H 12 42.05 -36.48 4.55
N ALA H 13 43.07 -35.63 4.65
CA ALA H 13 43.33 -34.61 3.65
C ALA H 13 44.74 -34.09 3.84
N SER H 14 45.07 -33.01 3.16
CA SER H 14 46.33 -32.31 3.27
C SER H 14 46.09 -30.86 3.68
N ALA H 15 47.18 -30.14 3.90
CA ALA H 15 47.12 -28.81 4.48
C ALA H 15 46.46 -27.82 3.53
N GLY H 16 45.94 -26.75 4.12
CA GLY H 16 45.35 -25.66 3.39
C GLY H 16 44.02 -25.95 2.73
N ASP H 17 43.53 -27.18 2.78
CA ASP H 17 42.34 -27.58 2.06
C ASP H 17 41.10 -27.25 2.90
N ARG H 18 39.94 -27.76 2.47
CA ARG H 18 38.68 -27.63 3.18
C ARG H 18 38.05 -28.99 3.35
N VAL H 19 37.43 -29.23 4.50
CA VAL H 19 36.83 -30.51 4.83
C VAL H 19 35.55 -30.24 5.62
N THR H 20 34.64 -31.22 5.62
CA THR H 20 33.34 -31.14 6.27
C THR H 20 33.07 -32.41 7.05
N LEU H 21 32.05 -32.36 7.91
CA LEU H 21 31.64 -33.53 8.68
C LEU H 21 30.16 -33.44 9.02
N THR H 22 29.52 -34.61 9.13
CA THR H 22 28.08 -34.74 9.31
C THR H 22 27.77 -35.54 10.57
N CYS H 23 26.73 -35.11 11.28
CA CYS H 23 26.18 -35.81 12.45
C CYS H 23 24.68 -35.70 12.29
N ARG H 24 24.10 -36.70 11.64
CA ARG H 24 22.70 -36.69 11.30
C ARG H 24 21.92 -37.37 12.39
N ALA H 25 20.67 -36.95 12.57
CA ALA H 25 19.85 -37.36 13.70
C ALA H 25 18.50 -37.86 13.23
N SER H 26 17.93 -38.77 14.03
CA SER H 26 16.60 -39.29 13.73
C SER H 26 15.55 -38.24 14.01
N GLN H 27 15.35 -37.93 15.28
CA GLN H 27 14.37 -36.95 15.67
C GLN H 27 14.85 -35.56 15.32
N ALA H 28 13.94 -34.60 15.34
CA ALA H 28 14.21 -33.23 14.95
C ALA H 28 14.68 -32.47 16.18
N ILE H 29 16.00 -32.35 16.30
CA ILE H 29 16.60 -31.51 17.31
C ILE H 29 16.86 -30.14 16.72
N SER H 30 16.36 -29.12 17.39
CA SER H 30 16.20 -27.81 16.77
C SER H 30 17.53 -27.20 16.35
N PHE H 31 18.34 -26.84 17.34
CA PHE H 31 19.71 -26.42 17.06
C PHE H 31 20.67 -26.92 18.11
N TYR H 32 20.24 -27.75 19.06
CA TYR H 32 21.03 -28.11 20.21
C TYR H 32 22.01 -29.23 19.88
N LEU H 33 22.87 -28.96 18.90
CA LEU H 33 23.99 -29.82 18.58
C LEU H 33 25.28 -29.15 19.02
N ALA H 34 26.20 -29.95 19.52
CA ALA H 34 27.51 -29.47 19.93
C ALA H 34 28.59 -30.32 19.28
N TRP H 35 29.38 -29.73 18.40
CA TRP H 35 30.53 -30.40 17.82
C TRP H 35 31.71 -30.24 18.74
N TYR H 36 32.29 -31.37 19.16
CA TYR H 36 33.42 -31.42 20.06
C TYR H 36 34.66 -31.95 19.33
N GLN H 37 35.74 -32.11 20.09
CA GLN H 37 37.03 -32.56 19.56
C GLN H 37 37.73 -33.33 20.66
N GLN H 38 38.52 -34.32 20.28
CA GLN H 38 39.29 -35.11 21.24
C GLN H 38 40.62 -35.50 20.62
N LYS H 39 41.62 -35.64 21.48
CA LYS H 39 43.01 -35.87 21.10
C LYS H 39 43.56 -37.09 21.83
N PRO H 40 44.79 -37.53 21.49
CA PRO H 40 45.35 -38.70 22.18
C PRO H 40 45.52 -38.52 23.68
N GLY H 41 44.80 -39.33 24.45
CA GLY H 41 45.00 -39.38 25.88
C GLY H 41 44.78 -38.08 26.61
N LYS H 42 44.09 -37.13 26.00
CA LYS H 42 43.72 -35.88 26.62
C LYS H 42 42.21 -35.79 26.65
N ALA H 43 41.72 -34.73 27.29
CA ALA H 43 40.30 -34.56 27.44
C ALA H 43 39.72 -33.92 26.20
N PRO H 44 38.40 -33.97 26.02
CA PRO H 44 37.81 -33.31 24.86
C PRO H 44 37.85 -31.81 24.98
N LYS H 45 37.22 -31.16 24.01
CA LYS H 45 37.17 -29.71 23.95
C LYS H 45 35.93 -29.27 23.19
N ARG H 46 35.15 -28.40 23.80
CA ARG H 46 33.99 -27.84 23.12
C ARG H 46 34.45 -26.94 22.00
N LEU H 47 34.07 -27.28 20.78
CA LEU H 47 34.38 -26.48 19.60
C LEU H 47 33.24 -25.56 19.21
N ILE H 48 32.10 -26.13 18.87
CA ILE H 48 30.94 -25.34 18.48
C ILE H 48 29.77 -25.82 19.29
N TYR H 49 29.01 -24.87 19.81
CA TYR H 49 27.76 -25.14 20.50
C TYR H 49 26.63 -24.37 19.83
N ASP H 50 25.44 -24.97 19.89
CA ASP H 50 24.25 -24.50 19.22
C ASP H 50 24.39 -24.42 17.71
N ALA H 51 25.38 -25.09 17.13
CA ALA H 51 25.54 -25.28 15.70
C ALA H 51 25.91 -24.03 14.92
N SER H 52 25.91 -22.88 15.57
CA SER H 52 26.16 -21.61 14.90
C SER H 52 26.98 -20.64 15.74
N GLU H 53 27.47 -21.07 16.90
CA GLU H 53 28.13 -20.21 17.86
C GLU H 53 29.43 -20.86 18.26
N LEU H 54 30.53 -20.28 17.83
CA LEU H 54 31.84 -20.84 18.06
C LEU H 54 32.28 -20.56 19.48
N GLN H 55 32.85 -21.56 20.12
CA GLN H 55 33.29 -21.44 21.50
C GLN H 55 34.43 -20.44 21.59
N GLY H 56 34.54 -19.81 22.76
CA GLY H 56 35.61 -18.87 23.00
C GLY H 56 36.91 -19.60 23.25
N GLY H 57 37.82 -19.53 22.30
CA GLY H 57 39.08 -20.23 22.35
C GLY H 57 39.37 -21.03 21.11
N VAL H 58 38.46 -21.06 20.14
CA VAL H 58 38.58 -21.94 18.99
C VAL H 58 38.92 -21.07 17.78
N PRO H 59 39.94 -21.40 17.00
CA PRO H 59 40.25 -20.60 15.82
C PRO H 59 39.15 -20.68 14.77
N SER H 60 38.99 -19.56 14.05
CA SER H 60 37.79 -19.28 13.25
C SER H 60 37.68 -20.11 12.00
N ARG H 61 38.64 -20.96 11.69
CA ARG H 61 38.59 -21.75 10.48
C ARG H 61 37.58 -22.89 10.59
N PHE H 62 37.15 -23.23 11.80
CA PHE H 62 35.97 -24.03 12.05
C PHE H 62 34.74 -23.15 11.93
N SER H 63 33.62 -23.74 11.51
CA SER H 63 32.38 -23.00 11.39
C SER H 63 31.21 -23.96 11.37
N GLY H 64 30.05 -23.49 11.81
CA GLY H 64 28.88 -24.32 11.99
C GLY H 64 27.71 -23.83 11.15
N SER H 65 26.86 -24.77 10.77
CA SER H 65 25.64 -24.46 10.03
C SER H 65 24.77 -25.70 10.00
N GLY H 66 23.51 -25.55 10.37
CA GLY H 66 22.56 -26.64 10.27
C GLY H 66 21.39 -26.47 11.22
N SER H 67 20.42 -27.37 11.09
CA SER H 67 19.26 -27.40 11.95
C SER H 67 18.59 -28.76 11.83
N GLY H 68 17.64 -28.99 12.73
CA GLY H 68 16.83 -30.19 12.69
C GLY H 68 17.63 -31.47 12.81
N THR H 69 17.72 -32.22 11.71
CA THR H 69 18.36 -33.51 11.68
C THR H 69 19.68 -33.51 10.93
N ASP H 70 20.02 -32.44 10.23
CA ASP H 70 21.18 -32.39 9.36
C ASP H 70 22.06 -31.24 9.80
N PHE H 71 23.37 -31.50 9.90
CA PHE H 71 24.32 -30.52 10.41
C PHE H 71 25.64 -30.66 9.67
N THR H 72 26.51 -29.67 9.87
CA THR H 72 27.80 -29.59 9.21
C THR H 72 28.87 -29.08 10.16
N LEU H 73 30.12 -29.19 9.72
CA LEU H 73 31.27 -28.67 10.46
C LEU H 73 32.36 -28.37 9.43
N SER H 74 32.41 -27.13 8.98
CA SER H 74 33.27 -26.76 7.87
C SER H 74 34.61 -26.23 8.39
N ILE H 75 35.68 -26.91 8.03
CA ILE H 75 37.04 -26.48 8.31
C ILE H 75 37.54 -25.74 7.10
N ASN H 76 37.64 -24.42 7.18
CA ASN H 76 38.14 -23.66 6.05
C ASN H 76 39.63 -23.85 5.83
N SER H 77 40.38 -24.37 6.81
CA SER H 77 41.84 -24.45 6.67
C SER H 77 42.36 -25.46 7.68
N LEU H 78 42.71 -26.65 7.19
CA LEU H 78 43.12 -27.76 8.04
C LEU H 78 44.64 -27.70 8.26
N GLN H 79 45.04 -26.90 9.24
CA GLN H 79 46.42 -26.89 9.70
C GLN H 79 46.70 -28.09 10.60
N PRO H 80 47.97 -28.50 10.76
CA PRO H 80 48.24 -29.85 11.27
C PRO H 80 48.09 -30.04 12.77
N GLU H 81 47.47 -29.08 13.45
CA GLU H 81 47.07 -29.24 14.83
C GLU H 81 45.69 -29.86 14.97
N ASP H 82 45.14 -30.41 13.89
CA ASP H 82 43.79 -30.93 13.85
C ASP H 82 43.75 -32.44 13.71
N SER H 83 44.81 -33.13 14.10
CA SER H 83 44.82 -34.59 14.12
C SER H 83 44.05 -35.02 15.34
N ALA H 84 42.81 -35.42 15.16
CA ALA H 84 41.93 -35.61 16.30
C ALA H 84 40.68 -36.36 15.88
N THR H 85 39.95 -36.83 16.88
CA THR H 85 38.66 -37.45 16.69
C THR H 85 37.59 -36.44 17.04
N TYR H 86 36.66 -36.23 16.11
CA TYR H 86 35.61 -35.25 16.28
C TYR H 86 34.29 -35.95 16.57
N PHE H 87 33.54 -35.40 17.53
CA PHE H 87 32.31 -35.96 18.04
C PHE H 87 31.18 -34.96 17.85
N CYS H 88 29.99 -35.35 18.31
CA CYS H 88 28.79 -34.56 18.19
C CYS H 88 27.84 -34.94 19.32
N LEU H 89 27.15 -33.94 19.87
CA LEU H 89 26.40 -34.07 21.11
C LEU H 89 25.00 -33.53 20.93
N GLN H 90 24.06 -34.17 21.62
CA GLN H 90 22.64 -33.93 21.56
C GLN H 90 22.11 -33.73 22.98
N TYR H 91 21.53 -32.57 23.25
CA TYR H 91 21.11 -32.20 24.61
C TYR H 91 19.73 -31.57 24.60
N ASP H 92 18.81 -32.15 23.82
CA ASP H 92 17.41 -31.75 23.82
C ASP H 92 16.53 -32.70 24.62
N SER H 93 16.86 -33.98 24.62
CA SER H 93 16.08 -34.99 25.28
C SER H 93 17.03 -36.06 25.78
N PRO H 94 16.98 -36.45 27.05
CA PRO H 94 17.82 -37.55 27.48
C PRO H 94 17.41 -38.84 26.79
N PRO H 95 18.32 -39.80 26.66
CA PRO H 95 19.73 -39.75 27.03
C PRO H 95 20.58 -38.91 26.10
N PHE H 96 21.59 -38.27 26.68
CA PHE H 96 22.50 -37.39 25.95
C PHE H 96 23.44 -38.25 25.14
N THR H 97 23.02 -38.51 23.92
CA THR H 97 23.70 -39.43 23.04
C THR H 97 24.71 -38.68 22.22
N PHE H 98 25.81 -39.36 21.90
CA PHE H 98 26.80 -38.86 20.98
C PHE H 98 26.84 -39.75 19.75
N GLY H 99 27.43 -39.20 18.70
CA GLY H 99 27.86 -39.97 17.59
C GLY H 99 29.06 -40.82 17.96
N PRO H 100 29.39 -41.83 17.15
CA PRO H 100 30.57 -42.63 17.48
C PRO H 100 31.87 -41.85 17.41
N GLY H 101 32.01 -40.99 16.42
CA GLY H 101 33.24 -40.25 16.19
C GLY H 101 33.76 -40.35 14.78
N THR H 102 34.57 -39.37 14.37
CA THR H 102 35.28 -39.39 13.09
C THR H 102 36.74 -39.07 13.34
N LYS H 103 37.63 -39.93 12.84
CA LYS H 103 39.04 -39.93 13.22
C LYS H 103 39.87 -39.21 12.16
N VAL H 104 39.81 -37.87 12.21
CA VAL H 104 40.50 -37.03 11.23
C VAL H 104 42.00 -37.15 11.44
N GLU H 105 42.68 -37.77 10.48
CA GLU H 105 44.11 -37.99 10.48
C GLU H 105 44.76 -37.36 9.26
N ILE H 106 46.09 -37.29 9.28
CA ILE H 106 46.87 -36.45 8.36
C ILE H 106 48.15 -37.18 8.02
N LYS H 107 48.61 -37.05 6.78
CA LYS H 107 50.00 -37.28 6.41
C LYS H 107 50.30 -36.59 5.09
#